data_4XRP
#
_entry.id   4XRP
#
_cell.length_a   111.160
_cell.length_b   179.201
_cell.length_c   114.333
_cell.angle_alpha   90.000
_cell.angle_beta   103.700
_cell.angle_gamma   90.000
#
_symmetry.space_group_name_H-M   'P 1 21 1'
#
loop_
_entity.id
_entity.type
_entity.pdbx_description
1 polymer Pnkp1
2 polymer Rnl
3 polymer Hen1
4 non-polymer 'PHOSPHATE ION'
5 non-polymer 'MAGNESIUM ION'
6 non-polymer 'SULFATE ION'
7 non-polymer GLYCEROL
8 water water
#
loop_
_entity_poly.entity_id
_entity_poly.type
_entity_poly.pdbx_seq_one_letter_code
_entity_poly.pdbx_strand_id
1 'polypeptide(L)'
;MSAKNNTHHFPKLLILVGAPGSGKSTFARYFIRTEDNWVRVNRDDFRLMQFGDSLMSPFYEERITKMVEASVIALLKNRT
NVIIDATNSSLRSLQDMVHTYTEYADISFKVFDLPVEELVKRCDKRCEQTGKFIPKSAIEKHVTQLQYTKEKFDFKPIPR
ALKETSLTYADQDTSLPKAVICDLDGTLSLLNGRDPYNASTADQDLLNTPVAMVLKMAKQQGYKVILLSGRENAYREPTE
RFLAKYQIDYDLLLMRDTNDYRKDNIIKKELFLEEIQGKYFVEFLLDDRNQVVDMWRRELALPCFQVNYGDF
;
A,D
2 'polypeptide(L)'
;MEDKTLIKKRIDWFCKNKINAFSPTISPAPKSVERNEIESLYEGILWFVLNGVKEIVIEKKYMGSYCDIYLHRRLEDTYL
VSRNGYKINHLDQEQCLRALQGLHDRFSWDGVELRIIQSELMPWSILGKGLINNEFSAYYISHEIHAEYLVQSSLYEKLQ
KIQQEPAYLSFVADAKVLSAKELKDKYPMHIIRQYQSIRDFKFLDLPHYQQNIQLFKRQLDIFGKEAAPFFKPFNILKEV
YTDGREHFVNDNLSFQQINDDDFLHYQFADREDFEAKYPQIRAWVDQVNQSDEEGVVIKPRTAFLPGMPPAFKVRNNDYL
TLVYGVDFQDRLQEQIAKRNIKGKLRCSINDWAINAKLLAIPYSELGEENYELKNLVLDRILGEEIENQLDSRL
;
B,E
3 'polypeptide(L)'
;MILQIHSQNPHLLDLLNKNPHTDLGIYAKSLRNGQLIGNAVSAYQYDVVFQDTRYSYLPEESNQIDFQSYCSPLVILHIC
NEFFKELLQEKQTYWSQQIKWLERTRAEVDTYPCTIEVKNLYANSTWYSKGHFMMERYFKNIHITPIVGNNLSLRVEGKS
VFEAMNLLSFIAVTTHITNTYGEYTYIDDHFAQKYARILTNIPQVPYFVFYLFIKRAIKSERQFAEIKPMFEAYFKEEGL
DIDFQFTDTHGSRMDFIVKELGMEYPILDIGCGELKYYRRFMRRNYNYSHPYFATDTDKSVGDYAALLKERMEADNLYFF
SDWTDYEYKNPVNIILTEVIEHNTPEAAEALVKHCLSLNFHKMIITTPNSLFNKYYFDEDPESLRHEDHHFEWTPQEFQD
FIRHCVGDTSLEVTYCGIGDRINGETPTQAVVITRK
;
C,F
#
# COMPACT_ATOMS: atom_id res chain seq x y z
N SER A 2 -37.66 -18.19 21.82
CA SER A 2 -37.82 -16.79 21.46
C SER A 2 -36.96 -16.39 20.25
N ALA A 3 -37.05 -15.13 19.89
CA ALA A 3 -36.23 -14.55 18.83
C ALA A 3 -35.45 -13.37 19.39
N LYS A 4 -36.01 -12.73 20.41
CA LYS A 4 -35.40 -11.57 21.03
C LYS A 4 -33.99 -11.90 21.51
N ASN A 5 -33.71 -13.19 21.74
CA ASN A 5 -32.48 -13.61 22.39
C ASN A 5 -31.68 -14.68 21.62
N ASN A 6 -31.59 -14.53 20.29
CA ASN A 6 -30.73 -15.39 19.49
C ASN A 6 -29.74 -14.54 18.73
N THR A 7 -29.76 -13.25 19.05
CA THR A 7 -29.08 -12.17 18.34
C THR A 7 -27.65 -12.44 17.82
N HIS A 8 -27.38 -11.94 16.62
CA HIS A 8 -26.10 -12.18 15.97
C HIS A 8 -25.31 -10.86 15.91
N HIS A 9 -23.97 -10.94 15.85
CA HIS A 9 -23.12 -9.74 15.72
C HIS A 9 -22.24 -9.79 14.48
N PHE A 10 -21.88 -8.60 13.98
CA PHE A 10 -21.29 -8.43 12.66
C PHE A 10 -20.06 -7.55 12.75
N PRO A 11 -19.12 -7.67 11.80
CA PRO A 11 -17.90 -6.83 11.81
C PRO A 11 -18.20 -5.33 11.78
N LYS A 12 -17.31 -4.52 12.37
CA LYS A 12 -17.48 -3.08 12.31
C LYS A 12 -16.66 -2.49 11.14
N LEU A 13 -17.24 -1.53 10.44
CA LEU A 13 -16.50 -0.70 9.50
C LEU A 13 -16.51 0.72 10.01
N LEU A 14 -15.32 1.29 10.22
CA LEU A 14 -15.20 2.66 10.67
C LEU A 14 -14.73 3.52 9.50
N ILE A 15 -15.52 4.53 9.15
CA ILE A 15 -15.15 5.39 8.03
C ILE A 15 -14.66 6.74 8.53
N LEU A 16 -13.46 7.10 8.08
CA LEU A 16 -12.81 8.31 8.57
C LEU A 16 -13.06 9.49 7.66
N VAL A 17 -13.93 10.41 8.09
CA VAL A 17 -14.37 11.51 7.24
C VAL A 17 -13.65 12.81 7.57
N GLY A 18 -12.92 13.34 6.59
CA GLY A 18 -12.13 14.51 6.86
C GLY A 18 -11.37 15.08 5.68
N ALA A 19 -10.96 16.34 5.86
CA ALA A 19 -10.11 17.01 4.90
C ALA A 19 -8.69 16.42 4.97
N PRO A 20 -7.92 16.52 3.88
CA PRO A 20 -6.48 16.17 3.95
C PRO A 20 -5.80 17.04 5.00
N GLY A 21 -5.18 16.43 6.00
CA GLY A 21 -4.49 17.19 7.03
C GLY A 21 -5.23 17.15 8.34
N SER A 22 -6.42 16.57 8.33
CA SER A 22 -7.28 16.64 9.50
C SER A 22 -6.96 15.55 10.49
N GLY A 23 -5.90 14.82 10.23
CA GLY A 23 -5.45 13.84 11.19
C GLY A 23 -6.22 12.53 11.11
N LYS A 24 -6.67 12.19 9.91
CA LYS A 24 -7.29 10.89 9.64
C LYS A 24 -6.29 9.76 9.85
N SER A 25 -5.17 9.82 9.15
CA SER A 25 -4.17 8.79 9.29
C SER A 25 -3.75 8.60 10.72
N THR A 26 -3.31 9.71 11.31
CA THR A 26 -2.73 9.72 12.66
C THR A 26 -3.62 9.09 13.68
N PHE A 27 -4.93 9.20 13.48
CA PHE A 27 -5.85 8.51 14.35
C PHE A 27 -5.80 7.01 14.08
N ALA A 28 -5.99 6.60 12.83
CA ALA A 28 -5.95 5.19 12.51
C ALA A 28 -4.68 4.50 13.06
N ARG A 29 -3.54 5.20 13.02
CA ARG A 29 -2.28 4.60 13.48
C ARG A 29 -2.37 4.22 14.98
N TYR A 30 -2.97 5.09 15.77
CA TYR A 30 -3.17 4.80 17.18
C TYR A 30 -4.34 3.86 17.37
N PHE A 31 -5.29 3.85 16.46
CA PHE A 31 -6.48 3.04 16.66
C PHE A 31 -6.17 1.57 16.49
N ILE A 32 -5.64 1.19 15.32
CA ILE A 32 -5.39 -0.23 15.01
C ILE A 32 -4.27 -0.85 15.87
N ARG A 33 -3.67 -0.05 16.74
CA ARG A 33 -2.65 -0.51 17.67
C ARG A 33 -3.21 -0.71 19.07
N THR A 34 -4.31 -0.02 19.36
CA THR A 34 -4.91 -0.06 20.69
C THR A 34 -6.25 -0.81 20.69
N GLU A 35 -7.00 -0.76 19.60
CA GLU A 35 -8.20 -1.60 19.49
C GLU A 35 -7.78 -2.93 18.87
N ASP A 36 -8.71 -3.87 18.72
CA ASP A 36 -8.25 -5.25 18.64
C ASP A 36 -8.36 -6.03 17.35
N ASN A 37 -9.52 -6.05 16.70
CA ASN A 37 -9.59 -6.86 15.49
C ASN A 37 -9.58 -6.01 14.22
N TRP A 38 -8.54 -5.23 14.00
CA TRP A 38 -8.66 -4.17 13.00
C TRP A 38 -7.61 -4.12 11.92
N VAL A 39 -8.06 -4.05 10.68
CA VAL A 39 -7.15 -3.81 9.57
C VAL A 39 -7.52 -2.53 8.82
N ARG A 40 -6.51 -1.76 8.41
CA ARG A 40 -6.72 -0.52 7.67
C ARG A 40 -6.65 -0.72 6.16
N VAL A 41 -7.56 -0.09 5.44
CA VAL A 41 -7.41 -0.04 3.99
C VAL A 41 -7.15 1.37 3.59
N ASN A 42 -6.20 1.57 2.68
CA ASN A 42 -5.87 2.92 2.30
C ASN A 42 -5.56 3.11 0.86
N ARG A 43 -6.32 4.00 0.24
CA ARG A 43 -6.24 4.18 -1.18
C ARG A 43 -4.85 4.63 -1.64
N ASP A 44 -4.24 5.63 -0.99
CA ASP A 44 -2.91 6.13 -1.43
C ASP A 44 -1.90 5.00 -1.58
N ASP A 45 -1.93 4.03 -0.65
CA ASP A 45 -0.99 2.93 -0.68
C ASP A 45 -1.11 2.05 -1.93
N PHE A 46 -2.36 1.80 -2.36
CA PHE A 46 -2.61 1.14 -3.65
C PHE A 46 -1.96 1.92 -4.81
N ARG A 47 -1.96 3.26 -4.73
CA ARG A 47 -1.25 4.11 -5.71
C ARG A 47 0.26 3.82 -5.70
N LEU A 48 0.83 3.77 -4.50
CA LEU A 48 2.25 3.52 -4.36
C LEU A 48 2.64 2.21 -4.99
N MET A 49 1.74 1.22 -4.94
CA MET A 49 2.03 -0.05 -5.58
C MET A 49 2.27 0.13 -7.06
N GLN A 50 1.62 1.16 -7.62
CA GLN A 50 1.72 1.45 -9.05
C GLN A 50 2.83 2.43 -9.34
N PHE A 51 3.59 2.77 -8.30
CA PHE A 51 4.73 3.69 -8.35
C PHE A 51 4.36 5.14 -8.70
N GLY A 52 3.09 5.50 -8.49
CA GLY A 52 2.61 6.86 -8.64
C GLY A 52 2.46 7.48 -7.29
N ASP A 53 2.79 8.76 -7.11
CA ASP A 53 2.75 9.27 -5.75
C ASP A 53 1.35 9.82 -5.46
N SER A 54 0.82 10.65 -6.34
CA SER A 54 -0.59 10.97 -6.14
C SER A 54 -1.38 11.03 -7.43
N LEU A 55 -2.72 11.06 -7.24
CA LEU A 55 -3.78 11.04 -8.25
C LEU A 55 -3.36 10.65 -9.64
N MET A 56 -3.78 9.47 -10.10
CA MET A 56 -3.28 8.97 -11.36
C MET A 56 -4.37 8.90 -12.42
N SER A 57 -3.99 8.41 -13.59
CA SER A 57 -4.86 8.08 -14.71
C SER A 57 -6.21 7.55 -14.27
N PRO A 58 -7.27 7.90 -15.00
CA PRO A 58 -8.62 7.36 -14.75
C PRO A 58 -8.64 5.84 -14.85
N PHE A 59 -7.70 5.32 -15.67
CA PHE A 59 -7.45 3.90 -15.81
C PHE A 59 -7.12 3.30 -14.47
N TYR A 60 -5.90 3.56 -14.00
CA TYR A 60 -5.44 3.09 -12.69
C TYR A 60 -6.47 3.34 -11.60
N GLU A 61 -7.01 4.56 -11.56
CA GLU A 61 -7.87 4.99 -10.46
C GLU A 61 -9.14 4.14 -10.37
N GLU A 62 -9.76 3.87 -11.51
CA GLU A 62 -10.95 3.02 -11.52
C GLU A 62 -10.62 1.63 -10.94
N ARG A 63 -9.50 1.07 -11.40
CA ARG A 63 -9.09 -0.29 -11.01
C ARG A 63 -8.76 -0.38 -9.52
N ILE A 64 -8.04 0.63 -9.05
CA ILE A 64 -7.70 0.73 -7.64
C ILE A 64 -8.97 0.59 -6.77
N THR A 65 -10.07 1.17 -7.22
CA THR A 65 -11.35 1.07 -6.51
C THR A 65 -11.81 -0.38 -6.40
N LYS A 66 -11.66 -1.12 -7.51
CA LYS A 66 -12.14 -2.50 -7.55
C LYS A 66 -11.31 -3.29 -6.56
N MET A 67 -10.03 -2.90 -6.45
CA MET A 67 -9.12 -3.45 -5.43
C MET A 67 -9.51 -3.11 -4.00
N VAL A 68 -9.72 -1.82 -3.74
CA VAL A 68 -10.15 -1.37 -2.42
C VAL A 68 -11.39 -2.12 -1.96
N GLU A 69 -12.40 -2.18 -2.83
CA GLU A 69 -13.66 -2.79 -2.46
C GLU A 69 -13.49 -4.28 -2.31
N ALA A 70 -12.71 -4.88 -3.20
CA ALA A 70 -12.40 -6.31 -3.10
C ALA A 70 -11.68 -6.64 -1.79
N SER A 71 -10.96 -5.66 -1.28
CA SER A 71 -10.17 -5.84 -0.07
C SER A 71 -11.00 -5.62 1.18
N VAL A 72 -11.74 -4.52 1.21
CA VAL A 72 -12.55 -4.23 2.37
C VAL A 72 -13.51 -5.38 2.61
N ILE A 73 -14.03 -5.95 1.54
CA ILE A 73 -15.08 -6.96 1.69
C ILE A 73 -14.47 -8.30 2.07
N ALA A 74 -13.38 -8.69 1.41
CA ALA A 74 -12.68 -9.91 1.76
C ALA A 74 -12.37 -9.95 3.27
N LEU A 75 -11.98 -8.78 3.79
CA LEU A 75 -11.66 -8.62 5.20
C LEU A 75 -12.91 -8.65 6.04
N LEU A 76 -13.95 -8.00 5.56
CA LEU A 76 -15.21 -7.93 6.31
C LEU A 76 -15.83 -9.31 6.41
N LYS A 77 -15.86 -10.04 5.28
CA LYS A 77 -16.41 -11.40 5.25
C LYS A 77 -15.74 -12.31 6.26
N ASN A 78 -14.43 -12.08 6.48
CA ASN A 78 -13.60 -12.88 7.40
C ASN A 78 -13.84 -12.53 8.86
N ARG A 79 -14.91 -11.80 9.12
CA ARG A 79 -15.26 -11.32 10.46
C ARG A 79 -14.14 -10.43 11.01
N THR A 80 -13.49 -9.68 10.13
CA THR A 80 -12.44 -8.73 10.54
C THR A 80 -12.88 -7.30 10.35
N ASN A 81 -12.61 -6.46 11.35
CA ASN A 81 -12.98 -5.06 11.28
C ASN A 81 -12.07 -4.27 10.35
N VAL A 82 -12.68 -3.37 9.60
CA VAL A 82 -11.90 -2.57 8.69
C VAL A 82 -12.01 -1.11 9.03
N ILE A 83 -10.88 -0.43 9.07
CA ILE A 83 -10.94 1.01 9.19
C ILE A 83 -10.48 1.53 7.84
N ILE A 84 -11.27 2.43 7.27
CA ILE A 84 -10.92 3.00 5.97
C ILE A 84 -11.20 4.48 5.91
N ASP A 85 -10.35 5.21 5.20
CA ASP A 85 -10.61 6.61 4.93
C ASP A 85 -11.73 6.75 3.92
N ALA A 86 -12.65 7.65 4.23
CA ALA A 86 -13.69 8.05 3.31
C ALA A 86 -13.06 8.53 2.02
N THR A 87 -13.74 8.33 0.90
CA THR A 87 -13.17 8.69 -0.40
C THR A 87 -13.15 10.21 -0.63
N ASN A 88 -14.08 10.91 0.03
CA ASN A 88 -14.22 12.35 -0.09
C ASN A 88 -15.08 12.84 1.10
N SER A 89 -15.93 13.84 0.90
CA SER A 89 -16.81 14.35 1.97
C SER A 89 -18.15 14.66 1.31
N SER A 90 -18.07 14.88 0.00
CA SER A 90 -19.20 14.96 -0.91
C SER A 90 -20.19 13.86 -0.66
N LEU A 91 -21.30 14.23 -0.05
CA LEU A 91 -22.39 13.32 0.30
C LEU A 91 -22.58 12.07 -0.57
N ARG A 92 -22.60 12.18 -1.89
CA ARG A 92 -23.00 11.00 -2.66
C ARG A 92 -21.90 9.94 -2.80
N SER A 93 -20.62 10.32 -2.87
CA SER A 93 -19.60 9.26 -2.86
C SER A 93 -19.62 8.63 -1.45
N LEU A 94 -19.81 9.47 -0.45
CA LEU A 94 -19.97 9.03 0.94
C LEU A 94 -21.18 8.12 1.09
N GLN A 95 -22.21 8.35 0.28
CA GLN A 95 -23.35 7.43 0.26
C GLN A 95 -22.95 6.15 -0.47
N ASP A 96 -22.26 6.31 -1.61
CA ASP A 96 -21.85 5.19 -2.41
C ASP A 96 -21.10 4.17 -1.56
N MET A 97 -20.27 4.67 -0.65
CA MET A 97 -19.57 3.81 0.29
C MET A 97 -20.57 3.01 1.12
N VAL A 98 -21.52 3.67 1.76
CA VAL A 98 -22.46 2.96 2.62
C VAL A 98 -23.28 1.92 1.83
N HIS A 99 -23.55 2.19 0.54
CA HIS A 99 -24.25 1.18 -0.27
C HIS A 99 -23.38 -0.06 -0.35
N THR A 100 -22.23 0.12 -0.99
CA THR A 100 -21.23 -0.92 -1.20
C THR A 100 -21.06 -1.85 0.00
N TYR A 101 -20.86 -1.27 1.19
CA TYR A 101 -20.40 -2.06 2.32
C TYR A 101 -21.48 -2.41 3.36
N THR A 102 -22.71 -1.94 3.19
CA THR A 102 -23.67 -2.08 4.30
C THR A 102 -24.32 -3.44 4.45
N GLU A 103 -24.26 -4.27 3.42
CA GLU A 103 -24.68 -5.67 3.55
C GLU A 103 -23.82 -6.37 4.60
N TYR A 104 -22.62 -5.83 4.77
CA TYR A 104 -21.52 -6.53 5.38
C TYR A 104 -21.11 -6.10 6.80
N ALA A 105 -21.51 -4.92 7.26
CA ALA A 105 -21.01 -4.48 8.57
C ALA A 105 -21.78 -3.36 9.29
N ASP A 106 -21.68 -3.32 10.61
CA ASP A 106 -22.17 -2.18 11.38
C ASP A 106 -21.24 -1.01 11.06
N ILE A 107 -21.73 -0.05 10.27
CA ILE A 107 -20.91 1.10 9.92
C ILE A 107 -20.90 2.16 11.03
N SER A 108 -19.76 2.79 11.22
CA SER A 108 -19.67 3.93 12.11
C SER A 108 -18.78 4.98 11.47
N PHE A 109 -18.88 6.21 11.96
CA PHE A 109 -18.12 7.31 11.39
C PHE A 109 -17.43 8.14 12.47
N LYS A 110 -16.22 8.58 12.17
CA LYS A 110 -15.55 9.61 12.95
C LYS A 110 -15.19 10.79 12.03
N VAL A 111 -15.72 11.98 12.32
CA VAL A 111 -15.40 13.15 11.52
C VAL A 111 -14.22 13.94 12.07
N PHE A 112 -13.38 14.38 11.15
CA PHE A 112 -12.23 15.19 11.52
C PHE A 112 -12.47 16.57 10.95
N ASP A 113 -13.13 17.37 11.78
CA ASP A 113 -13.61 18.69 11.44
C ASP A 113 -12.63 19.68 12.01
N LEU A 114 -11.64 20.04 11.21
CA LEU A 114 -10.71 21.05 11.65
C LEU A 114 -10.88 22.33 10.84
N PRO A 115 -10.71 23.48 11.51
CA PRO A 115 -10.83 24.85 10.98
C PRO A 115 -9.92 24.99 9.78
N VAL A 116 -10.19 25.92 8.88
CA VAL A 116 -9.51 25.90 7.60
C VAL A 116 -8.01 26.19 7.67
N GLU A 117 -7.59 27.07 8.57
CA GLU A 117 -6.19 27.42 8.59
C GLU A 117 -5.29 26.55 9.51
N GLU A 118 -5.85 25.81 10.47
CA GLU A 118 -5.02 24.80 11.11
C GLU A 118 -4.91 23.57 10.23
N LEU A 119 -5.67 23.55 9.14
CA LEU A 119 -5.60 22.47 8.17
C LEU A 119 -4.49 22.72 7.15
N VAL A 120 -4.24 23.99 6.84
CA VAL A 120 -3.11 24.33 6.01
C VAL A 120 -1.81 24.26 6.81
N LYS A 121 -1.87 24.63 8.09
CA LYS A 121 -0.66 24.73 8.93
C LYS A 121 -0.13 23.35 9.33
N ARG A 122 -0.88 22.29 9.05
CA ARG A 122 -0.30 20.95 9.11
C ARG A 122 -0.29 20.26 7.74
N CYS A 123 -0.91 20.87 6.74
CA CYS A 123 -0.66 20.48 5.35
C CYS A 123 0.65 21.08 4.82
N ASP A 124 1.00 22.27 5.29
CA ASP A 124 2.34 22.83 5.04
C ASP A 124 3.24 22.65 6.28
N LYS A 125 3.47 21.40 6.62
CA LYS A 125 4.41 20.94 7.64
C LYS A 125 4.37 19.48 7.35
N ARG A 126 3.22 19.09 6.79
CA ARG A 126 3.17 17.77 6.21
C ARG A 126 3.99 18.18 4.98
N CYS A 127 3.39 18.66 3.87
CA CYS A 127 4.07 18.82 2.53
C CYS A 127 5.53 19.36 2.59
N GLU A 128 6.24 19.07 3.69
CA GLU A 128 7.71 19.20 3.82
C GLU A 128 8.39 17.83 4.08
N GLN A 129 7.66 16.98 4.80
CA GLN A 129 7.78 15.51 5.04
C GLN A 129 8.09 14.38 4.00
N THR A 130 7.17 14.25 3.05
CA THR A 130 7.10 13.34 1.90
C THR A 130 7.23 14.30 0.69
N GLY A 131 6.92 13.82 -0.52
CA GLY A 131 6.87 14.70 -1.67
C GLY A 131 5.56 15.45 -1.92
N LYS A 132 4.43 14.79 -1.64
CA LYS A 132 3.07 15.30 -1.84
C LYS A 132 2.86 16.80 -1.59
N PHE A 133 1.78 17.31 -2.16
CA PHE A 133 1.32 18.66 -1.94
C PHE A 133 -0.17 18.85 -2.14
N ILE A 134 -0.75 19.65 -1.26
CA ILE A 134 -2.14 20.03 -1.39
C ILE A 134 -2.24 21.54 -1.20
N PRO A 135 -2.69 22.21 -2.28
CA PRO A 135 -2.81 23.66 -2.24
C PRO A 135 -3.94 24.08 -1.37
N LYS A 136 -4.01 25.38 -1.29
CA LYS A 136 -4.93 26.06 -0.46
C LYS A 136 -6.25 26.25 -1.23
N SER A 137 -6.28 25.67 -2.44
CA SER A 137 -7.48 25.48 -3.26
C SER A 137 -8.06 24.11 -2.92
N ALA A 138 -7.36 23.03 -3.30
CA ALA A 138 -7.90 21.68 -3.12
C ALA A 138 -8.25 21.31 -1.68
N ILE A 139 -7.70 22.04 -0.70
CA ILE A 139 -8.06 21.80 0.70
C ILE A 139 -9.42 22.38 0.97
N GLU A 140 -9.73 23.50 0.35
CA GLU A 140 -10.94 24.21 0.72
C GLU A 140 -12.17 23.73 -0.05
N LYS A 141 -12.00 23.26 -1.29
CA LYS A 141 -13.12 22.54 -1.91
C LYS A 141 -13.50 21.43 -0.94
N HIS A 142 -12.51 20.90 -0.20
CA HIS A 142 -12.74 19.81 0.74
C HIS A 142 -13.30 20.28 2.12
N VAL A 143 -12.74 21.34 2.70
CA VAL A 143 -13.20 21.78 4.04
C VAL A 143 -14.64 22.22 4.05
N THR A 144 -15.01 23.13 3.16
CA THR A 144 -16.39 23.58 3.04
C THR A 144 -17.30 22.47 2.51
N GLN A 145 -16.76 21.58 1.69
CA GLN A 145 -17.55 20.49 1.14
C GLN A 145 -18.11 19.63 2.24
N LEU A 146 -17.30 19.48 3.29
CA LEU A 146 -17.75 18.76 4.47
C LEU A 146 -18.82 19.55 5.22
N GLN A 147 -18.55 20.83 5.52
CA GLN A 147 -19.48 21.71 6.26
C GLN A 147 -20.88 21.74 5.64
N TYR A 148 -20.98 21.45 4.33
CA TYR A 148 -22.29 21.34 3.64
C TYR A 148 -22.93 19.96 3.77
N THR A 149 -22.15 18.92 3.53
CA THR A 149 -22.67 17.56 3.60
C THR A 149 -22.71 17.12 5.06
N LYS A 150 -22.04 17.89 5.91
CA LYS A 150 -22.05 17.70 7.36
C LYS A 150 -23.43 18.11 7.83
N GLU A 151 -23.98 19.09 7.12
CA GLU A 151 -25.24 19.71 7.51
C GLU A 151 -26.43 18.87 7.02
N LYS A 152 -26.29 18.18 5.90
CA LYS A 152 -27.43 17.41 5.43
C LYS A 152 -27.10 15.92 5.40
N PHE A 153 -26.67 15.44 6.56
CA PHE A 153 -26.49 14.02 6.94
C PHE A 153 -25.87 13.86 8.33
N ASP A 154 -26.50 13.10 9.22
CA ASP A 154 -25.93 12.85 10.55
C ASP A 154 -25.00 11.66 10.49
N PHE A 155 -23.77 11.84 10.96
CA PHE A 155 -22.81 10.75 10.97
C PHE A 155 -23.13 9.81 12.13
N LYS A 156 -24.36 9.32 12.10
CA LYS A 156 -24.88 8.33 13.02
C LYS A 156 -24.47 6.92 12.63
N PRO A 157 -24.23 6.06 13.64
CA PRO A 157 -23.95 4.65 13.36
C PRO A 157 -25.10 4.08 12.57
N ILE A 158 -24.84 3.25 11.56
CA ILE A 158 -25.92 2.69 10.76
C ILE A 158 -25.74 1.16 10.63
N PRO A 159 -26.36 0.42 11.56
CA PRO A 159 -26.23 -1.04 11.72
C PRO A 159 -26.46 -1.83 10.44
N ARG A 160 -25.86 -3.02 10.40
CA ARG A 160 -25.80 -3.83 9.21
C ARG A 160 -27.14 -4.01 8.55
N ALA A 161 -27.22 -3.60 7.29
CA ALA A 161 -28.44 -3.77 6.53
C ALA A 161 -28.34 -4.85 5.46
N LEU A 162 -29.10 -5.92 5.62
CA LEU A 162 -29.22 -6.91 4.55
C LEU A 162 -30.48 -6.49 3.91
N LYS A 163 -30.46 -6.05 2.66
CA LYS A 163 -31.75 -5.78 2.10
C LYS A 163 -32.00 -6.97 1.20
N GLU A 164 -33.17 -7.57 1.44
CA GLU A 164 -33.60 -8.76 0.74
C GLU A 164 -34.41 -8.30 -0.45
N THR A 165 -33.74 -8.14 -1.58
CA THR A 165 -34.47 -7.89 -2.79
C THR A 165 -35.48 -9.04 -2.81
N SER A 166 -36.75 -8.69 -2.65
CA SER A 166 -37.81 -9.67 -2.67
C SER A 166 -37.83 -10.31 -4.04
N LEU A 167 -37.88 -11.64 -4.05
CA LEU A 167 -37.81 -12.35 -5.30
C LEU A 167 -39.11 -12.16 -6.07
N THR A 168 -39.04 -11.33 -7.11
CA THR A 168 -40.18 -11.06 -7.97
C THR A 168 -39.88 -11.46 -9.41
N TYR A 169 -40.61 -12.46 -9.89
CA TYR A 169 -40.43 -12.98 -11.25
C TYR A 169 -41.15 -12.12 -12.29
N ALA A 170 -40.71 -12.21 -13.54
CA ALA A 170 -41.41 -11.55 -14.64
C ALA A 170 -42.83 -12.05 -14.79
N ASP A 171 -43.71 -11.20 -15.31
CA ASP A 171 -45.10 -11.57 -15.48
C ASP A 171 -45.35 -12.33 -16.80
N GLN A 172 -45.73 -13.60 -16.69
CA GLN A 172 -45.92 -14.46 -17.88
C GLN A 172 -47.36 -14.79 -18.21
N ASP A 173 -47.62 -14.94 -19.51
CA ASP A 173 -48.93 -15.34 -19.98
C ASP A 173 -49.21 -16.80 -19.65
N THR A 174 -49.94 -17.02 -18.57
CA THR A 174 -50.13 -18.38 -18.03
C THR A 174 -50.94 -19.34 -18.92
N SER A 175 -51.57 -18.80 -19.95
CA SER A 175 -52.36 -19.62 -20.87
C SER A 175 -51.44 -20.46 -21.78
N LEU A 176 -50.22 -19.98 -22.00
CA LEU A 176 -49.22 -20.68 -22.78
C LEU A 176 -48.85 -22.04 -22.16
N PRO A 177 -48.27 -22.95 -22.96
CA PRO A 177 -47.98 -24.29 -22.39
C PRO A 177 -46.87 -24.27 -21.35
N LYS A 178 -47.00 -25.14 -20.36
CA LYS A 178 -46.01 -25.20 -19.29
C LYS A 178 -44.75 -25.91 -19.79
N ALA A 179 -43.58 -25.40 -19.40
CA ALA A 179 -42.32 -25.98 -19.83
C ALA A 179 -41.16 -25.74 -18.86
N VAL A 180 -40.19 -26.67 -18.82
CA VAL A 180 -38.94 -26.40 -18.08
C VAL A 180 -37.78 -26.34 -19.09
N ILE A 181 -36.80 -25.50 -18.80
CA ILE A 181 -35.64 -25.29 -19.68
C ILE A 181 -34.35 -25.77 -19.00
N CYS A 182 -33.56 -26.58 -19.69
CA CYS A 182 -32.37 -27.14 -19.05
C CYS A 182 -31.05 -26.97 -19.88
N ASP A 183 -29.99 -26.48 -19.22
CA ASP A 183 -28.65 -26.37 -19.82
C ASP A 183 -28.08 -27.77 -20.05
N LEU A 184 -27.09 -27.88 -20.93
CA LEU A 184 -26.39 -29.15 -21.13
C LEU A 184 -25.06 -29.16 -20.36
N ASP A 185 -24.06 -28.48 -20.89
CA ASP A 185 -22.72 -28.48 -20.32
C ASP A 185 -22.68 -28.07 -18.84
N GLY A 186 -22.52 -29.08 -18.00
CA GLY A 186 -22.30 -28.91 -16.57
C GLY A 186 -23.57 -29.01 -15.76
N THR A 187 -24.68 -29.39 -16.40
CA THR A 187 -25.99 -29.39 -15.74
C THR A 187 -26.75 -30.70 -15.90
N LEU A 188 -27.15 -31.03 -17.14
CA LEU A 188 -27.76 -32.32 -17.45
C LEU A 188 -26.66 -33.22 -17.97
N SER A 189 -25.61 -32.61 -18.50
CA SER A 189 -24.47 -33.33 -19.05
C SER A 189 -23.20 -33.02 -18.28
N LEU A 190 -22.69 -34.00 -17.55
CA LEU A 190 -21.42 -33.78 -16.88
C LEU A 190 -20.29 -34.09 -17.85
N LEU A 191 -19.59 -33.05 -18.28
CA LEU A 191 -18.68 -33.19 -19.42
C LEU A 191 -17.46 -34.04 -19.05
N ASN A 192 -17.08 -34.05 -17.78
CA ASN A 192 -16.13 -35.05 -17.28
C ASN A 192 -14.78 -35.11 -18.03
N GLY A 193 -14.04 -34.01 -18.00
CA GLY A 193 -12.70 -34.00 -18.57
C GLY A 193 -12.66 -33.81 -20.08
N ARG A 194 -13.83 -33.69 -20.71
CA ARG A 194 -13.91 -33.28 -22.11
C ARG A 194 -13.44 -31.83 -22.27
N ASP A 195 -13.10 -31.41 -23.49
CA ASP A 195 -12.79 -30.01 -23.72
C ASP A 195 -14.14 -29.28 -23.66
N PRO A 196 -14.22 -28.20 -22.85
CA PRO A 196 -15.44 -27.38 -22.77
C PRO A 196 -15.93 -26.95 -24.13
N TYR A 197 -14.98 -26.53 -24.95
CA TYR A 197 -15.28 -25.94 -26.23
C TYR A 197 -15.27 -26.93 -27.38
N ASN A 198 -14.61 -28.08 -27.20
CA ASN A 198 -14.52 -29.07 -28.29
C ASN A 198 -15.49 -30.23 -28.04
N ALA A 199 -16.77 -29.93 -28.14
CA ALA A 199 -17.84 -30.85 -27.73
C ALA A 199 -18.11 -31.97 -28.72
N SER A 200 -17.09 -32.40 -29.44
CA SER A 200 -17.25 -33.37 -30.56
C SER A 200 -17.42 -34.79 -30.10
N THR A 201 -17.05 -35.02 -28.85
CA THR A 201 -17.05 -36.32 -28.18
C THR A 201 -18.05 -36.40 -27.02
N ALA A 202 -19.10 -35.60 -27.10
CA ALA A 202 -20.08 -35.45 -26.02
C ALA A 202 -21.06 -36.61 -25.87
N ASP A 203 -21.04 -37.56 -26.81
CA ASP A 203 -21.91 -38.74 -26.69
C ASP A 203 -21.41 -39.67 -25.59
N GLN A 204 -20.21 -39.39 -25.07
CA GLN A 204 -19.67 -40.17 -23.95
C GLN A 204 -19.45 -39.28 -22.71
N ASP A 205 -20.42 -38.42 -22.46
CA ASP A 205 -20.46 -37.67 -21.21
C ASP A 205 -21.27 -38.49 -20.21
N LEU A 206 -21.23 -38.08 -18.96
CA LEU A 206 -21.95 -38.74 -17.87
C LEU A 206 -23.24 -38.01 -17.58
N LEU A 207 -24.20 -38.72 -16.97
CA LEU A 207 -25.50 -38.13 -16.71
C LEU A 207 -25.61 -37.61 -15.28
N ASN A 208 -25.84 -36.30 -15.13
CA ASN A 208 -26.21 -35.76 -13.83
C ASN A 208 -27.57 -36.32 -13.52
N THR A 209 -27.52 -37.46 -12.85
CA THR A 209 -28.68 -38.27 -12.56
C THR A 209 -29.87 -37.49 -11.95
N PRO A 210 -29.62 -36.58 -10.97
CA PRO A 210 -30.73 -35.87 -10.34
C PRO A 210 -31.45 -34.89 -11.24
N VAL A 211 -30.71 -34.17 -12.07
CA VAL A 211 -31.33 -33.25 -13.02
C VAL A 211 -32.17 -34.05 -14.01
N ALA A 212 -31.65 -35.20 -14.41
CA ALA A 212 -32.35 -36.04 -15.36
C ALA A 212 -33.71 -36.46 -14.81
N MET A 213 -33.72 -36.70 -13.50
CA MET A 213 -34.92 -37.19 -12.81
C MET A 213 -35.87 -36.03 -12.54
N VAL A 214 -35.41 -34.80 -12.80
CA VAL A 214 -36.30 -33.65 -12.79
C VAL A 214 -36.99 -33.50 -14.14
N LEU A 215 -36.22 -33.65 -15.21
CA LEU A 215 -36.78 -33.62 -16.55
C LEU A 215 -37.63 -34.86 -16.75
N LYS A 216 -37.17 -35.98 -16.20
CA LYS A 216 -37.92 -37.22 -16.39
C LYS A 216 -39.20 -37.14 -15.56
N MET A 217 -39.25 -36.25 -14.57
CA MET A 217 -40.48 -36.13 -13.81
C MET A 217 -41.36 -35.05 -14.40
N ALA A 218 -40.76 -33.94 -14.84
CA ALA A 218 -41.54 -32.84 -15.39
C ALA A 218 -42.28 -33.26 -16.64
N LYS A 219 -41.73 -34.22 -17.40
CA LYS A 219 -42.43 -34.58 -18.63
C LYS A 219 -43.60 -35.50 -18.29
N GLN A 220 -43.56 -36.09 -17.09
CA GLN A 220 -44.76 -36.72 -16.53
C GLN A 220 -45.69 -35.65 -15.95
N GLN A 221 -46.07 -34.71 -16.80
CA GLN A 221 -47.07 -33.68 -16.57
C GLN A 221 -47.07 -32.83 -17.84
N GLY A 222 -47.86 -31.77 -17.87
CA GLY A 222 -48.01 -30.97 -19.08
C GLY A 222 -46.69 -30.38 -19.59
N TYR A 223 -45.64 -30.54 -18.81
CA TYR A 223 -44.40 -29.84 -19.08
C TYR A 223 -43.73 -30.35 -20.34
N LYS A 224 -43.42 -29.39 -21.19
CA LYS A 224 -42.58 -29.63 -22.33
C LYS A 224 -41.15 -29.49 -21.79
N VAL A 225 -40.25 -30.38 -22.17
CA VAL A 225 -38.89 -30.29 -21.65
C VAL A 225 -37.99 -29.68 -22.72
N ILE A 226 -37.63 -28.41 -22.55
CA ILE A 226 -36.79 -27.70 -23.52
C ILE A 226 -35.31 -27.63 -23.14
N LEU A 227 -34.45 -28.23 -23.95
CA LEU A 227 -33.02 -28.11 -23.73
C LEU A 227 -32.39 -26.98 -24.55
N LEU A 228 -31.63 -26.13 -23.88
CA LEU A 228 -31.01 -24.94 -24.47
C LEU A 228 -29.52 -24.93 -24.21
N SER A 229 -28.70 -25.47 -25.12
CA SER A 229 -27.28 -25.56 -24.82
C SER A 229 -26.47 -24.53 -25.54
N GLY A 230 -25.42 -24.04 -24.88
CA GLY A 230 -24.48 -23.13 -25.51
C GLY A 230 -23.43 -23.82 -26.37
N ARG A 231 -23.58 -25.13 -26.54
CA ARG A 231 -22.77 -25.91 -27.49
C ARG A 231 -23.10 -25.55 -28.93
N GLU A 232 -22.08 -25.43 -29.77
CA GLU A 232 -22.28 -25.25 -31.20
C GLU A 232 -23.19 -26.30 -31.84
N ASN A 233 -24.06 -25.84 -32.74
CA ASN A 233 -24.97 -26.72 -33.49
C ASN A 233 -24.22 -27.71 -34.35
N ALA A 234 -22.94 -27.42 -34.57
CA ALA A 234 -22.06 -28.33 -35.30
C ALA A 234 -22.08 -29.62 -34.57
N TYR A 235 -21.93 -29.55 -33.26
CA TYR A 235 -21.91 -30.76 -32.48
C TYR A 235 -23.30 -31.23 -32.07
N ARG A 236 -24.28 -31.14 -32.95
CA ARG A 236 -25.62 -31.56 -32.56
C ARG A 236 -25.84 -33.08 -32.54
N GLU A 237 -25.04 -33.84 -33.28
CA GLU A 237 -25.23 -35.30 -33.28
C GLU A 237 -24.37 -36.13 -32.33
N PRO A 238 -23.34 -35.55 -31.72
CA PRO A 238 -23.02 -36.35 -30.55
C PRO A 238 -23.97 -36.03 -29.41
N THR A 239 -24.75 -34.97 -29.59
CA THR A 239 -25.55 -34.46 -28.51
C THR A 239 -26.89 -35.19 -28.39
N GLU A 240 -27.61 -35.38 -29.49
CA GLU A 240 -28.88 -36.08 -29.34
C GLU A 240 -28.61 -37.57 -29.41
N ARG A 241 -27.34 -37.93 -29.46
CA ARG A 241 -26.89 -39.29 -29.23
C ARG A 241 -26.87 -39.57 -27.74
N PHE A 242 -26.24 -38.68 -26.99
CA PHE A 242 -26.28 -38.67 -25.53
C PHE A 242 -27.70 -38.67 -24.97
N LEU A 243 -28.54 -37.79 -25.49
CA LEU A 243 -29.91 -37.65 -24.98
C LEU A 243 -30.77 -38.94 -25.12
N ALA A 244 -30.82 -39.51 -26.32
CA ALA A 244 -31.57 -40.73 -26.57
C ALA A 244 -31.04 -41.88 -25.74
N LYS A 245 -29.71 -41.92 -25.63
CA LYS A 245 -29.00 -42.92 -24.82
C LYS A 245 -29.58 -43.04 -23.41
N TYR A 246 -30.10 -41.93 -22.87
CA TYR A 246 -30.58 -41.90 -21.49
C TYR A 246 -32.08 -41.68 -21.44
N GLN A 247 -32.73 -41.88 -22.58
CA GLN A 247 -34.18 -41.79 -22.71
C GLN A 247 -34.65 -40.44 -22.18
N ILE A 248 -33.80 -39.44 -22.36
CA ILE A 248 -34.14 -38.09 -21.96
C ILE A 248 -34.90 -37.50 -23.10
N ASP A 249 -36.16 -37.87 -23.22
CA ASP A 249 -36.90 -37.31 -24.33
C ASP A 249 -37.31 -35.90 -23.94
N TYR A 250 -37.41 -35.10 -24.98
CA TYR A 250 -37.53 -33.67 -24.88
C TYR A 250 -38.29 -33.17 -26.10
N ASP A 251 -38.89 -32.00 -25.96
CA ASP A 251 -39.76 -31.47 -26.99
C ASP A 251 -38.98 -30.59 -27.95
N LEU A 252 -37.84 -30.06 -27.51
CA LEU A 252 -37.14 -29.02 -28.26
C LEU A 252 -35.68 -28.81 -27.80
N LEU A 253 -34.75 -29.06 -28.72
CA LEU A 253 -33.31 -28.88 -28.47
C LEU A 253 -32.81 -27.64 -29.19
N LEU A 254 -32.40 -26.63 -28.44
CA LEU A 254 -31.87 -25.40 -29.01
C LEU A 254 -30.38 -25.28 -28.78
N MET A 255 -29.67 -24.92 -29.85
CA MET A 255 -28.22 -24.91 -29.81
C MET A 255 -27.63 -23.65 -30.42
N ARG A 256 -26.38 -23.39 -30.06
CA ARG A 256 -25.60 -22.24 -30.52
C ARG A 256 -25.22 -22.36 -31.99
N ASP A 257 -25.53 -21.34 -32.79
CA ASP A 257 -25.06 -21.24 -34.17
C ASP A 257 -23.59 -21.62 -34.30
N THR A 258 -23.24 -22.50 -35.24
CA THR A 258 -21.84 -22.83 -35.41
C THR A 258 -21.08 -21.59 -35.81
N ASN A 259 -19.86 -21.46 -35.30
CA ASN A 259 -18.98 -20.30 -35.51
C ASN A 259 -19.45 -18.98 -34.87
N ASP A 260 -20.37 -19.02 -33.90
CA ASP A 260 -20.83 -17.79 -33.23
C ASP A 260 -19.78 -17.23 -32.28
N TYR A 261 -19.52 -17.94 -31.19
CA TYR A 261 -18.37 -17.66 -30.28
C TYR A 261 -18.54 -16.51 -29.29
N ARG A 262 -19.68 -15.81 -29.32
CA ARG A 262 -20.01 -14.81 -28.29
C ARG A 262 -20.15 -15.45 -26.88
N LYS A 263 -20.15 -14.61 -25.84
CA LYS A 263 -20.29 -15.15 -24.47
C LYS A 263 -21.59 -15.95 -24.37
N ASP A 264 -21.56 -17.07 -23.66
CA ASP A 264 -22.62 -18.05 -23.85
C ASP A 264 -23.93 -17.60 -23.16
N ASN A 265 -23.87 -16.59 -22.31
CA ASN A 265 -25.12 -16.03 -21.79
C ASN A 265 -25.88 -15.31 -22.91
N ILE A 266 -25.21 -14.41 -23.63
CA ILE A 266 -25.95 -13.52 -24.51
C ILE A 266 -26.48 -14.30 -25.71
N ILE A 267 -25.86 -15.43 -26.08
CA ILE A 267 -26.44 -16.23 -27.16
C ILE A 267 -27.61 -17.05 -26.62
N LYS A 268 -27.59 -17.35 -25.33
CA LYS A 268 -28.69 -18.11 -24.75
C LYS A 268 -29.90 -17.19 -24.59
N LYS A 269 -29.67 -15.94 -24.15
CA LYS A 269 -30.72 -14.94 -24.01
C LYS A 269 -31.34 -14.66 -25.36
N GLU A 270 -30.49 -14.55 -26.37
CA GLU A 270 -30.97 -14.32 -27.71
C GLU A 270 -31.77 -15.58 -28.12
N LEU A 271 -31.21 -16.75 -27.84
CA LEU A 271 -31.88 -18.03 -28.06
C LEU A 271 -33.27 -18.14 -27.39
N PHE A 272 -33.33 -17.68 -26.14
CA PHE A 272 -34.56 -17.71 -25.35
C PHE A 272 -35.67 -16.87 -25.96
N LEU A 273 -35.33 -15.66 -26.39
CA LEU A 273 -36.34 -14.75 -26.90
C LEU A 273 -36.82 -15.11 -28.30
N GLU A 274 -35.92 -15.59 -29.16
CA GLU A 274 -36.34 -15.96 -30.52
C GLU A 274 -37.11 -17.26 -30.55
N GLU A 275 -36.86 -18.14 -29.59
CA GLU A 275 -37.37 -19.50 -29.71
C GLU A 275 -38.30 -20.01 -28.61
N ILE A 276 -38.36 -19.30 -27.48
CA ILE A 276 -39.12 -19.78 -26.33
C ILE A 276 -40.16 -18.75 -25.88
N GLN A 277 -39.76 -17.49 -25.70
CA GLN A 277 -40.68 -16.47 -25.18
C GLN A 277 -41.89 -16.25 -26.10
N GLY A 278 -43.03 -15.94 -25.49
CA GLY A 278 -44.28 -15.77 -26.22
C GLY A 278 -44.91 -17.08 -26.66
N LYS A 279 -44.14 -18.16 -26.63
CA LYS A 279 -44.60 -19.46 -27.12
C LYS A 279 -44.67 -20.50 -26.00
N TYR A 280 -44.14 -20.17 -24.82
CA TYR A 280 -44.18 -21.09 -23.69
C TYR A 280 -44.49 -20.39 -22.36
N PHE A 281 -44.74 -21.18 -21.33
CA PHE A 281 -44.78 -20.73 -19.94
C PHE A 281 -43.64 -21.48 -19.24
N VAL A 282 -42.60 -20.76 -18.86
CA VAL A 282 -41.45 -21.35 -18.17
C VAL A 282 -41.70 -21.47 -16.69
N GLU A 283 -41.79 -22.70 -16.17
CA GLU A 283 -42.00 -22.89 -14.72
C GLU A 283 -40.77 -22.50 -13.94
N PHE A 284 -39.63 -23.03 -14.38
CA PHE A 284 -38.31 -22.77 -13.81
C PHE A 284 -37.23 -23.19 -14.81
N LEU A 285 -35.99 -22.76 -14.61
CA LEU A 285 -34.88 -23.24 -15.42
C LEU A 285 -33.78 -23.88 -14.57
N LEU A 286 -33.07 -24.82 -15.17
CA LEU A 286 -31.94 -25.52 -14.54
C LEU A 286 -30.64 -25.24 -15.27
N ASP A 287 -29.78 -24.38 -14.73
CA ASP A 287 -28.49 -24.14 -15.39
C ASP A 287 -27.36 -24.31 -14.38
N ASP A 288 -26.14 -24.02 -14.78
CA ASP A 288 -24.99 -24.36 -13.92
C ASP A 288 -24.01 -23.19 -13.78
N ARG A 289 -23.77 -22.51 -14.89
CA ARG A 289 -22.73 -21.50 -14.96
C ARG A 289 -23.18 -20.18 -14.38
N ASN A 290 -22.36 -19.62 -13.50
CA ASN A 290 -22.68 -18.33 -12.90
C ASN A 290 -23.18 -17.25 -13.84
N GLN A 291 -22.34 -16.88 -14.81
CA GLN A 291 -22.70 -15.89 -15.81
C GLN A 291 -24.11 -16.12 -16.36
N VAL A 292 -24.41 -17.38 -16.63
CA VAL A 292 -25.66 -17.66 -17.29
C VAL A 292 -26.81 -17.63 -16.31
N VAL A 293 -26.61 -18.11 -15.08
CA VAL A 293 -27.72 -18.06 -14.13
C VAL A 293 -28.00 -16.59 -13.80
N ASP A 294 -26.95 -15.77 -13.63
CA ASP A 294 -27.13 -14.32 -13.41
C ASP A 294 -28.00 -13.71 -14.53
N MET A 295 -27.67 -14.03 -15.78
CA MET A 295 -28.50 -13.61 -16.92
C MET A 295 -29.97 -13.95 -16.66
N TRP A 296 -30.29 -15.25 -16.57
CA TRP A 296 -31.67 -15.69 -16.39
C TRP A 296 -32.41 -14.96 -15.27
N ARG A 297 -31.80 -14.98 -14.09
CA ARG A 297 -32.42 -14.43 -12.88
C ARG A 297 -32.52 -12.90 -12.99
N ARG A 298 -31.40 -12.24 -13.29
CA ARG A 298 -31.28 -10.79 -13.20
C ARG A 298 -31.81 -10.04 -14.44
N GLU A 299 -31.46 -10.50 -15.65
CA GLU A 299 -31.91 -9.82 -16.86
C GLU A 299 -33.34 -10.21 -17.23
N LEU A 300 -33.67 -11.50 -17.19
CA LEU A 300 -35.01 -11.94 -17.57
C LEU A 300 -36.02 -12.26 -16.44
N ALA A 301 -35.60 -12.18 -15.17
CA ALA A 301 -36.48 -12.43 -14.02
C ALA A 301 -37.23 -13.77 -14.11
N LEU A 302 -36.49 -14.83 -14.35
CA LEU A 302 -37.10 -16.15 -14.36
C LEU A 302 -36.58 -16.94 -13.18
N PRO A 303 -37.34 -17.95 -12.76
CA PRO A 303 -36.83 -18.88 -11.76
C PRO A 303 -35.72 -19.70 -12.35
N CYS A 304 -34.54 -19.63 -11.78
CA CYS A 304 -33.45 -20.47 -12.26
C CYS A 304 -32.79 -21.20 -11.12
N PHE A 305 -32.85 -22.53 -11.16
CA PHE A 305 -32.24 -23.33 -10.11
C PHE A 305 -30.82 -23.71 -10.53
N GLN A 306 -29.85 -23.21 -9.77
CA GLN A 306 -28.45 -23.54 -9.96
C GLN A 306 -28.08 -24.94 -9.45
N VAL A 307 -27.56 -25.79 -10.34
CA VAL A 307 -27.34 -27.19 -9.96
C VAL A 307 -26.02 -27.51 -9.25
N ASN A 308 -24.94 -26.90 -9.70
CA ASN A 308 -23.64 -27.10 -9.10
C ASN A 308 -22.90 -25.76 -9.13
N TYR A 309 -21.60 -25.73 -8.82
CA TYR A 309 -20.90 -24.45 -8.78
C TYR A 309 -20.52 -23.93 -10.14
N GLY A 310 -20.88 -22.67 -10.40
CA GLY A 310 -20.41 -21.96 -11.59
C GLY A 310 -19.07 -21.30 -11.33
N ASP A 311 -19.01 -20.01 -11.59
CA ASP A 311 -17.79 -19.22 -11.51
C ASP A 311 -16.74 -19.71 -12.51
N PHE A 312 -17.18 -19.81 -13.75
CA PHE A 312 -16.29 -19.89 -14.87
C PHE A 312 -17.04 -19.38 -16.11
N MET B 1 3.44 -3.89 30.73
CA MET B 1 2.51 -3.05 29.98
C MET B 1 2.35 -3.52 28.54
N GLU B 2 1.44 -4.48 28.31
CA GLU B 2 1.05 -4.84 26.96
C GLU B 2 -0.45 -5.13 26.78
N ASP B 3 -1.22 -5.16 27.88
CA ASP B 3 -2.68 -5.27 27.72
C ASP B 3 -3.22 -3.98 27.13
N LYS B 4 -3.96 -4.09 26.03
CA LYS B 4 -4.40 -2.91 25.32
C LYS B 4 -5.23 -1.94 26.18
N THR B 5 -6.22 -2.41 26.93
CA THR B 5 -7.12 -1.51 27.67
C THR B 5 -6.50 -0.72 28.84
N LEU B 6 -5.45 -1.24 29.44
CA LEU B 6 -4.72 -0.55 30.52
C LEU B 6 -3.83 0.55 29.97
N ILE B 7 -3.24 0.26 28.83
CA ILE B 7 -2.45 1.24 28.11
C ILE B 7 -3.34 2.36 27.63
N LYS B 8 -4.49 1.95 27.08
CA LYS B 8 -5.46 2.87 26.54
C LYS B 8 -5.83 3.86 27.64
N LYS B 9 -6.08 3.32 28.84
CA LYS B 9 -6.42 4.12 30.00
C LYS B 9 -5.22 4.94 30.49
N ARG B 10 -4.02 4.37 30.43
CA ARG B 10 -2.85 5.12 30.87
C ARG B 10 -2.62 6.34 30.06
N ILE B 11 -2.77 6.19 28.76
CA ILE B 11 -2.51 7.24 27.81
C ILE B 11 -3.58 8.33 27.94
N ASP B 12 -4.83 7.92 28.11
CA ASP B 12 -5.92 8.85 28.34
C ASP B 12 -5.59 9.87 29.45
N TRP B 13 -5.08 9.37 30.57
CA TRP B 13 -4.75 10.23 31.71
C TRP B 13 -3.56 11.15 31.46
N PHE B 14 -2.57 10.64 30.71
CA PHE B 14 -1.38 11.39 30.33
C PHE B 14 -1.79 12.61 29.55
N CYS B 15 -2.87 12.45 28.79
CA CYS B 15 -3.42 13.51 27.96
C CYS B 15 -4.24 14.46 28.81
N LYS B 16 -5.12 13.92 29.63
CA LYS B 16 -5.97 14.73 30.49
C LYS B 16 -5.11 15.64 31.40
N ASN B 17 -4.08 15.05 32.00
CA ASN B 17 -3.21 15.77 32.94
C ASN B 17 -2.27 16.78 32.30
N LYS B 18 -2.30 16.88 30.97
CA LYS B 18 -1.43 17.79 30.24
C LYS B 18 0.03 17.52 30.56
N ILE B 19 0.47 16.30 30.28
CA ILE B 19 1.90 16.01 30.35
C ILE B 19 2.49 16.12 28.95
N ASN B 20 3.69 16.67 28.85
CA ASN B 20 4.18 17.14 27.57
C ASN B 20 5.61 16.67 27.33
N ALA B 21 6.08 15.77 28.19
CA ALA B 21 7.41 15.16 28.11
C ALA B 21 7.38 13.84 28.84
N PHE B 22 8.51 13.13 28.87
CA PHE B 22 8.57 11.78 29.42
C PHE B 22 10.03 11.36 29.50
N SER B 23 10.56 11.17 30.69
CA SER B 23 12.01 10.96 30.80
C SER B 23 12.45 9.71 30.03
N PRO B 24 13.74 9.63 29.68
CA PRO B 24 14.38 8.46 29.11
C PRO B 24 15.07 7.58 30.14
N THR B 25 15.44 6.34 29.81
CA THR B 25 16.44 5.66 30.65
C THR B 25 17.79 6.15 30.23
N ILE B 26 18.73 6.03 31.15
CA ILE B 26 20.05 6.58 30.94
C ILE B 26 20.99 5.41 31.03
N SER B 27 21.87 5.25 30.06
CA SER B 27 22.81 4.15 30.07
C SER B 27 24.04 4.43 30.91
N PRO B 28 24.64 3.40 31.46
CA PRO B 28 25.98 3.65 32.00
C PRO B 28 26.91 4.00 30.85
N ALA B 29 28.02 4.65 31.14
CA ALA B 29 29.06 4.81 30.15
C ALA B 29 29.65 3.44 29.83
N PRO B 30 30.25 3.30 28.64
CA PRO B 30 30.97 2.07 28.27
C PRO B 30 31.97 1.64 29.31
N LYS B 31 32.17 0.33 29.49
CA LYS B 31 33.17 -0.17 30.42
C LYS B 31 34.55 0.11 29.88
N SER B 32 35.54 0.11 30.75
CA SER B 32 36.94 0.11 30.31
C SER B 32 37.68 -0.98 31.02
N VAL B 33 37.81 -2.12 30.35
CA VAL B 33 38.55 -3.29 30.86
C VAL B 33 39.96 -2.87 31.12
N GLU B 34 40.50 -2.23 30.09
CA GLU B 34 41.74 -1.44 30.09
C GLU B 34 42.02 -0.78 31.44
N ARG B 35 41.05 0.02 31.88
CA ARG B 35 41.16 0.77 33.12
C ARG B 35 40.54 0.09 34.31
N ASN B 36 40.04 -1.13 34.15
CA ASN B 36 39.43 -1.83 35.27
C ASN B 36 38.21 -1.11 35.81
N GLU B 37 37.32 -0.66 34.92
CA GLU B 37 36.09 -0.02 35.37
C GLU B 37 34.85 -0.35 34.53
N ILE B 38 33.74 -0.58 35.22
CA ILE B 38 32.58 -1.19 34.59
C ILE B 38 31.75 -0.11 33.86
N GLU B 39 31.75 1.10 34.41
CA GLU B 39 31.24 2.28 33.73
C GLU B 39 32.37 3.25 33.73
N SER B 40 32.93 3.56 32.57
CA SER B 40 34.16 4.36 32.55
C SER B 40 33.94 5.80 32.16
N LEU B 41 34.43 6.70 33.01
CA LEU B 41 34.35 8.12 32.71
C LEU B 41 34.97 8.41 31.38
N TYR B 42 36.19 7.92 31.23
CA TYR B 42 36.97 8.09 30.03
C TYR B 42 36.18 7.62 28.83
N GLU B 43 35.75 6.37 28.88
CA GLU B 43 35.17 5.73 27.71
C GLU B 43 33.85 6.42 27.36
N GLY B 44 33.24 7.07 28.35
CA GLY B 44 31.98 7.76 28.17
C GLY B 44 32.12 9.07 27.41
N ILE B 45 33.08 9.89 27.84
CA ILE B 45 33.32 11.17 27.18
C ILE B 45 33.89 10.96 25.78
N LEU B 46 34.80 9.98 25.64
CA LEU B 46 35.41 9.61 24.36
C LEU B 46 34.35 9.20 23.37
N TRP B 47 33.38 8.41 23.82
CA TRP B 47 32.25 8.02 22.97
C TRP B 47 31.59 9.23 22.36
N PHE B 48 31.41 10.26 23.18
CA PHE B 48 30.83 11.51 22.71
C PHE B 48 31.71 12.18 21.66
N VAL B 49 33.01 12.25 21.92
CA VAL B 49 33.93 12.85 20.97
C VAL B 49 33.83 12.18 19.58
N LEU B 50 34.02 10.88 19.54
CA LEU B 50 34.03 10.16 18.29
C LEU B 50 32.68 10.18 17.56
N ASN B 51 31.63 10.63 18.21
CA ASN B 51 30.37 10.75 17.51
C ASN B 51 30.09 12.19 17.17
N GLY B 52 31.10 13.03 17.35
CA GLY B 52 31.01 14.39 16.84
C GLY B 52 30.37 15.35 17.79
N VAL B 53 30.24 14.92 19.04
CA VAL B 53 29.79 15.80 20.09
C VAL B 53 31.02 16.22 20.87
N LYS B 54 31.42 17.48 20.80
CA LYS B 54 32.66 17.85 21.50
C LYS B 54 32.42 18.89 22.58
N GLU B 55 31.19 19.41 22.66
CA GLU B 55 30.88 20.34 23.74
C GLU B 55 29.93 19.66 24.71
N ILE B 56 30.46 19.31 25.87
CA ILE B 56 29.75 18.48 26.82
C ILE B 56 29.70 19.05 28.23
N VAL B 57 28.75 18.53 28.99
CA VAL B 57 28.58 18.92 30.37
C VAL B 57 28.84 17.69 31.26
N ILE B 58 29.32 17.92 32.48
CA ILE B 58 29.37 16.84 33.46
C ILE B 58 28.75 17.36 34.73
N GLU B 59 27.49 17.05 34.97
CA GLU B 59 26.84 17.48 36.19
C GLU B 59 27.12 16.42 37.26
N LYS B 60 26.78 16.72 38.52
CA LYS B 60 26.88 15.68 39.56
C LYS B 60 25.52 15.02 39.68
N LYS B 61 25.50 13.70 39.67
CA LYS B 61 24.25 12.96 39.80
C LYS B 61 23.84 12.82 41.26
N TYR B 62 22.63 13.25 41.62
CA TYR B 62 22.26 13.20 43.02
C TYR B 62 21.27 12.05 43.33
N MET B 63 21.38 11.46 44.51
CA MET B 63 20.52 10.35 44.91
C MET B 63 19.13 10.88 45.16
N GLY B 64 18.23 10.75 44.20
CA GLY B 64 16.90 11.23 44.39
C GLY B 64 16.00 10.68 43.32
N SER B 65 14.73 11.05 43.38
CA SER B 65 13.78 10.62 42.38
C SER B 65 13.65 11.70 41.31
N TYR B 66 13.66 11.28 40.05
CA TYR B 66 13.50 12.19 38.93
C TYR B 66 12.07 12.68 38.92
N CYS B 67 11.91 13.99 38.84
CA CYS B 67 10.62 14.55 38.50
C CYS B 67 10.75 15.69 37.50
N ASP B 68 9.79 15.78 36.60
CA ASP B 68 9.62 16.94 35.72
C ASP B 68 8.71 17.93 36.45
N ILE B 69 9.25 19.10 36.80
CA ILE B 69 8.45 20.19 37.38
C ILE B 69 7.70 20.99 36.32
N TYR B 70 6.38 20.93 36.31
CA TYR B 70 5.62 21.80 35.43
C TYR B 70 5.34 23.13 36.10
N LEU B 71 6.35 23.98 36.10
CA LEU B 71 6.36 25.24 36.84
C LEU B 71 5.58 26.37 36.21
N HIS B 72 4.28 26.42 36.51
CA HIS B 72 3.37 27.50 36.08
C HIS B 72 3.70 28.89 36.62
N ARG B 73 3.28 29.91 35.87
CA ARG B 73 3.54 31.30 36.26
C ARG B 73 3.02 31.62 37.63
N ARG B 74 1.72 31.42 37.79
CA ARG B 74 1.08 31.39 39.10
C ARG B 74 1.52 30.09 39.77
N LEU B 75 2.35 30.20 40.80
CA LEU B 75 3.02 29.03 41.38
C LEU B 75 2.12 28.01 42.05
N GLU B 76 0.97 28.43 42.58
CA GLU B 76 -0.01 27.46 43.08
C GLU B 76 -0.35 26.43 42.00
N ASP B 77 -0.27 26.84 40.73
CA ASP B 77 -0.71 26.05 39.59
C ASP B 77 0.29 24.93 39.16
N THR B 78 1.49 24.96 39.73
CA THR B 78 2.55 24.00 39.43
C THR B 78 2.26 22.56 39.85
N TYR B 79 2.60 21.58 39.02
CA TYR B 79 2.54 20.16 39.42
C TYR B 79 3.83 19.39 39.11
N LEU B 80 3.92 18.13 39.52
CA LEU B 80 5.10 17.33 39.18
C LEU B 80 4.72 16.05 38.43
N VAL B 81 5.58 15.60 37.51
CA VAL B 81 5.42 14.28 36.88
C VAL B 81 6.72 13.48 37.02
N SER B 82 6.56 12.16 37.00
CA SER B 82 7.61 11.21 37.36
C SER B 82 8.53 10.74 36.24
N ARG B 83 9.24 9.69 36.55
CA ARG B 83 10.06 9.04 35.56
C ARG B 83 9.16 8.51 34.41
N ASN B 84 7.95 8.06 34.74
CA ASN B 84 6.96 7.61 33.76
C ASN B 84 6.04 8.76 33.55
N GLY B 85 4.92 8.56 32.89
CA GLY B 85 4.08 9.70 32.56
C GLY B 85 3.01 10.07 33.56
N TYR B 86 3.41 10.20 34.82
CA TYR B 86 2.42 10.20 35.88
C TYR B 86 2.47 11.47 36.69
N LYS B 87 1.33 12.18 36.75
CA LYS B 87 1.23 13.34 37.63
C LYS B 87 1.45 12.83 39.05
N ILE B 88 2.36 13.47 39.78
CA ILE B 88 2.66 13.11 41.17
C ILE B 88 1.62 13.78 42.03
N ASN B 89 0.55 13.05 42.30
CA ASN B 89 -0.61 13.67 42.88
C ASN B 89 -0.60 13.56 44.38
N HIS B 90 -0.08 12.46 44.93
CA HIS B 90 0.06 12.37 46.39
C HIS B 90 1.08 13.42 46.86
N LEU B 91 1.61 13.27 48.05
CA LEU B 91 2.63 14.19 48.57
C LEU B 91 2.00 15.58 48.93
N ASP B 92 2.55 16.20 49.96
CA ASP B 92 2.02 17.46 50.49
C ASP B 92 2.20 18.66 49.56
N GLN B 93 1.11 19.23 49.06
CA GLN B 93 1.30 20.22 48.01
C GLN B 93 1.90 21.51 48.57
N GLU B 94 1.63 21.85 49.83
CA GLU B 94 2.22 23.06 50.37
C GLU B 94 3.68 22.81 50.71
N GLN B 95 4.00 21.59 51.11
CA GLN B 95 5.39 21.28 51.40
C GLN B 95 6.20 21.39 50.12
N CYS B 96 5.74 20.72 49.07
CA CYS B 96 6.32 20.89 47.72
C CYS B 96 6.54 22.32 47.27
N LEU B 97 5.44 23.02 47.03
CA LEU B 97 5.49 24.39 46.54
C LEU B 97 6.48 25.30 47.31
N ARG B 98 6.60 25.12 48.63
CA ARG B 98 7.51 25.97 49.40
C ARG B 98 8.92 25.65 48.94
N ALA B 99 9.23 24.36 48.88
CA ALA B 99 10.50 23.88 48.32
C ALA B 99 10.69 24.37 46.88
N LEU B 100 9.60 24.52 46.14
CA LEU B 100 9.67 25.05 44.78
C LEU B 100 9.79 26.58 44.62
N GLN B 101 9.75 27.38 45.66
CA GLN B 101 9.70 28.80 45.34
C GLN B 101 11.10 29.40 45.26
N GLY B 102 12.06 28.82 45.98
CA GLY B 102 13.45 29.12 45.67
C GLY B 102 13.65 29.28 44.16
N LEU B 103 13.45 28.17 43.45
CA LEU B 103 13.56 28.09 42.00
C LEU B 103 12.74 29.16 41.32
N HIS B 104 11.44 29.17 41.60
CA HIS B 104 10.50 30.10 40.98
C HIS B 104 10.99 31.54 40.98
N ASP B 105 11.69 31.95 42.04
CA ASP B 105 12.16 33.34 42.16
C ASP B 105 13.51 33.54 41.44
N ARG B 106 13.88 32.67 40.49
CA ARG B 106 15.16 32.84 39.78
C ARG B 106 14.88 33.29 38.37
N PHE B 107 13.60 33.44 38.07
CA PHE B 107 13.11 33.70 36.73
C PHE B 107 12.32 34.98 36.71
N SER B 108 12.21 35.57 35.53
CA SER B 108 11.24 36.63 35.28
C SER B 108 10.05 35.99 34.59
N TRP B 109 8.84 36.29 35.04
CA TRP B 109 7.66 35.66 34.49
C TRP B 109 6.76 36.51 33.59
N ASP B 110 7.32 37.51 32.92
CA ASP B 110 6.54 38.34 32.00
C ASP B 110 6.08 37.62 30.75
N GLY B 111 4.76 37.44 30.62
CA GLY B 111 4.21 36.75 29.46
C GLY B 111 4.85 35.38 29.21
N VAL B 112 5.16 34.71 30.32
CA VAL B 112 5.67 33.35 30.36
C VAL B 112 4.68 32.58 31.20
N GLU B 113 3.92 31.66 30.62
CA GLU B 113 2.87 31.00 31.39
C GLU B 113 3.30 29.75 32.13
N LEU B 114 4.46 29.20 31.75
CA LEU B 114 4.93 27.88 32.22
C LEU B 114 6.32 27.49 31.74
N ARG B 115 7.17 27.02 32.64
CA ARG B 115 8.43 26.43 32.24
C ARG B 115 8.53 24.96 32.68
N ILE B 116 8.80 24.02 31.75
CA ILE B 116 8.96 22.58 32.09
C ILE B 116 10.40 22.23 32.45
N ILE B 117 10.60 21.71 33.64
CA ILE B 117 11.95 21.64 34.19
C ILE B 117 12.33 20.29 34.80
N GLN B 118 13.39 19.72 34.27
CA GLN B 118 13.95 18.46 34.75
C GLN B 118 14.69 18.67 36.04
N SER B 119 14.30 17.90 37.05
CA SER B 119 14.81 18.06 38.40
C SER B 119 14.87 16.71 39.13
N GLU B 120 15.69 16.61 40.17
CA GLU B 120 15.63 15.47 41.11
C GLU B 120 14.99 15.91 42.41
N LEU B 121 14.04 15.12 42.91
CA LEU B 121 13.38 15.38 44.19
C LEU B 121 14.12 14.61 45.27
N MET B 122 14.41 15.26 46.40
CA MET B 122 15.24 14.63 47.44
C MET B 122 14.58 14.39 48.80
N PRO B 123 14.95 13.29 49.47
CA PRO B 123 15.80 12.16 49.07
C PRO B 123 14.96 11.10 48.34
N TRP B 124 15.52 9.94 47.97
CA TRP B 124 14.68 8.91 47.36
C TRP B 124 13.48 8.64 48.28
N SER B 125 13.68 8.81 49.59
CA SER B 125 12.64 8.71 50.63
C SER B 125 11.32 9.29 50.19
N ILE B 126 11.27 10.61 50.02
CA ILE B 126 10.02 11.31 49.75
C ILE B 126 9.19 10.62 48.67
N LEU B 127 9.82 10.24 47.58
CA LEU B 127 9.03 9.81 46.44
C LEU B 127 8.81 8.31 46.40
N GLY B 128 9.67 7.57 45.71
CA GLY B 128 9.58 6.12 45.76
C GLY B 128 10.44 5.55 46.89
N LYS B 129 10.90 4.31 46.74
CA LYS B 129 11.86 3.79 47.69
C LYS B 129 13.15 3.66 46.90
N GLY B 130 13.01 3.18 45.66
CA GLY B 130 14.09 3.22 44.69
C GLY B 130 15.10 2.10 44.83
N LEU B 131 15.75 2.04 45.98
CA LEU B 131 16.77 1.02 46.23
C LEU B 131 16.44 0.13 47.42
N ILE B 132 15.44 0.53 48.21
CA ILE B 132 14.97 -0.22 49.36
C ILE B 132 13.82 -1.19 49.00
N ASN B 133 14.07 -2.47 49.23
CA ASN B 133 13.07 -3.52 49.12
C ASN B 133 12.73 -3.97 50.51
N ASN B 134 11.72 -4.83 50.63
CA ASN B 134 11.47 -5.44 51.92
C ASN B 134 12.56 -6.51 52.00
N GLU B 135 13.15 -6.79 50.83
CA GLU B 135 14.23 -7.76 50.73
C GLU B 135 15.61 -7.15 50.51
N PHE B 136 15.77 -5.84 50.68
CA PHE B 136 17.10 -5.25 50.68
C PHE B 136 17.67 -5.32 52.08
N SER B 137 16.87 -4.96 53.09
CA SER B 137 17.34 -5.09 54.47
C SER B 137 17.70 -6.55 54.70
N ALA B 138 16.90 -7.48 54.18
CA ALA B 138 17.22 -8.91 54.29
C ALA B 138 18.63 -9.25 53.75
N TYR B 139 18.94 -8.94 52.48
CA TYR B 139 20.29 -9.14 51.95
C TYR B 139 21.34 -8.56 52.91
N TYR B 140 21.14 -7.32 53.31
CA TYR B 140 22.09 -6.62 54.16
C TYR B 140 22.41 -7.31 55.46
N ILE B 141 21.39 -7.95 56.06
CA ILE B 141 21.55 -8.62 57.34
C ILE B 141 22.30 -9.94 57.17
N SER B 142 21.80 -10.80 56.28
CA SER B 142 22.38 -12.11 56.03
C SER B 142 23.89 -12.03 55.92
N HIS B 143 24.42 -11.04 55.22
CA HIS B 143 25.86 -10.86 55.10
C HIS B 143 26.49 -10.40 56.41
N GLU B 144 25.80 -9.53 57.13
CA GLU B 144 26.27 -9.11 58.45
C GLU B 144 26.45 -10.32 59.38
N ILE B 145 25.43 -11.15 59.46
CA ILE B 145 25.44 -12.37 60.26
C ILE B 145 26.59 -13.31 59.91
N HIS B 146 26.79 -13.51 58.61
CA HIS B 146 27.81 -14.41 58.08
C HIS B 146 29.19 -13.92 58.47
N ALA B 147 29.36 -12.61 58.53
CA ALA B 147 30.64 -12.06 58.96
C ALA B 147 30.83 -12.16 60.49
N GLU B 148 29.81 -11.75 61.26
CA GLU B 148 29.94 -11.73 62.72
C GLU B 148 29.95 -13.15 63.25
N TYR B 149 29.90 -14.13 62.35
CA TYR B 149 30.24 -15.49 62.71
C TYR B 149 31.70 -15.69 62.39
N LEU B 150 32.05 -15.38 61.15
CA LEU B 150 33.36 -15.72 60.61
C LEU B 150 34.48 -15.06 61.38
N VAL B 151 34.17 -13.97 62.07
CA VAL B 151 35.17 -13.34 62.92
C VAL B 151 35.25 -14.07 64.25
N GLN B 152 34.11 -14.50 64.78
CA GLN B 152 34.04 -15.16 66.08
C GLN B 152 34.46 -16.62 66.08
N SER B 153 35.03 -17.10 65.00
CA SER B 153 35.04 -18.53 64.82
C SER B 153 36.38 -19.18 64.55
N SER B 154 36.48 -20.38 65.14
CA SER B 154 37.52 -21.37 64.92
C SER B 154 37.86 -21.55 63.44
N LEU B 155 36.79 -21.50 62.63
CA LEU B 155 36.82 -21.92 61.24
C LEU B 155 38.03 -21.41 60.46
N TYR B 156 38.10 -20.10 60.22
CA TYR B 156 39.18 -19.54 59.38
C TYR B 156 40.52 -20.00 59.89
N GLU B 157 40.79 -19.71 61.14
CA GLU B 157 42.04 -20.12 61.79
C GLU B 157 42.43 -21.59 61.50
N LYS B 158 41.52 -22.52 61.78
CA LYS B 158 41.78 -23.93 61.48
C LYS B 158 42.18 -24.18 60.04
N LEU B 159 41.35 -23.70 59.14
CA LEU B 159 41.53 -23.89 57.72
C LEU B 159 42.91 -23.43 57.24
N GLN B 160 43.38 -22.31 57.79
CA GLN B 160 44.66 -21.76 57.33
C GLN B 160 45.80 -22.64 57.78
N LYS B 161 45.59 -23.34 58.89
CA LYS B 161 46.62 -24.20 59.42
C LYS B 161 46.68 -25.54 58.68
N ILE B 162 45.53 -26.09 58.31
CA ILE B 162 45.50 -27.25 57.43
C ILE B 162 46.22 -26.92 56.13
N GLN B 163 46.11 -25.67 55.71
CA GLN B 163 46.68 -25.25 54.45
C GLN B 163 48.21 -25.17 54.49
N GLN B 164 48.79 -25.43 55.66
CA GLN B 164 50.26 -25.43 55.82
C GLN B 164 50.77 -26.84 55.94
N GLU B 165 49.88 -27.75 56.30
CA GLU B 165 50.21 -29.15 56.54
C GLU B 165 50.90 -29.74 55.32
N PRO B 166 51.94 -30.52 55.55
CA PRO B 166 52.75 -30.98 54.42
C PRO B 166 51.98 -31.96 53.55
N ALA B 167 51.12 -32.77 54.18
CA ALA B 167 50.28 -33.71 53.47
C ALA B 167 49.51 -33.01 52.36
N TYR B 168 48.65 -32.09 52.78
CA TYR B 168 47.89 -31.22 51.92
C TYR B 168 48.71 -30.52 50.82
N LEU B 169 49.75 -29.80 51.23
CA LEU B 169 50.53 -28.96 50.32
C LEU B 169 51.03 -29.69 49.07
N SER B 170 51.53 -30.91 49.28
CA SER B 170 52.04 -31.75 48.19
C SER B 170 50.89 -32.11 47.26
N PHE B 171 49.81 -32.63 47.84
CA PHE B 171 48.63 -32.97 47.08
C PHE B 171 48.20 -31.86 46.14
N VAL B 172 48.08 -30.66 46.68
CA VAL B 172 47.61 -29.54 45.90
C VAL B 172 48.54 -29.25 44.76
N ALA B 173 49.84 -29.48 44.99
CA ALA B 173 50.85 -29.28 43.96
C ALA B 173 50.74 -30.39 42.93
N ASP B 174 50.39 -31.60 43.36
CA ASP B 174 50.14 -32.71 42.43
C ASP B 174 48.89 -32.49 41.57
N ALA B 175 47.86 -31.89 42.17
CA ALA B 175 46.58 -31.65 41.48
C ALA B 175 46.69 -30.66 40.34
N LYS B 176 47.82 -29.94 40.28
CA LYS B 176 48.09 -29.01 39.20
C LYS B 176 48.53 -29.79 37.97
N VAL B 177 49.15 -30.94 38.20
CA VAL B 177 49.78 -31.74 37.14
C VAL B 177 48.98 -33.00 36.77
N LEU B 178 48.18 -33.49 37.72
CA LEU B 178 47.44 -34.73 37.51
C LEU B 178 46.04 -34.47 36.95
N SER B 179 45.58 -35.43 36.15
CA SER B 179 44.36 -35.27 35.39
C SER B 179 43.12 -35.81 36.03
N ALA B 180 42.97 -35.65 37.34
CA ALA B 180 41.79 -36.11 38.09
C ALA B 180 41.57 -37.60 37.95
N LYS B 181 41.44 -38.07 36.72
CA LYS B 181 41.54 -39.49 36.40
C LYS B 181 42.77 -40.02 37.12
N GLU B 182 43.86 -39.27 36.98
CA GLU B 182 45.15 -39.67 37.51
C GLU B 182 45.20 -39.54 39.02
N LEU B 183 44.73 -38.43 39.55
CA LEU B 183 44.82 -38.36 40.99
C LEU B 183 43.80 -39.28 41.69
N LYS B 184 42.75 -39.73 40.99
CA LYS B 184 41.90 -40.78 41.58
C LYS B 184 42.68 -42.08 41.76
N ASP B 185 43.67 -42.29 40.87
CA ASP B 185 44.56 -43.46 40.93
C ASP B 185 45.47 -43.29 42.16
N LYS B 186 46.05 -42.10 42.33
CA LYS B 186 46.99 -41.85 43.43
C LYS B 186 46.34 -41.64 44.81
N TYR B 187 45.45 -40.68 44.97
CA TYR B 187 44.90 -40.40 46.31
C TYR B 187 43.53 -41.08 46.47
N PRO B 188 43.19 -41.46 47.72
CA PRO B 188 41.88 -42.06 48.06
C PRO B 188 40.71 -41.07 47.91
N MET B 189 39.49 -41.59 47.78
CA MET B 189 38.33 -40.75 47.45
C MET B 189 38.12 -39.60 48.44
N HIS B 190 38.31 -39.90 49.72
CA HIS B 190 38.04 -38.95 50.81
C HIS B 190 39.15 -37.93 50.99
N ILE B 191 40.27 -38.18 50.33
CA ILE B 191 41.38 -37.26 50.46
C ILE B 191 41.16 -36.20 49.40
N ILE B 192 40.87 -36.64 48.19
CA ILE B 192 40.43 -35.70 47.16
C ILE B 192 39.30 -34.79 47.63
N ARG B 193 38.29 -35.36 48.25
CA ARG B 193 37.19 -34.58 48.82
C ARG B 193 37.67 -33.46 49.76
N GLN B 194 38.23 -33.88 50.90
CA GLN B 194 38.70 -32.97 51.94
C GLN B 194 39.66 -31.92 51.42
N TYR B 195 40.67 -32.37 50.69
CA TYR B 195 41.76 -31.47 50.36
C TYR B 195 41.37 -30.54 49.20
N GLN B 196 40.62 -31.01 48.20
CA GLN B 196 40.19 -30.09 47.14
C GLN B 196 39.29 -28.99 47.72
N SER B 197 38.39 -29.37 48.62
CA SER B 197 37.47 -28.43 49.26
C SER B 197 38.19 -27.31 50.01
N ILE B 198 39.09 -27.69 50.90
CA ILE B 198 39.80 -26.73 51.71
C ILE B 198 40.68 -25.82 50.83
N ARG B 199 41.17 -26.35 49.71
CA ARG B 199 41.90 -25.55 48.71
C ARG B 199 41.01 -24.47 48.09
N ASP B 200 39.82 -24.89 47.70
CA ASP B 200 38.89 -24.08 46.95
C ASP B 200 37.93 -23.29 47.86
N PHE B 201 38.14 -23.38 49.16
CA PHE B 201 37.36 -22.59 50.08
C PHE B 201 37.62 -21.10 49.84
N LYS B 202 36.54 -20.34 49.71
CA LYS B 202 36.59 -18.91 49.45
C LYS B 202 36.87 -18.17 50.73
N PHE B 203 38.08 -17.63 50.86
CA PHE B 203 38.38 -16.83 52.04
C PHE B 203 37.90 -15.41 51.86
N LEU B 204 37.46 -14.76 52.93
CA LEU B 204 36.93 -13.43 52.76
C LEU B 204 37.78 -12.40 53.45
N ASP B 205 37.89 -11.26 52.80
CA ASP B 205 38.62 -10.14 53.33
C ASP B 205 37.79 -9.45 54.43
N LEU B 206 37.65 -10.12 55.59
CA LEU B 206 36.66 -9.70 56.61
C LEU B 206 36.58 -8.21 57.02
N PRO B 207 37.72 -7.49 57.06
CA PRO B 207 37.53 -6.04 57.20
C PRO B 207 36.82 -5.40 55.99
N HIS B 208 37.34 -5.55 54.77
CA HIS B 208 36.74 -4.92 53.57
C HIS B 208 35.28 -5.35 53.37
N TYR B 209 34.97 -6.50 53.94
CA TYR B 209 33.64 -7.10 53.83
C TYR B 209 32.70 -6.35 54.74
N GLN B 210 33.02 -6.36 56.03
CA GLN B 210 32.18 -5.74 57.04
C GLN B 210 31.95 -4.24 56.71
N GLN B 211 32.96 -3.61 56.10
CA GLN B 211 32.93 -2.20 55.74
C GLN B 211 31.90 -1.96 54.63
N ASN B 212 31.95 -2.80 53.60
CA ASN B 212 30.89 -2.82 52.60
C ASN B 212 29.52 -3.11 53.20
N ILE B 213 29.46 -3.97 54.22
CA ILE B 213 28.20 -4.31 54.83
C ILE B 213 27.57 -3.09 55.50
N GLN B 214 28.31 -2.03 55.78
CA GLN B 214 27.58 -0.86 56.29
C GLN B 214 27.46 0.32 55.32
N LEU B 215 28.09 0.22 54.16
CA LEU B 215 27.71 1.08 53.04
C LEU B 215 26.23 0.86 52.84
N PHE B 216 25.81 -0.35 53.17
CA PHE B 216 24.42 -0.73 53.07
C PHE B 216 23.51 -0.22 54.20
N LYS B 217 24.04 -0.06 55.43
CA LYS B 217 23.15 0.40 56.49
C LYS B 217 22.95 1.92 56.47
N ARG B 218 23.96 2.64 55.96
CA ARG B 218 23.82 4.07 55.76
C ARG B 218 22.61 4.35 54.86
N GLN B 219 22.41 3.50 53.87
CA GLN B 219 21.32 3.69 52.96
C GLN B 219 20.00 3.42 53.63
N LEU B 220 20.02 2.55 54.62
CA LEU B 220 18.79 2.19 55.29
C LEU B 220 18.42 3.13 56.45
N ASP B 221 19.36 3.95 56.89
CA ASP B 221 19.05 4.91 57.93
C ASP B 221 18.48 6.21 57.36
N ILE B 222 18.85 6.52 56.12
CA ILE B 222 18.36 7.70 55.38
C ILE B 222 16.88 7.58 55.04
N PHE B 223 16.55 6.42 54.44
CA PHE B 223 15.20 6.04 54.07
C PHE B 223 14.17 6.25 55.18
N GLY B 224 14.41 5.60 56.32
CA GLY B 224 13.47 5.66 57.43
C GLY B 224 13.63 6.87 58.33
N LYS B 225 14.32 7.88 57.82
CA LYS B 225 14.39 9.15 58.52
C LYS B 225 13.51 10.24 57.92
N GLU B 226 13.00 11.00 58.88
CA GLU B 226 12.29 12.24 58.72
C GLU B 226 12.86 13.01 57.53
N ALA B 227 12.05 13.40 56.56
CA ALA B 227 12.57 14.28 55.51
C ALA B 227 11.50 15.14 54.88
N ALA B 228 11.79 16.43 54.72
CA ALA B 228 10.93 17.31 53.94
C ALA B 228 11.48 17.41 52.51
N PRO B 229 10.61 17.37 51.50
CA PRO B 229 10.97 17.49 50.08
C PRO B 229 11.88 18.66 49.79
N PHE B 230 12.70 18.48 48.76
CA PHE B 230 13.80 19.38 48.48
C PHE B 230 14.35 19.10 47.06
N PHE B 231 14.27 20.10 46.17
CA PHE B 231 14.61 19.92 44.76
C PHE B 231 16.02 20.34 44.35
N LYS B 232 16.54 19.60 43.38
CA LYS B 232 17.79 19.93 42.70
C LYS B 232 17.49 19.89 41.23
N PRO B 233 17.16 21.04 40.62
CA PRO B 233 16.82 21.17 39.20
C PRO B 233 18.05 21.16 38.33
N PHE B 234 18.01 20.55 37.12
CA PHE B 234 19.21 20.48 36.26
C PHE B 234 19.02 20.75 34.74
N ASN B 235 17.80 20.93 34.24
CA ASN B 235 17.63 21.24 32.80
C ASN B 235 16.29 21.91 32.51
N ILE B 236 16.31 23.01 31.77
CA ILE B 236 15.07 23.59 31.29
C ILE B 236 14.71 23.00 29.95
N LEU B 237 13.52 22.43 29.84
CA LEU B 237 13.21 21.66 28.65
C LEU B 237 12.55 22.53 27.61
N LYS B 238 11.72 23.46 28.08
CA LYS B 238 10.85 24.20 27.19
C LYS B 238 10.10 25.25 27.99
N GLU B 239 10.00 26.45 27.42
CA GLU B 239 9.25 27.54 28.02
C GLU B 239 7.99 27.83 27.19
N VAL B 240 6.84 27.88 27.83
CA VAL B 240 5.66 28.29 27.11
C VAL B 240 5.39 29.74 27.44
N TYR B 241 5.57 30.61 26.44
CA TYR B 241 5.22 32.01 26.62
C TYR B 241 3.71 32.17 26.52
N THR B 242 3.19 33.31 26.95
CA THR B 242 1.75 33.42 27.06
C THR B 242 1.05 33.69 25.72
N ASP B 243 1.81 34.16 24.72
CA ASP B 243 1.39 34.21 23.31
C ASP B 243 0.70 32.93 22.90
N GLY B 244 1.38 31.82 23.18
CA GLY B 244 1.08 30.50 22.65
C GLY B 244 2.40 30.00 22.10
N ARG B 245 3.37 30.90 22.07
CA ARG B 245 4.65 30.64 21.45
C ARG B 245 5.56 29.90 22.43
N GLU B 246 6.20 28.83 21.96
CA GLU B 246 7.06 28.07 22.85
C GLU B 246 8.51 28.23 22.45
N HIS B 247 9.40 28.04 23.42
CA HIS B 247 10.84 28.00 23.16
C HIS B 247 11.37 26.66 23.63
N PHE B 248 11.85 25.87 22.67
CA PHE B 248 12.45 24.57 22.95
C PHE B 248 13.91 24.82 23.37
N VAL B 249 14.15 24.94 24.66
CA VAL B 249 15.44 25.45 25.14
C VAL B 249 16.65 24.66 24.69
N ASN B 250 16.59 23.34 24.82
CA ASN B 250 17.63 22.50 24.26
C ASN B 250 19.04 22.96 24.61
N ASP B 251 19.25 23.25 25.89
CA ASP B 251 20.59 23.61 26.31
C ASP B 251 20.82 23.09 27.73
N ASN B 252 21.64 22.07 27.88
CA ASN B 252 21.97 21.58 29.20
C ASN B 252 22.76 22.60 30.00
N LEU B 253 23.04 23.75 29.42
CA LEU B 253 23.71 24.76 30.22
C LEU B 253 22.68 25.56 31.03
N SER B 254 21.39 25.27 30.85
CA SER B 254 20.40 25.99 31.65
C SER B 254 20.49 25.61 33.12
N PHE B 255 21.26 24.57 33.40
CA PHE B 255 21.59 24.17 34.76
C PHE B 255 21.97 25.37 35.61
N GLN B 256 22.94 26.15 35.16
CA GLN B 256 23.46 27.25 35.96
C GLN B 256 22.39 28.29 36.26
N GLN B 257 21.39 28.39 35.39
CA GLN B 257 20.27 29.30 35.61
C GLN B 257 19.41 28.85 36.78
N ILE B 258 19.52 27.58 37.15
CA ILE B 258 18.57 27.05 38.11
C ILE B 258 19.22 26.23 39.19
N ASN B 259 20.53 26.22 39.24
CA ASN B 259 21.24 25.39 40.20
C ASN B 259 22.62 25.93 40.47
N ASP B 260 22.93 26.18 41.72
CA ASP B 260 24.21 26.81 41.94
C ASP B 260 25.30 25.77 42.16
N ASP B 261 24.97 24.49 42.00
CA ASP B 261 25.97 23.45 42.18
C ASP B 261 27.09 23.53 41.17
N ASP B 262 28.21 22.93 41.51
CA ASP B 262 29.35 22.93 40.61
C ASP B 262 29.17 21.94 39.48
N PHE B 263 29.68 22.30 38.32
CA PHE B 263 29.61 21.40 37.20
C PHE B 263 30.66 21.72 36.19
N LEU B 264 30.79 20.84 35.22
CA LEU B 264 31.85 20.97 34.25
C LEU B 264 31.26 21.27 32.90
N HIS B 265 31.97 22.13 32.19
CA HIS B 265 31.61 22.53 30.83
C HIS B 265 32.86 22.49 30.04
N TYR B 266 32.88 21.76 28.93
CA TYR B 266 34.11 21.62 28.18
C TYR B 266 33.94 21.80 26.68
N GLN B 267 34.95 22.42 26.10
CA GLN B 267 35.02 22.60 24.66
C GLN B 267 36.28 21.89 24.15
N PHE B 268 36.08 20.97 23.21
CA PHE B 268 37.16 20.06 22.84
C PHE B 268 37.78 20.25 21.43
N ALA B 269 36.94 20.37 20.39
CA ALA B 269 37.43 20.55 19.03
C ALA B 269 38.24 19.34 18.50
N ASP B 270 39.36 19.03 19.15
CA ASP B 270 40.23 17.93 18.73
C ASP B 270 40.33 16.85 19.81
N ARG B 271 40.37 15.57 19.43
CA ARG B 271 40.37 14.48 20.42
C ARG B 271 41.60 14.45 21.37
N GLU B 272 42.76 14.95 20.95
CA GLU B 272 43.87 14.85 21.87
C GLU B 272 43.93 16.07 22.77
N ASP B 273 43.06 17.04 22.49
CA ASP B 273 42.69 18.06 23.48
C ASP B 273 41.99 17.35 24.65
N PHE B 274 40.97 16.56 24.32
CA PHE B 274 40.30 15.72 25.31
C PHE B 274 41.30 14.86 26.08
N GLU B 275 42.14 14.14 25.34
CA GLU B 275 43.17 13.30 25.96
C GLU B 275 43.97 14.12 26.96
N ALA B 276 44.22 15.37 26.62
CA ALA B 276 44.99 16.30 27.45
C ALA B 276 44.22 16.84 28.66
N LYS B 277 42.95 17.21 28.46
CA LYS B 277 42.16 17.73 29.56
C LYS B 277 41.53 16.66 30.48
N TYR B 278 41.55 15.39 30.05
CA TYR B 278 40.96 14.30 30.84
C TYR B 278 41.42 14.21 32.30
N PRO B 279 42.74 14.18 32.56
CA PRO B 279 43.17 13.89 33.94
C PRO B 279 42.65 14.90 34.96
N GLN B 280 42.43 16.13 34.51
CA GLN B 280 41.84 17.16 35.36
C GLN B 280 40.37 16.80 35.64
N ILE B 281 39.66 16.45 34.57
CA ILE B 281 38.24 16.07 34.64
C ILE B 281 38.03 14.87 35.54
N ARG B 282 38.93 13.88 35.46
CA ARG B 282 38.87 12.73 36.37
C ARG B 282 39.09 13.22 37.79
N ALA B 283 40.05 14.11 37.98
CA ALA B 283 40.36 14.63 39.30
C ALA B 283 39.14 15.29 39.91
N TRP B 284 38.31 15.90 39.08
CA TRP B 284 37.15 16.64 39.56
C TRP B 284 36.04 15.71 40.01
N VAL B 285 35.69 14.75 39.16
CA VAL B 285 34.62 13.80 39.47
C VAL B 285 35.07 12.89 40.62
N ASP B 286 36.37 12.76 40.79
CA ASP B 286 36.92 11.95 41.86
C ASP B 286 36.45 12.52 43.19
N GLN B 287 36.01 13.77 43.18
CA GLN B 287 35.59 14.47 44.38
C GLN B 287 34.12 14.27 44.66
N VAL B 288 33.41 13.72 43.66
CA VAL B 288 31.98 13.47 43.78
C VAL B 288 31.76 12.12 44.48
N ASN B 289 31.94 12.12 45.79
CA ASN B 289 31.97 10.88 46.55
C ASN B 289 31.04 10.86 47.76
N GLN B 290 30.19 11.87 47.91
CA GLN B 290 29.46 12.01 49.16
C GLN B 290 28.20 11.14 49.19
N SER B 291 27.65 10.94 50.38
CA SER B 291 26.44 10.13 50.59
C SER B 291 25.29 10.53 49.67
N ASP B 292 25.26 11.82 49.32
CA ASP B 292 24.30 12.43 48.41
C ASP B 292 24.33 11.81 47.01
N GLU B 293 25.51 11.41 46.57
CA GLU B 293 25.81 11.37 45.14
C GLU B 293 25.99 9.95 44.58
N GLU B 294 25.12 9.59 43.63
CA GLU B 294 25.26 8.36 42.87
C GLU B 294 26.61 8.35 42.13
N GLY B 295 27.05 9.51 41.69
CA GLY B 295 28.24 9.68 40.86
C GLY B 295 28.04 10.87 39.93
N VAL B 296 28.52 10.79 38.69
CA VAL B 296 28.33 11.92 37.77
C VAL B 296 27.61 11.49 36.50
N VAL B 297 27.01 12.44 35.80
CA VAL B 297 26.47 12.13 34.47
C VAL B 297 27.17 12.98 33.44
N ILE B 298 27.28 12.43 32.23
CA ILE B 298 27.88 13.13 31.11
C ILE B 298 26.78 13.41 30.11
N LYS B 299 26.42 14.67 29.96
CA LYS B 299 25.39 14.99 29.00
C LYS B 299 26.18 15.80 27.98
N PRO B 300 25.70 15.87 26.74
CA PRO B 300 26.26 16.80 25.77
C PRO B 300 25.70 18.20 25.99
N ARG B 301 26.43 19.26 25.68
CA ARG B 301 25.90 20.61 25.92
C ARG B 301 24.56 20.82 25.21
N THR B 302 24.47 20.48 23.94
CA THR B 302 23.12 20.50 23.38
C THR B 302 22.35 19.34 23.95
N ALA B 303 21.13 19.61 24.38
CA ALA B 303 20.43 18.62 25.17
C ALA B 303 19.95 17.47 24.31
N PHE B 304 19.59 17.79 23.08
CA PHE B 304 19.10 16.85 22.09
C PHE B 304 19.91 16.94 20.81
N LEU B 305 20.47 15.84 20.38
CA LEU B 305 21.14 15.75 19.09
C LEU B 305 20.65 14.48 18.48
N PRO B 306 20.49 14.45 17.15
CA PRO B 306 20.09 13.23 16.43
C PRO B 306 20.95 12.02 16.80
N GLY B 307 20.28 10.93 17.17
CA GLY B 307 20.95 9.65 17.36
C GLY B 307 21.88 9.60 18.54
N MET B 308 22.06 10.73 19.20
CA MET B 308 22.87 10.82 20.41
C MET B 308 22.01 10.51 21.65
N PRO B 309 22.63 9.96 22.70
CA PRO B 309 21.97 9.70 23.96
C PRO B 309 21.88 10.94 24.85
N PRO B 310 20.89 11.01 25.74
CA PRO B 310 20.68 12.15 26.64
C PRO B 310 21.81 12.34 27.59
N ALA B 311 22.36 11.23 28.07
CA ALA B 311 23.53 11.27 28.93
C ALA B 311 24.14 9.90 29.07
N PHE B 312 25.28 9.88 29.73
CA PHE B 312 25.87 8.67 30.30
C PHE B 312 26.01 8.87 31.82
N LYS B 313 25.46 7.95 32.62
CA LYS B 313 25.76 7.97 34.05
C LYS B 313 27.07 7.27 34.32
N VAL B 314 27.82 7.74 35.30
CA VAL B 314 29.05 7.06 35.73
C VAL B 314 29.03 6.99 37.24
N ARG B 315 28.57 5.88 37.78
CA ARG B 315 28.36 5.83 39.21
C ARG B 315 29.65 5.44 39.97
N ASN B 316 29.96 6.22 41.01
CA ASN B 316 31.12 6.00 41.86
C ASN B 316 31.10 4.66 42.56
N ASN B 317 32.27 4.21 43.02
CA ASN B 317 32.39 2.87 43.54
C ASN B 317 31.45 2.57 44.69
N ASP B 318 31.20 3.53 45.56
CA ASP B 318 30.38 3.21 46.72
C ASP B 318 28.94 2.93 46.33
N TYR B 319 28.38 3.68 45.38
CA TYR B 319 26.97 3.49 45.04
C TYR B 319 26.87 2.21 44.26
N LEU B 320 27.86 1.93 43.41
CA LEU B 320 27.83 0.68 42.67
C LEU B 320 27.72 -0.49 43.66
N THR B 321 28.49 -0.43 44.75
CA THR B 321 28.41 -1.45 45.80
C THR B 321 26.98 -1.72 46.29
N LEU B 322 26.11 -0.73 46.21
CA LEU B 322 24.75 -0.92 46.66
C LEU B 322 23.95 -1.63 45.60
N VAL B 323 24.20 -1.23 44.36
CA VAL B 323 23.59 -1.87 43.22
C VAL B 323 23.96 -3.34 43.08
N TYR B 324 25.25 -3.63 43.24
CA TYR B 324 25.77 -4.92 42.79
C TYR B 324 25.96 -5.90 43.92
N GLY B 325 26.07 -5.37 45.14
CA GLY B 325 26.29 -6.21 46.31
C GLY B 325 27.67 -6.13 46.95
N VAL B 326 27.79 -6.68 48.15
CA VAL B 326 28.98 -6.48 48.97
C VAL B 326 30.20 -7.21 48.47
N ASP B 327 30.01 -8.08 47.51
CA ASP B 327 31.12 -8.82 46.94
C ASP B 327 31.64 -8.15 45.68
N PHE B 328 31.17 -6.93 45.44
CA PHE B 328 31.39 -6.29 44.16
C PHE B 328 32.86 -6.20 43.79
N GLN B 329 33.66 -5.54 44.62
CA GLN B 329 35.07 -5.33 44.31
C GLN B 329 35.74 -6.68 44.12
N ASP B 330 35.34 -7.64 44.96
CA ASP B 330 35.85 -8.99 44.90
C ASP B 330 35.40 -9.69 43.62
N ARG B 331 34.29 -9.27 43.05
CA ARG B 331 33.81 -9.89 41.82
C ARG B 331 33.94 -8.99 40.59
N LEU B 332 34.89 -8.06 40.61
CA LEU B 332 34.88 -6.98 39.63
C LEU B 332 35.16 -7.50 38.24
N GLN B 333 36.20 -8.35 38.11
CA GLN B 333 36.59 -8.80 36.78
C GLN B 333 35.44 -9.56 36.19
N GLU B 334 34.83 -10.43 36.98
CA GLU B 334 33.58 -11.08 36.56
C GLU B 334 32.47 -10.13 36.04
N GLN B 335 32.09 -9.17 36.89
CA GLN B 335 31.03 -8.21 36.59
C GLN B 335 31.34 -7.32 35.42
N ILE B 336 32.60 -6.90 35.31
CA ILE B 336 33.01 -6.05 34.20
C ILE B 336 32.86 -6.80 32.90
N ALA B 337 33.32 -8.05 32.87
CA ALA B 337 33.25 -8.86 31.66
C ALA B 337 31.81 -9.18 31.29
N LYS B 338 30.93 -9.28 32.28
CA LYS B 338 29.54 -9.56 32.01
C LYS B 338 28.77 -8.32 31.52
N ARG B 339 29.32 -7.12 31.70
CA ARG B 339 28.58 -5.88 31.50
C ARG B 339 28.33 -5.59 30.05
N ASN B 340 27.10 -5.19 29.70
CA ASN B 340 26.81 -4.85 28.31
C ASN B 340 25.82 -3.70 28.07
N ILE B 341 26.29 -2.50 27.73
CA ILE B 341 25.34 -1.38 27.66
C ILE B 341 24.74 -1.22 26.29
N LYS B 342 25.09 -2.09 25.35
CA LYS B 342 24.55 -1.91 24.03
C LYS B 342 23.09 -2.25 24.21
N GLY B 343 22.18 -1.48 23.64
CA GLY B 343 20.80 -1.86 23.86
C GLY B 343 20.18 -1.16 25.04
N LYS B 344 20.86 -1.09 26.18
CA LYS B 344 20.43 -0.08 27.14
C LYS B 344 20.61 1.27 26.44
N LEU B 345 21.82 1.54 25.92
CA LEU B 345 22.10 2.75 25.11
C LEU B 345 21.16 2.95 23.91
N ARG B 346 20.75 1.87 23.25
CA ARG B 346 19.81 2.00 22.14
C ARG B 346 18.45 2.50 22.69
N CYS B 347 17.93 1.95 23.77
CA CYS B 347 16.68 2.48 24.31
C CYS B 347 16.87 3.91 24.84
N SER B 348 17.96 4.14 25.58
CA SER B 348 18.29 5.48 26.09
C SER B 348 18.18 6.49 24.97
N ILE B 349 18.71 6.14 23.79
CA ILE B 349 18.67 6.97 22.60
C ILE B 349 17.27 7.15 22.02
N ASN B 350 16.55 6.07 21.77
CA ASN B 350 15.20 6.18 21.23
C ASN B 350 14.30 6.95 22.19
N ASP B 351 14.56 6.83 23.48
CA ASP B 351 13.61 7.36 24.44
C ASP B 351 13.64 8.85 24.41
N TRP B 352 14.86 9.37 24.26
CA TRP B 352 15.15 10.79 24.29
C TRP B 352 14.63 11.36 23.01
N ALA B 353 14.77 10.56 21.96
CA ALA B 353 14.28 10.94 20.65
C ALA B 353 12.77 11.12 20.61
N ILE B 354 12.04 10.27 21.34
CA ILE B 354 10.59 10.40 21.44
C ILE B 354 10.25 11.68 22.19
N ASN B 355 10.95 11.89 23.28
CA ASN B 355 10.68 13.00 24.18
C ASN B 355 10.71 14.29 23.43
N ALA B 356 11.72 14.43 22.58
CA ALA B 356 11.86 15.60 21.76
C ALA B 356 10.61 15.83 20.91
N LYS B 357 10.10 14.76 20.33
CA LYS B 357 8.92 14.85 19.51
C LYS B 357 7.72 15.20 20.37
N LEU B 358 7.66 14.67 21.59
CA LEU B 358 6.61 15.03 22.55
C LEU B 358 6.65 16.49 23.01
N LEU B 359 7.86 16.94 23.35
CA LEU B 359 8.07 18.32 23.76
C LEU B 359 7.64 19.26 22.67
N ALA B 360 7.96 18.92 21.43
CA ALA B 360 7.58 19.71 20.25
C ALA B 360 6.06 19.87 20.08
N ILE B 361 5.26 18.98 20.63
CA ILE B 361 3.84 19.26 20.63
C ILE B 361 3.58 20.43 21.57
N PRO B 362 2.81 21.44 21.12
CA PRO B 362 2.60 22.65 21.92
C PRO B 362 1.75 22.39 23.16
N TYR B 363 2.10 23.02 24.27
CA TYR B 363 1.38 22.83 25.52
C TYR B 363 -0.11 23.04 25.28
N SER B 364 -0.41 24.14 24.57
CA SER B 364 -1.76 24.49 24.11
C SER B 364 -2.56 23.26 23.72
N GLU B 365 -1.90 22.43 22.91
CA GLU B 365 -2.51 21.35 22.14
C GLU B 365 -2.58 20.01 22.85
N LEU B 366 -1.99 19.92 24.03
CA LEU B 366 -2.06 18.70 24.83
C LEU B 366 -3.48 18.38 25.19
N GLY B 367 -3.96 17.21 24.76
CA GLY B 367 -5.33 16.86 25.04
C GLY B 367 -5.75 15.53 24.50
N GLU B 368 -6.92 15.09 24.94
CA GLU B 368 -7.41 13.74 24.74
C GLU B 368 -7.78 13.45 23.29
N GLU B 369 -7.57 14.40 22.37
CA GLU B 369 -7.88 14.12 20.96
C GLU B 369 -6.72 14.46 20.03
N ASN B 370 -5.55 14.68 20.62
CA ASN B 370 -4.29 14.85 19.91
C ASN B 370 -3.67 13.48 19.60
N TYR B 371 -4.15 12.82 18.56
CA TYR B 371 -3.72 11.43 18.31
C TYR B 371 -2.28 11.31 17.83
N GLU B 372 -1.61 12.44 17.69
CA GLU B 372 -0.20 12.38 17.40
C GLU B 372 0.50 12.29 18.74
N LEU B 373 -0.03 12.99 19.72
CA LEU B 373 0.46 12.87 21.08
C LEU B 373 0.32 11.44 21.59
N LYS B 374 -0.89 10.93 21.50
CA LYS B 374 -1.20 9.57 21.89
C LYS B 374 -0.29 8.54 21.21
N ASN B 375 -0.02 8.72 19.93
CA ASN B 375 0.90 7.83 19.23
C ASN B 375 2.29 7.86 19.83
N LEU B 376 2.88 9.04 19.89
CA LEU B 376 4.15 9.25 20.56
C LEU B 376 4.22 8.64 21.95
N VAL B 377 3.10 8.60 22.66
CA VAL B 377 3.15 8.01 23.99
C VAL B 377 3.19 6.51 23.88
N LEU B 378 2.20 5.91 23.21
CA LEU B 378 2.17 4.47 22.98
C LEU B 378 3.54 4.01 22.51
N ASP B 379 4.13 4.76 21.58
CA ASP B 379 5.52 4.56 21.20
C ASP B 379 6.38 4.42 22.45
N ARG B 380 6.40 5.46 23.28
CA ARG B 380 7.26 5.47 24.48
C ARG B 380 7.00 4.31 25.41
N ILE B 381 5.72 4.03 25.61
CA ILE B 381 5.30 2.99 26.53
C ILE B 381 5.78 1.64 26.05
N LEU B 382 5.60 1.35 24.78
CA LEU B 382 6.09 0.10 24.22
C LEU B 382 7.58 -0.08 24.49
N GLY B 383 8.28 1.03 24.41
CA GLY B 383 9.72 1.04 24.52
C GLY B 383 10.15 1.09 25.95
N GLU B 384 9.16 1.37 26.82
CA GLU B 384 9.31 1.21 28.26
C GLU B 384 9.33 -0.27 28.56
N GLU B 385 8.43 -1.03 27.95
CA GLU B 385 8.39 -2.46 28.20
C GLU B 385 9.63 -3.16 27.67
N ILE B 386 10.12 -2.71 26.53
CA ILE B 386 11.35 -3.25 25.96
C ILE B 386 12.54 -3.04 26.89
N GLU B 387 12.69 -1.82 27.39
CA GLU B 387 13.87 -1.42 28.18
C GLU B 387 13.80 -1.93 29.60
N ASN B 388 12.62 -2.43 29.99
CA ASN B 388 12.40 -2.94 31.35
C ASN B 388 12.94 -4.35 31.49
N GLN B 389 13.23 -4.96 30.35
CA GLN B 389 13.73 -6.32 30.26
C GLN B 389 15.27 -6.36 30.32
N LEU B 390 15.89 -5.20 30.38
CA LEU B 390 17.33 -5.18 30.35
C LEU B 390 17.89 -5.41 31.73
N ASP B 391 19.22 -5.57 31.80
CA ASP B 391 19.95 -5.72 33.06
C ASP B 391 19.50 -4.70 34.10
N SER B 392 18.82 -5.17 35.13
CA SER B 392 18.24 -4.28 36.12
C SER B 392 19.29 -3.35 36.77
N ARG B 393 20.56 -3.71 36.71
CA ARG B 393 21.59 -2.90 37.34
C ARG B 393 22.22 -1.86 36.38
N LEU B 394 21.44 -1.28 35.49
CA LEU B 394 21.96 -0.33 34.52
C LEU B 394 21.13 0.94 34.52
N MET C 1 24.93 -20.17 54.94
CA MET C 1 24.19 -21.04 55.87
C MET C 1 25.04 -21.41 57.05
N ILE C 2 24.52 -21.20 58.24
CA ILE C 2 25.30 -21.45 59.43
C ILE C 2 24.47 -22.24 60.43
N LEU C 3 24.95 -23.43 60.72
CA LEU C 3 24.29 -24.42 61.55
C LEU C 3 25.16 -24.72 62.76
N GLN C 4 24.60 -24.64 63.96
CA GLN C 4 25.37 -24.96 65.17
C GLN C 4 24.66 -26.04 65.95
N ILE C 5 25.31 -27.21 66.05
CA ILE C 5 24.71 -28.33 66.74
C ILE C 5 25.26 -28.45 68.17
N HIS C 6 24.36 -28.34 69.16
CA HIS C 6 24.67 -28.37 70.60
C HIS C 6 24.11 -29.58 71.33
N SER C 7 24.94 -30.18 72.18
CA SER C 7 24.55 -31.27 73.06
C SER C 7 25.61 -31.57 74.12
N GLN C 8 25.22 -31.77 75.37
CA GLN C 8 26.22 -32.04 76.41
C GLN C 8 26.50 -33.56 76.51
N ASN C 9 25.89 -34.35 75.63
CA ASN C 9 26.30 -35.72 75.31
C ASN C 9 27.81 -35.79 75.14
N PRO C 10 28.47 -36.79 75.75
CA PRO C 10 29.91 -36.97 75.56
C PRO C 10 30.28 -37.46 74.18
N HIS C 11 29.45 -38.34 73.61
CA HIS C 11 29.76 -38.92 72.30
C HIS C 11 29.02 -38.25 71.15
N LEU C 12 28.72 -36.96 71.29
CA LEU C 12 27.92 -36.26 70.28
C LEU C 12 28.50 -36.43 68.89
N LEU C 13 29.78 -36.18 68.76
CA LEU C 13 30.44 -36.22 67.47
C LEU C 13 30.37 -37.60 66.84
N ASP C 14 30.38 -38.64 67.66
CA ASP C 14 30.29 -39.97 67.10
C ASP C 14 28.96 -40.16 66.40
N LEU C 15 27.91 -39.57 66.96
CA LEU C 15 26.56 -39.74 66.43
C LEU C 15 26.37 -39.01 65.12
N LEU C 16 27.20 -38.01 64.89
CA LEU C 16 27.20 -37.21 63.68
C LEU C 16 28.08 -37.87 62.62
N ASN C 17 28.68 -38.99 62.98
CA ASN C 17 29.64 -39.72 62.15
C ASN C 17 30.75 -38.80 61.67
N LYS C 18 31.10 -37.80 62.48
CA LYS C 18 32.23 -36.90 62.23
C LYS C 18 33.32 -37.02 63.35
N ASN C 19 34.57 -37.27 62.96
CA ASN C 19 35.68 -37.51 63.90
C ASN C 19 36.47 -36.24 64.21
N PRO C 20 36.59 -35.86 65.51
CA PRO C 20 37.29 -34.63 65.95
C PRO C 20 38.81 -34.59 65.73
N HIS C 21 39.45 -35.71 65.41
CA HIS C 21 40.90 -35.79 65.25
C HIS C 21 41.42 -35.56 63.83
N THR C 22 40.65 -35.96 62.83
CA THR C 22 41.05 -35.74 61.45
C THR C 22 41.05 -34.24 61.14
N ASP C 23 42.16 -33.78 60.56
CA ASP C 23 42.43 -32.39 60.20
C ASP C 23 41.77 -31.32 61.10
N LEU C 24 42.10 -31.35 62.38
CA LEU C 24 41.71 -30.33 63.35
C LEU C 24 40.22 -30.26 63.61
N GLY C 25 39.49 -31.30 63.23
CA GLY C 25 38.05 -31.36 63.48
C GLY C 25 37.24 -30.92 62.28
N ILE C 26 37.97 -30.48 61.26
CA ILE C 26 37.39 -30.00 60.02
C ILE C 26 36.92 -31.14 59.14
N TYR C 27 35.75 -30.99 58.57
CA TYR C 27 35.27 -31.92 57.56
C TYR C 27 34.76 -31.12 56.36
N ALA C 28 35.41 -31.27 55.21
CA ALA C 28 35.13 -30.38 54.08
C ALA C 28 34.62 -31.13 52.85
N LYS C 29 33.60 -30.57 52.21
CA LYS C 29 33.02 -31.14 51.00
C LYS C 29 32.47 -30.01 50.16
N SER C 30 32.79 -29.98 48.87
CA SER C 30 32.19 -29.00 47.98
C SER C 30 30.73 -29.33 47.83
N LEU C 31 29.89 -28.28 47.80
CA LEU C 31 28.44 -28.41 47.57
C LEU C 31 28.02 -27.30 46.67
N ARG C 32 27.68 -27.61 45.41
CA ARG C 32 27.43 -26.59 44.38
C ARG C 32 28.64 -25.64 44.28
N ASN C 33 28.40 -24.35 44.34
CA ASN C 33 29.48 -23.42 44.00
C ASN C 33 30.31 -22.62 45.02
N GLY C 34 30.51 -22.97 46.28
CA GLY C 34 30.08 -24.17 46.95
C GLY C 34 31.14 -24.86 47.78
N GLN C 35 31.33 -24.44 49.02
CA GLN C 35 32.11 -25.23 49.98
C GLN C 35 31.36 -25.38 51.31
N LEU C 36 31.13 -26.61 51.73
CA LEU C 36 30.46 -26.89 52.99
C LEU C 36 31.49 -27.39 54.00
N ILE C 37 31.63 -26.68 55.12
CA ILE C 37 32.66 -27.04 56.10
C ILE C 37 32.02 -27.39 57.43
N GLY C 38 32.32 -28.60 57.90
CA GLY C 38 31.92 -29.05 59.22
C GLY C 38 33.03 -28.75 60.21
N ASN C 39 32.67 -28.44 61.45
CA ASN C 39 33.65 -27.98 62.40
C ASN C 39 33.33 -28.50 63.78
N ALA C 40 34.12 -29.48 64.23
CA ALA C 40 34.05 -29.93 65.61
C ALA C 40 34.63 -28.82 66.51
N VAL C 41 33.76 -27.97 67.02
CA VAL C 41 34.22 -26.86 67.82
C VAL C 41 34.61 -27.37 69.20
N SER C 42 33.93 -28.43 69.63
CA SER C 42 34.19 -29.13 70.88
C SER C 42 33.71 -30.58 70.80
N ALA C 43 33.61 -31.26 71.94
CA ALA C 43 33.02 -32.59 71.94
C ALA C 43 31.53 -32.45 71.93
N TYR C 44 31.07 -31.23 72.24
CA TYR C 44 29.66 -30.94 72.55
C TYR C 44 29.03 -29.94 71.55
N GLN C 45 29.78 -29.57 70.50
CA GLN C 45 29.32 -28.56 69.54
C GLN C 45 29.87 -28.77 68.13
N TYR C 46 28.98 -28.91 67.15
CA TYR C 46 29.37 -29.01 65.75
C TYR C 46 28.78 -27.85 64.98
N ASP C 47 29.62 -27.20 64.16
CA ASP C 47 29.27 -26.03 63.36
C ASP C 47 29.42 -26.30 61.86
N VAL C 48 28.30 -26.43 61.18
CA VAL C 48 28.31 -26.54 59.73
C VAL C 48 28.22 -25.17 59.06
N VAL C 49 29.17 -24.85 58.20
CA VAL C 49 29.08 -23.57 57.50
C VAL C 49 29.11 -23.71 55.98
N PHE C 50 28.29 -22.91 55.29
CA PHE C 50 28.33 -22.90 53.84
C PHE C 50 28.78 -21.61 53.20
N GLN C 51 29.91 -21.67 52.51
CA GLN C 51 30.45 -20.52 51.81
C GLN C 51 30.32 -20.71 50.32
N ASP C 52 29.42 -19.93 49.77
CA ASP C 52 29.15 -19.93 48.36
C ASP C 52 30.08 -18.96 47.71
N THR C 53 30.15 -18.99 46.39
CA THR C 53 30.83 -17.98 45.62
C THR C 53 29.78 -17.19 44.83
N ARG C 54 28.95 -17.88 44.05
CA ARG C 54 27.87 -17.23 43.31
C ARG C 54 26.73 -18.17 42.94
N TYR C 55 25.50 -17.68 43.01
CA TYR C 55 24.38 -18.32 42.31
C TYR C 55 24.12 -19.79 42.64
N SER C 56 24.56 -20.25 43.80
CA SER C 56 24.37 -21.63 44.21
C SER C 56 22.93 -21.97 44.52
N TYR C 57 22.13 -20.99 44.99
CA TYR C 57 20.77 -21.28 45.45
C TYR C 57 19.69 -20.37 44.91
N LEU C 58 20.09 -19.44 44.06
CA LEU C 58 19.18 -18.72 43.19
C LEU C 58 19.84 -18.61 41.83
N PRO C 59 19.10 -18.88 40.73
CA PRO C 59 19.65 -18.75 39.37
C PRO C 59 20.21 -17.36 39.09
N GLU C 60 21.30 -17.24 38.31
CA GLU C 60 21.82 -15.92 37.98
C GLU C 60 20.76 -15.08 37.28
N GLU C 61 19.83 -15.76 36.60
CA GLU C 61 18.87 -15.15 35.69
C GLU C 61 18.03 -14.11 36.37
N SER C 62 17.67 -14.31 37.62
CA SER C 62 17.04 -13.20 38.32
C SER C 62 18.09 -12.11 38.57
N ASN C 63 17.64 -10.94 38.94
CA ASN C 63 18.60 -9.84 39.07
C ASN C 63 18.85 -9.35 40.47
N GLN C 64 18.11 -9.94 41.42
CA GLN C 64 18.33 -9.75 42.86
C GLN C 64 19.80 -9.70 43.22
N ILE C 65 20.21 -8.70 43.99
CA ILE C 65 21.32 -8.93 44.88
C ILE C 65 20.77 -10.17 45.62
N ASP C 66 21.53 -11.25 45.57
CA ASP C 66 21.09 -12.62 45.84
C ASP C 66 21.56 -13.09 47.21
N PHE C 67 20.67 -13.59 48.05
CA PHE C 67 21.15 -14.05 49.35
C PHE C 67 20.69 -15.44 49.78
N GLN C 68 20.06 -16.19 48.89
CA GLN C 68 19.50 -17.48 49.24
C GLN C 68 20.54 -18.40 49.84
N SER C 69 21.79 -18.18 49.44
CA SER C 69 22.90 -19.05 49.81
C SER C 69 23.18 -18.96 51.28
N TYR C 70 22.65 -17.92 51.92
CA TYR C 70 22.90 -17.69 53.32
C TYR C 70 21.76 -18.14 54.19
N CYS C 71 20.67 -18.58 53.58
CA CYS C 71 19.48 -18.88 54.38
C CYS C 71 18.45 -19.82 53.77
N SER C 72 18.66 -20.30 52.55
CA SER C 72 17.57 -21.04 51.95
C SER C 72 17.43 -22.34 52.64
N PRO C 73 16.16 -22.79 52.84
CA PRO C 73 15.95 -24.08 53.50
C PRO C 73 16.56 -25.22 52.72
N LEU C 74 16.88 -25.02 51.44
CA LEU C 74 17.41 -26.13 50.67
C LEU C 74 18.80 -26.47 51.16
N VAL C 75 19.63 -25.46 51.39
CA VAL C 75 20.98 -25.71 51.90
C VAL C 75 20.96 -26.61 53.14
N ILE C 76 19.91 -26.48 53.94
CA ILE C 76 19.72 -27.27 55.15
C ILE C 76 19.44 -28.71 54.75
N LEU C 77 18.46 -28.90 53.87
CA LEU C 77 18.21 -30.22 53.28
C LEU C 77 19.52 -30.87 52.79
N HIS C 78 20.33 -30.10 52.10
CA HIS C 78 21.59 -30.60 51.59
C HIS C 78 22.59 -30.93 52.71
N ILE C 79 22.80 -30.01 53.64
CA ILE C 79 23.66 -30.31 54.77
C ILE C 79 23.22 -31.63 55.36
N CYS C 80 21.95 -31.79 55.71
CA CYS C 80 21.51 -33.08 56.26
C CYS C 80 21.96 -34.25 55.45
N ASN C 81 21.77 -34.18 54.15
CA ASN C 81 21.86 -35.37 53.35
C ASN C 81 23.28 -35.66 52.87
N GLU C 82 24.19 -34.73 53.14
CA GLU C 82 25.62 -35.00 52.98
C GLU C 82 26.25 -35.38 54.34
N PHE C 83 26.32 -34.40 55.22
CA PHE C 83 26.90 -34.59 56.52
C PHE C 83 26.16 -35.61 57.40
N PHE C 84 24.84 -35.62 57.41
CA PHE C 84 24.13 -36.35 58.46
C PHE C 84 23.17 -37.46 57.98
N LYS C 85 23.57 -38.15 56.90
CA LYS C 85 22.70 -39.11 56.22
C LYS C 85 22.14 -40.24 57.09
N GLU C 86 22.97 -40.76 57.98
CA GLU C 86 22.62 -41.90 58.81
C GLU C 86 21.67 -41.45 59.89
N LEU C 87 21.77 -40.17 60.26
CA LEU C 87 20.81 -39.57 61.17
C LEU C 87 19.42 -39.49 60.57
N LEU C 88 19.33 -39.53 59.24
CA LEU C 88 18.04 -39.47 58.56
C LEU C 88 17.49 -40.84 58.16
N GLN C 89 18.03 -41.90 58.74
CA GLN C 89 17.59 -43.26 58.47
C GLN C 89 16.19 -43.56 58.98
N GLU C 90 15.61 -44.65 58.46
CA GLU C 90 14.31 -45.15 58.87
C GLU C 90 14.34 -45.37 60.37
N LYS C 91 13.25 -45.02 61.03
CA LYS C 91 13.16 -44.92 62.49
C LYS C 91 13.63 -46.20 63.15
N GLN C 92 13.16 -47.32 62.61
CA GLN C 92 13.44 -48.64 63.15
C GLN C 92 14.93 -49.00 62.99
N THR C 93 15.40 -49.04 61.75
CA THR C 93 16.82 -49.25 61.43
C THR C 93 17.80 -48.47 62.28
N TYR C 94 17.56 -47.18 62.37
CA TYR C 94 18.46 -46.31 63.10
C TYR C 94 18.76 -46.79 64.48
N TRP C 95 17.73 -47.08 65.27
CA TRP C 95 17.97 -47.31 66.69
C TRP C 95 18.74 -48.62 67.01
N SER C 96 18.44 -49.67 66.27
CA SER C 96 19.04 -50.95 66.47
C SER C 96 20.30 -51.08 65.60
N GLN C 97 21.00 -49.96 65.45
CA GLN C 97 22.20 -49.90 64.63
C GLN C 97 23.42 -49.66 65.51
N GLN C 98 24.54 -50.29 65.16
CA GLN C 98 25.78 -50.20 65.95
C GLN C 98 26.51 -48.91 65.62
N ILE C 99 27.18 -48.33 66.61
CA ILE C 99 28.10 -47.26 66.27
C ILE C 99 29.44 -47.92 66.18
N LYS C 100 30.16 -47.63 65.10
CA LYS C 100 31.48 -48.17 64.93
C LYS C 100 32.31 -47.48 65.99
N TRP C 101 33.29 -48.22 66.53
CA TRP C 101 34.23 -47.78 67.56
C TRP C 101 33.65 -47.77 68.96
N LEU C 102 32.42 -48.22 69.12
CA LEU C 102 31.87 -48.20 70.47
C LEU C 102 31.24 -49.49 70.99
N GLU C 103 31.13 -50.54 70.18
CA GLU C 103 30.39 -51.76 70.56
C GLU C 103 29.09 -51.49 71.36
N ARG C 104 28.52 -50.31 71.17
CA ARG C 104 27.17 -50.04 71.68
C ARG C 104 26.30 -49.58 70.50
N THR C 105 24.98 -49.50 70.72
CA THR C 105 24.04 -49.18 69.65
C THR C 105 23.59 -47.74 69.80
N ARG C 106 22.88 -47.23 68.81
CA ARG C 106 22.43 -45.85 68.87
C ARG C 106 21.42 -45.69 69.98
N ALA C 107 20.62 -46.72 70.20
CA ALA C 107 19.66 -46.70 71.28
C ALA C 107 20.39 -46.61 72.63
N GLU C 108 21.65 -47.04 72.65
CA GLU C 108 22.45 -47.02 73.87
C GLU C 108 23.19 -45.69 74.08
N VAL C 109 23.52 -44.97 72.99
CA VAL C 109 24.32 -43.73 73.01
C VAL C 109 23.56 -42.40 72.78
N ASP C 110 22.62 -42.38 71.85
CA ASP C 110 21.91 -41.16 71.53
C ASP C 110 20.79 -40.84 72.52
N THR C 111 21.17 -40.41 73.72
CA THR C 111 20.26 -40.44 74.86
C THR C 111 20.35 -39.16 75.66
N TYR C 112 21.23 -38.26 75.23
CA TYR C 112 21.28 -36.91 75.77
C TYR C 112 20.48 -35.98 74.86
N PRO C 113 19.76 -34.97 75.42
CA PRO C 113 19.01 -34.02 74.61
C PRO C 113 19.92 -33.19 73.70
N CYS C 114 19.36 -32.69 72.58
CA CYS C 114 20.13 -32.00 71.52
C CYS C 114 19.50 -30.67 71.08
N THR C 115 20.35 -29.76 70.58
CA THR C 115 19.95 -28.41 70.17
C THR C 115 20.60 -27.98 68.85
N ILE C 116 19.80 -27.71 67.82
CA ILE C 116 20.34 -27.22 66.55
C ILE C 116 19.91 -25.77 66.37
N GLU C 117 20.87 -24.91 66.09
CA GLU C 117 20.61 -23.50 65.94
C GLU C 117 20.87 -23.12 64.48
N VAL C 118 19.83 -22.64 63.80
CA VAL C 118 19.93 -22.13 62.44
C VAL C 118 20.00 -20.64 62.46
N LYS C 119 21.14 -20.09 62.01
CA LYS C 119 21.42 -18.69 62.23
C LYS C 119 20.48 -17.78 61.44
N ASN C 120 19.99 -18.28 60.30
CA ASN C 120 19.22 -17.46 59.38
C ASN C 120 18.49 -18.35 58.37
N LEU C 121 17.17 -18.19 58.23
CA LEU C 121 16.38 -19.07 57.36
C LEU C 121 15.28 -18.32 56.64
N TYR C 122 15.05 -18.63 55.36
CA TYR C 122 14.10 -17.89 54.52
C TYR C 122 12.73 -18.58 54.45
N ALA C 123 11.69 -17.86 54.79
CA ALA C 123 10.38 -18.45 54.80
C ALA C 123 9.43 -17.43 54.27
N ASN C 124 9.38 -17.38 52.94
CA ASN C 124 8.57 -16.43 52.20
C ASN C 124 7.25 -17.05 51.89
N SER C 125 6.34 -16.92 52.85
CA SER C 125 5.14 -17.70 52.78
C SER C 125 4.08 -17.36 53.80
N THR C 126 2.91 -17.90 53.52
CA THR C 126 1.77 -17.85 54.40
C THR C 126 2.06 -18.53 55.72
N TRP C 127 3.03 -19.46 55.70
CA TRP C 127 3.38 -20.23 56.89
C TRP C 127 4.36 -19.48 57.76
N TYR C 128 4.74 -18.29 57.32
CA TYR C 128 5.46 -17.38 58.19
C TYR C 128 4.91 -16.00 57.93
N SER C 129 3.86 -15.72 58.69
CA SER C 129 3.14 -14.48 58.57
C SER C 129 3.68 -13.47 59.56
N LYS C 130 3.04 -13.38 60.72
CA LYS C 130 3.36 -12.26 61.57
C LYS C 130 4.11 -12.72 62.79
N GLY C 131 5.37 -13.07 62.52
CA GLY C 131 6.25 -13.68 63.48
C GLY C 131 5.76 -15.05 63.88
N HIS C 132 4.64 -15.46 63.29
CA HIS C 132 4.06 -16.74 63.66
C HIS C 132 4.48 -17.77 62.64
N PHE C 133 5.09 -18.85 63.11
CA PHE C 133 5.56 -19.90 62.23
C PHE C 133 4.61 -21.09 62.25
N MET C 134 4.15 -21.52 61.07
CA MET C 134 3.01 -22.43 60.99
C MET C 134 3.29 -23.74 61.66
N MET C 135 4.49 -24.25 61.45
CA MET C 135 4.81 -25.52 62.03
C MET C 135 5.00 -25.46 63.56
N GLU C 136 5.08 -24.25 64.12
CA GLU C 136 5.22 -24.10 65.57
C GLU C 136 3.95 -24.63 66.24
N ARG C 137 2.83 -24.46 65.56
CA ARG C 137 1.55 -24.92 66.06
C ARG C 137 1.56 -26.42 66.29
N TYR C 138 2.19 -27.16 65.39
CA TYR C 138 2.09 -28.62 65.39
C TYR C 138 3.37 -29.30 65.92
N PHE C 139 4.39 -28.50 66.20
CA PHE C 139 5.67 -29.02 66.67
C PHE C 139 6.28 -28.01 67.59
N LYS C 140 6.34 -28.32 68.86
CA LYS C 140 6.49 -27.26 69.83
C LYS C 140 7.92 -27.13 70.28
N ASN C 141 8.82 -27.80 69.57
CA ASN C 141 10.25 -27.63 69.82
C ASN C 141 10.79 -26.78 68.70
N ILE C 142 9.85 -26.19 67.98
CA ILE C 142 10.15 -25.21 66.98
C ILE C 142 10.18 -23.86 67.69
N HIS C 143 11.29 -23.13 67.57
CA HIS C 143 11.38 -21.83 68.23
C HIS C 143 11.92 -20.71 67.34
N ILE C 144 11.02 -19.82 66.92
CA ILE C 144 11.31 -18.76 65.96
C ILE C 144 11.73 -17.45 66.60
N THR C 145 12.72 -16.80 66.02
CA THR C 145 13.05 -15.43 66.38
C THR C 145 13.16 -14.65 65.09
N PRO C 146 12.16 -13.83 64.78
CA PRO C 146 12.16 -13.08 63.53
C PRO C 146 13.43 -12.25 63.37
N ILE C 147 13.92 -12.13 62.14
CA ILE C 147 15.06 -11.26 61.86
C ILE C 147 14.54 -10.03 61.17
N VAL C 148 14.12 -10.20 59.92
CA VAL C 148 13.57 -9.11 59.10
C VAL C 148 12.72 -9.66 57.98
N GLY C 149 11.49 -9.17 57.88
CA GLY C 149 10.68 -9.54 56.75
C GLY C 149 10.50 -11.04 56.68
N ASN C 150 11.08 -11.62 55.64
CA ASN C 150 10.90 -13.02 55.37
C ASN C 150 11.99 -13.92 55.97
N ASN C 151 12.81 -13.32 56.83
CA ASN C 151 13.89 -14.04 57.44
C ASN C 151 13.80 -14.10 58.96
N LEU C 152 14.26 -15.25 59.47
CA LEU C 152 14.19 -15.59 60.87
C LEU C 152 15.33 -16.53 61.22
N SER C 153 15.69 -16.56 62.50
CA SER C 153 16.58 -17.57 63.07
C SER C 153 15.72 -18.68 63.65
N LEU C 154 16.20 -19.91 63.56
CA LEU C 154 15.47 -21.06 64.05
C LEU C 154 16.16 -21.67 65.27
N ARG C 155 15.39 -22.33 66.12
CA ARG C 155 15.99 -23.14 67.16
C ARG C 155 15.18 -24.41 67.29
N VAL C 156 15.85 -25.55 67.11
CA VAL C 156 15.19 -26.86 67.08
C VAL C 156 15.74 -27.74 68.19
N GLU C 157 14.84 -28.35 68.99
CA GLU C 157 15.21 -29.16 70.17
C GLU C 157 14.67 -30.60 70.15
N GLY C 158 15.42 -31.56 70.68
CA GLY C 158 14.97 -32.96 70.72
C GLY C 158 15.43 -33.77 71.94
N LYS C 159 14.72 -34.87 72.26
CA LYS C 159 15.23 -35.86 73.22
C LYS C 159 16.56 -36.40 72.71
N SER C 160 16.52 -36.92 71.47
CA SER C 160 17.65 -37.51 70.75
C SER C 160 18.43 -36.47 69.95
N VAL C 161 19.60 -36.84 69.45
CA VAL C 161 20.16 -36.09 68.35
C VAL C 161 19.28 -36.44 67.17
N PHE C 162 18.90 -37.71 67.09
CA PHE C 162 18.09 -38.21 65.98
C PHE C 162 16.76 -37.47 65.89
N GLU C 163 16.17 -37.19 67.04
CA GLU C 163 14.90 -36.47 67.03
C GLU C 163 15.09 -35.06 66.50
N ALA C 164 16.18 -34.40 66.88
CA ALA C 164 16.37 -33.00 66.49
C ALA C 164 16.75 -32.91 65.01
N MET C 165 17.73 -33.70 64.60
CA MET C 165 18.14 -33.71 63.21
C MET C 165 16.93 -33.96 62.32
N ASN C 166 16.17 -35.01 62.63
CA ASN C 166 14.99 -35.34 61.85
C ASN C 166 13.86 -34.30 61.90
N LEU C 167 13.90 -33.41 62.90
CA LEU C 167 12.97 -32.30 62.94
C LEU C 167 13.49 -31.12 62.10
N LEU C 168 14.76 -30.75 62.26
CA LEU C 168 15.36 -29.75 61.38
C LEU C 168 15.13 -30.09 59.90
N SER C 169 15.20 -31.38 59.54
CA SER C 169 15.05 -31.78 58.15
C SER C 169 13.58 -31.60 57.72
N PHE C 170 12.66 -31.82 58.65
CA PHE C 170 11.24 -31.63 58.38
C PHE C 170 10.92 -30.15 58.19
N ILE C 171 11.55 -29.30 58.98
CA ILE C 171 11.40 -27.86 58.82
C ILE C 171 11.88 -27.45 57.44
N ALA C 172 13.04 -27.95 57.03
CA ALA C 172 13.60 -27.54 55.76
C ALA C 172 12.69 -27.91 54.59
N VAL C 173 12.32 -29.18 54.50
CA VAL C 173 11.51 -29.64 53.38
C VAL C 173 10.14 -28.96 53.29
N THR C 174 9.49 -28.70 54.43
CA THR C 174 8.18 -28.01 54.40
C THR C 174 8.34 -26.50 54.08
N THR C 175 9.33 -25.86 54.69
CA THR C 175 9.58 -24.46 54.41
C THR C 175 9.97 -24.27 52.96
N HIS C 176 10.74 -25.19 52.40
CA HIS C 176 11.15 -25.11 51.00
C HIS C 176 10.02 -25.28 50.01
N ILE C 177 9.10 -26.22 50.25
CA ILE C 177 8.06 -26.39 49.26
C ILE C 177 6.90 -25.41 49.45
N THR C 178 6.86 -24.70 50.58
CA THR C 178 5.82 -23.67 50.74
C THR C 178 6.33 -22.32 50.31
N ASN C 179 7.64 -22.14 50.39
CA ASN C 179 8.27 -20.90 49.97
C ASN C 179 8.05 -20.54 48.48
N THR C 180 8.03 -19.24 48.21
CA THR C 180 8.00 -18.78 46.84
C THR C 180 9.33 -18.08 46.63
N TYR C 181 10.04 -18.48 45.58
CA TYR C 181 11.40 -17.96 45.39
C TYR C 181 11.49 -16.96 44.25
N GLY C 182 10.37 -16.71 43.59
CA GLY C 182 10.35 -15.71 42.55
C GLY C 182 9.99 -16.31 41.22
N GLU C 183 10.38 -15.65 40.14
CA GLU C 183 10.12 -16.20 38.82
C GLU C 183 10.87 -17.52 38.65
N TYR C 184 11.97 -17.70 39.39
CA TYR C 184 12.85 -18.86 39.21
C TYR C 184 12.69 -19.94 40.29
N THR C 185 11.46 -20.08 40.80
CA THR C 185 11.06 -21.02 41.87
C THR C 185 11.55 -22.44 41.58
N TYR C 186 10.71 -23.27 40.94
CA TYR C 186 11.15 -24.56 40.44
C TYR C 186 11.43 -25.62 41.54
N ILE C 187 10.71 -26.74 41.45
CA ILE C 187 11.00 -27.90 42.27
C ILE C 187 11.32 -29.00 41.26
N ASP C 188 12.61 -29.18 41.01
CA ASP C 188 13.24 -30.36 40.36
C ASP C 188 12.37 -31.64 40.23
N ASP C 189 12.68 -32.49 39.26
CA ASP C 189 11.87 -33.69 39.00
C ASP C 189 12.47 -34.89 39.67
N HIS C 190 13.46 -34.64 40.52
CA HIS C 190 14.02 -35.66 41.38
C HIS C 190 13.87 -35.30 42.85
N PHE C 191 13.26 -34.14 43.11
CA PHE C 191 13.04 -33.69 44.47
C PHE C 191 12.17 -34.64 45.27
N ALA C 192 11.09 -35.10 44.66
CA ALA C 192 10.14 -35.89 45.42
C ALA C 192 10.74 -37.24 45.79
N GLN C 193 11.46 -37.88 44.88
CA GLN C 193 12.09 -39.14 45.24
C GLN C 193 13.10 -38.97 46.38
N LYS C 194 13.77 -37.83 46.39
CA LYS C 194 14.87 -37.58 47.33
C LYS C 194 14.41 -37.39 48.77
N TYR C 195 13.38 -36.58 48.96
CA TYR C 195 13.03 -36.03 50.29
C TYR C 195 11.69 -36.48 50.86
N ALA C 196 10.90 -37.20 50.07
CA ALA C 196 9.63 -37.71 50.55
C ALA C 196 9.70 -38.41 51.92
N ARG C 197 10.64 -39.34 52.13
CA ARG C 197 10.70 -40.00 53.42
C ARG C 197 10.84 -39.03 54.61
N ILE C 198 11.36 -37.83 54.40
CA ILE C 198 11.50 -36.88 55.51
C ILE C 198 10.18 -36.70 56.25
N LEU C 199 9.11 -36.46 55.51
CA LEU C 199 7.78 -36.35 56.06
C LEU C 199 7.34 -37.53 56.92
N THR C 200 7.88 -38.72 56.67
CA THR C 200 7.50 -39.87 57.48
C THR C 200 8.48 -40.22 58.60
N ASN C 201 9.57 -39.50 58.73
CA ASN C 201 10.52 -39.96 59.71
C ASN C 201 10.40 -39.28 61.06
N ILE C 202 9.40 -38.44 61.25
CA ILE C 202 9.07 -37.99 62.59
C ILE C 202 7.57 -38.11 62.77
N PRO C 203 7.11 -38.29 64.03
CA PRO C 203 5.70 -38.66 64.18
C PRO C 203 4.75 -37.47 64.26
N GLN C 204 3.45 -37.73 64.15
CA GLN C 204 2.42 -36.69 64.24
C GLN C 204 2.54 -35.57 63.24
N VAL C 205 2.90 -35.89 62.01
CA VAL C 205 2.82 -34.90 60.95
C VAL C 205 1.40 -34.89 60.44
N PRO C 206 0.80 -33.71 60.37
CA PRO C 206 -0.57 -33.49 59.88
C PRO C 206 -0.75 -33.86 58.42
N TYR C 207 -1.94 -34.32 58.08
CA TYR C 207 -2.31 -34.63 56.69
C TYR C 207 -1.99 -33.47 55.72
N PHE C 208 -2.36 -32.22 56.04
CA PHE C 208 -2.27 -31.17 55.01
C PHE C 208 -0.84 -30.95 54.54
N VAL C 209 0.14 -31.29 55.38
CA VAL C 209 1.53 -31.19 54.96
C VAL C 209 1.83 -32.15 53.81
N PHE C 210 1.44 -33.41 53.95
CA PHE C 210 1.51 -34.37 52.83
C PHE C 210 0.73 -33.91 51.60
N TYR C 211 -0.42 -33.30 51.82
CA TYR C 211 -1.20 -32.76 50.71
C TYR C 211 -0.35 -31.83 49.90
N LEU C 212 0.17 -30.79 50.56
CA LEU C 212 1.08 -29.84 49.89
C LEU C 212 2.25 -30.43 49.10
N PHE C 213 2.93 -31.38 49.73
CA PHE C 213 4.08 -32.04 49.15
C PHE C 213 3.72 -32.78 47.86
N ILE C 214 2.62 -33.51 47.89
CA ILE C 214 2.15 -34.13 46.69
C ILE C 214 1.84 -33.06 45.66
N LYS C 215 1.13 -32.04 46.10
CA LYS C 215 0.64 -31.07 45.14
C LYS C 215 1.73 -30.17 44.62
N ARG C 216 2.77 -29.90 45.41
CA ARG C 216 3.78 -28.93 45.00
C ARG C 216 5.13 -29.48 44.58
N ALA C 217 5.39 -30.73 44.91
CA ALA C 217 6.73 -31.29 44.76
C ALA C 217 6.74 -32.57 43.91
N ILE C 218 5.60 -33.21 43.78
CA ILE C 218 5.49 -34.38 42.91
C ILE C 218 5.05 -34.00 41.47
N LYS C 219 5.83 -34.39 40.46
CA LYS C 219 5.58 -33.85 39.11
C LYS C 219 4.87 -34.79 38.15
N SER C 220 4.89 -36.09 38.43
CA SER C 220 4.27 -37.07 37.54
C SER C 220 3.25 -37.94 38.27
N GLU C 221 2.33 -38.59 37.56
CA GLU C 221 1.46 -39.46 38.34
C GLU C 221 2.16 -40.80 38.60
N ARG C 222 3.33 -41.05 38.00
CA ARG C 222 3.98 -42.29 38.38
C ARG C 222 5.20 -42.09 39.24
N GLN C 223 5.68 -40.85 39.37
CA GLN C 223 6.59 -40.54 40.46
C GLN C 223 5.76 -40.67 41.73
N PHE C 224 4.56 -40.10 41.68
CA PHE C 224 3.56 -40.16 42.75
C PHE C 224 3.24 -41.59 43.12
N ALA C 225 3.12 -42.42 42.10
CA ALA C 225 2.64 -43.78 42.27
C ALA C 225 3.53 -44.59 43.20
N GLU C 226 4.80 -44.21 43.26
CA GLU C 226 5.76 -44.94 44.06
C GLU C 226 5.88 -44.41 45.48
N ILE C 227 5.48 -43.17 45.71
CA ILE C 227 5.55 -42.60 47.04
C ILE C 227 4.23 -42.82 47.82
N LYS C 228 3.11 -42.98 47.08
CA LYS C 228 1.82 -43.16 47.74
C LYS C 228 1.84 -44.27 48.78
N PRO C 229 2.27 -45.50 48.42
CA PRO C 229 2.32 -46.54 49.45
C PRO C 229 3.07 -46.12 50.70
N MET C 230 4.16 -45.37 50.54
CA MET C 230 5.02 -44.99 51.67
C MET C 230 4.24 -44.15 52.67
N PHE C 231 3.45 -43.20 52.13
CA PHE C 231 2.63 -42.27 52.90
C PHE C 231 1.45 -42.93 53.60
N GLU C 232 0.70 -43.74 52.85
CA GLU C 232 -0.49 -44.40 53.38
C GLU C 232 -0.08 -45.21 54.58
N ALA C 233 1.07 -45.87 54.47
CA ALA C 233 1.58 -46.69 55.54
C ALA C 233 1.84 -45.85 56.76
N TYR C 234 2.39 -44.65 56.56
CA TYR C 234 2.72 -43.77 57.66
C TYR C 234 1.51 -43.36 58.48
N PHE C 235 0.40 -43.11 57.80
CA PHE C 235 -0.82 -42.67 58.50
C PHE C 235 -1.57 -43.85 59.07
N LYS C 236 -1.30 -45.04 58.54
CA LYS C 236 -1.91 -46.25 59.06
C LYS C 236 -1.37 -46.48 60.47
N GLU C 237 -0.14 -46.06 60.73
CA GLU C 237 0.38 -46.24 62.06
C GLU C 237 0.20 -44.95 62.87
N GLU C 238 -0.81 -44.17 62.54
CA GLU C 238 -1.16 -43.02 63.36
C GLU C 238 -2.66 -43.02 63.55
N GLY C 239 -3.28 -44.13 63.17
CA GLY C 239 -4.71 -44.35 63.34
C GLY C 239 -5.56 -44.12 62.11
N LEU C 240 -5.10 -43.23 61.24
CA LEU C 240 -5.86 -42.75 60.09
C LEU C 240 -5.78 -43.58 58.80
N ASP C 241 -6.92 -44.02 58.27
CA ASP C 241 -6.93 -44.76 57.00
C ASP C 241 -7.09 -43.83 55.78
N ILE C 242 -5.98 -43.25 55.31
CA ILE C 242 -5.99 -42.23 54.23
C ILE C 242 -5.72 -42.77 52.83
N ASP C 243 -6.50 -42.34 51.84
CA ASP C 243 -6.22 -42.71 50.45
C ASP C 243 -5.85 -41.50 49.63
N PHE C 244 -4.55 -41.28 49.37
CA PHE C 244 -4.15 -40.06 48.65
C PHE C 244 -4.41 -40.12 47.14
N GLN C 245 -4.71 -38.97 46.56
CA GLN C 245 -4.83 -38.86 45.11
C GLN C 245 -3.93 -37.76 44.59
N PHE C 246 -3.48 -37.93 43.36
CA PHE C 246 -2.50 -37.02 42.79
C PHE C 246 -3.13 -35.66 42.49
N THR C 247 -4.12 -35.69 41.62
CA THR C 247 -4.91 -34.54 41.23
C THR C 247 -5.51 -33.67 42.34
N ASP C 248 -5.67 -32.38 42.05
CA ASP C 248 -6.38 -31.45 42.92
C ASP C 248 -7.77 -31.98 43.22
N THR C 249 -8.41 -31.40 44.24
CA THR C 249 -9.77 -31.82 44.52
C THR C 249 -10.59 -31.36 43.34
N HIS C 250 -10.53 -30.06 43.05
CA HIS C 250 -11.11 -29.50 41.84
C HIS C 250 -10.40 -30.23 40.76
N GLY C 251 -11.11 -30.87 39.86
CA GLY C 251 -10.38 -31.50 38.78
C GLY C 251 -10.45 -32.99 38.88
N SER C 252 -10.29 -33.51 40.10
CA SER C 252 -10.78 -34.87 40.35
C SER C 252 -12.29 -34.71 40.08
N ARG C 253 -12.82 -33.63 40.65
CA ARG C 253 -14.18 -33.17 40.45
C ARG C 253 -14.52 -33.02 38.96
N MET C 254 -13.74 -32.23 38.26
CA MET C 254 -13.97 -31.99 36.83
C MET C 254 -13.82 -33.29 36.03
N ASP C 255 -12.86 -34.15 36.38
CA ASP C 255 -12.68 -35.42 35.66
C ASP C 255 -13.93 -36.27 35.81
N PHE C 256 -14.43 -36.30 37.05
CA PHE C 256 -15.61 -37.06 37.40
C PHE C 256 -16.81 -36.57 36.63
N ILE C 257 -17.03 -35.26 36.62
CA ILE C 257 -18.22 -34.68 35.98
C ILE C 257 -18.26 -35.07 34.54
N VAL C 258 -17.14 -34.86 33.85
CA VAL C 258 -17.04 -35.17 32.45
C VAL C 258 -17.21 -36.66 32.21
N LYS C 259 -16.55 -37.49 33.00
CA LYS C 259 -16.76 -38.92 32.85
C LYS C 259 -18.24 -39.34 32.95
N GLU C 260 -18.96 -38.89 33.97
CA GLU C 260 -20.30 -39.41 34.18
C GLU C 260 -21.33 -38.89 33.16
N LEU C 261 -21.28 -37.59 32.89
CA LEU C 261 -22.30 -36.95 32.06
C LEU C 261 -22.17 -37.38 30.61
N GLY C 262 -20.92 -37.64 30.21
CA GLY C 262 -20.62 -38.06 28.87
C GLY C 262 -20.79 -36.89 27.94
N MET C 263 -20.88 -37.18 26.65
CA MET C 263 -20.92 -36.12 25.67
C MET C 263 -22.24 -36.13 24.94
N GLU C 264 -23.17 -36.92 25.45
CA GLU C 264 -24.33 -37.28 24.67
C GLU C 264 -25.49 -36.30 24.73
N TYR C 265 -25.67 -35.61 25.85
CA TYR C 265 -26.68 -34.56 25.92
C TYR C 265 -26.06 -33.19 26.07
N PRO C 266 -26.83 -32.15 25.68
CA PRO C 266 -26.34 -30.78 25.87
C PRO C 266 -26.18 -30.54 27.36
N ILE C 267 -25.30 -29.63 27.76
CA ILE C 267 -25.08 -29.44 29.18
C ILE C 267 -25.81 -28.20 29.68
N LEU C 268 -26.35 -28.29 30.89
CA LEU C 268 -26.96 -27.16 31.59
C LEU C 268 -26.04 -26.85 32.76
N ASP C 269 -25.33 -25.74 32.67
CA ASP C 269 -24.32 -25.38 33.67
C ASP C 269 -24.87 -24.29 34.57
N ILE C 270 -25.39 -24.68 35.73
CA ILE C 270 -25.90 -23.72 36.68
C ILE C 270 -24.78 -23.29 37.63
N GLY C 271 -24.59 -21.99 37.75
CA GLY C 271 -23.46 -21.44 38.49
C GLY C 271 -22.21 -21.74 37.70
N CYS C 272 -22.15 -21.24 36.48
CA CYS C 272 -21.10 -21.64 35.56
C CYS C 272 -19.78 -20.89 35.82
N GLY C 273 -19.84 -19.83 36.61
CA GLY C 273 -18.65 -19.09 37.00
C GLY C 273 -17.81 -18.64 35.83
N GLU C 274 -16.51 -18.87 35.86
CA GLU C 274 -15.66 -18.44 34.75
C GLU C 274 -15.65 -19.45 33.62
N LEU C 275 -16.66 -20.31 33.61
CA LEU C 275 -16.85 -21.32 32.58
C LEU C 275 -15.68 -22.29 32.34
N LYS C 276 -15.01 -22.71 33.40
CA LYS C 276 -13.93 -23.66 33.22
C LYS C 276 -14.55 -24.98 32.79
N TYR C 277 -15.81 -25.21 33.17
CA TYR C 277 -16.49 -26.43 32.80
C TYR C 277 -16.92 -26.41 31.34
N TYR C 278 -17.11 -25.21 30.82
CA TYR C 278 -17.39 -25.08 29.40
C TYR C 278 -16.14 -25.41 28.59
N ARG C 279 -15.00 -24.82 28.94
CA ARG C 279 -13.82 -24.97 28.08
C ARG C 279 -13.33 -26.39 28.11
N ARG C 280 -13.81 -27.17 29.09
CA ARG C 280 -13.42 -28.56 29.17
C ARG C 280 -14.24 -29.39 28.20
N PHE C 281 -15.55 -29.13 28.14
CA PHE C 281 -16.39 -29.93 27.27
C PHE C 281 -16.02 -29.66 25.80
N MET C 282 -15.21 -28.62 25.61
CA MET C 282 -14.78 -28.21 24.28
C MET C 282 -13.35 -28.65 23.91
N ARG C 283 -12.68 -29.41 24.76
CA ARG C 283 -11.50 -30.12 24.28
C ARG C 283 -11.91 -30.80 22.97
N ARG C 284 -11.11 -30.62 21.92
CA ARG C 284 -11.52 -31.11 20.62
C ARG C 284 -11.73 -32.64 20.60
N ASN C 285 -10.93 -33.37 21.38
CA ASN C 285 -11.07 -34.83 21.47
C ASN C 285 -12.50 -35.27 21.73
N TYR C 286 -13.26 -34.43 22.42
CA TYR C 286 -14.54 -34.84 22.99
C TYR C 286 -15.66 -34.80 21.96
N ASN C 287 -15.55 -33.89 21.00
CA ASN C 287 -16.55 -33.75 19.95
C ASN C 287 -17.93 -33.49 20.52
N TYR C 288 -18.08 -32.28 21.05
CA TYR C 288 -19.32 -31.81 21.64
C TYR C 288 -20.27 -31.29 20.55
N SER C 289 -21.28 -32.07 20.17
CA SER C 289 -22.17 -31.61 19.10
C SER C 289 -23.55 -31.13 19.62
N HIS C 290 -23.54 -30.17 20.53
CA HIS C 290 -24.78 -29.65 21.10
C HIS C 290 -24.61 -28.19 21.50
N PRO C 291 -25.73 -27.48 21.79
CA PRO C 291 -25.47 -26.20 22.43
C PRO C 291 -25.01 -26.41 23.88
N TYR C 292 -24.60 -25.33 24.51
CA TYR C 292 -24.17 -25.42 25.91
C TYR C 292 -24.82 -24.27 26.68
N PHE C 293 -25.72 -24.63 27.61
CA PHE C 293 -26.47 -23.62 28.34
C PHE C 293 -25.85 -23.31 29.68
N ALA C 294 -25.81 -22.03 30.03
CA ALA C 294 -25.20 -21.63 31.29
C ALA C 294 -25.91 -20.46 31.95
N THR C 295 -25.99 -20.54 33.27
CA THR C 295 -26.52 -19.50 34.14
C THR C 295 -25.50 -19.19 35.21
N ASP C 296 -25.36 -17.92 35.52
CA ASP C 296 -24.82 -17.57 36.81
C ASP C 296 -25.77 -16.50 37.29
N THR C 297 -26.11 -16.55 38.57
CA THR C 297 -27.03 -15.59 39.11
C THR C 297 -26.35 -14.23 39.12
N ASP C 298 -25.05 -14.23 39.41
CA ASP C 298 -24.19 -13.08 39.27
C ASP C 298 -24.07 -12.65 37.81
N LYS C 299 -24.61 -11.48 37.47
CA LYS C 299 -24.45 -11.01 36.11
C LYS C 299 -23.12 -10.22 35.96
N SER C 300 -22.02 -10.78 36.45
CA SER C 300 -20.69 -10.27 36.12
C SER C 300 -20.04 -11.27 35.19
N VAL C 301 -20.44 -12.52 35.37
CA VAL C 301 -20.25 -13.58 34.40
C VAL C 301 -21.04 -13.20 33.16
N GLY C 302 -22.20 -12.60 33.43
CA GLY C 302 -23.11 -12.13 32.41
C GLY C 302 -22.38 -11.40 31.31
N ASP C 303 -21.65 -10.34 31.66
CA ASP C 303 -20.89 -9.56 30.68
C ASP C 303 -19.73 -10.38 30.11
N TYR C 304 -19.11 -11.22 30.92
CA TYR C 304 -18.00 -12.02 30.40
C TYR C 304 -18.38 -13.03 29.32
N ALA C 305 -19.41 -13.85 29.57
CA ALA C 305 -19.87 -14.82 28.59
C ALA C 305 -20.32 -13.99 27.37
N ALA C 306 -21.10 -12.95 27.67
CA ALA C 306 -21.54 -11.93 26.69
C ALA C 306 -20.36 -11.11 26.15
N LEU C 307 -19.12 -11.53 26.41
CA LEU C 307 -17.93 -11.03 25.70
C LEU C 307 -17.44 -12.18 24.81
N LEU C 308 -18.32 -12.96 24.21
CA LEU C 308 -17.82 -13.90 23.25
C LEU C 308 -18.64 -14.35 21.95
N LYS C 309 -19.68 -13.69 21.35
CA LYS C 309 -20.01 -12.24 21.25
C LYS C 309 -18.94 -11.40 20.52
N GLU C 310 -17.68 -11.77 20.70
CA GLU C 310 -16.50 -11.08 20.18
C GLU C 310 -16.07 -11.84 18.92
N ARG C 311 -16.95 -12.79 18.58
CA ARG C 311 -16.81 -13.90 17.62
C ARG C 311 -16.02 -15.08 18.20
N MET C 312 -15.33 -14.88 19.32
CA MET C 312 -14.43 -15.92 19.87
C MET C 312 -15.09 -17.26 20.23
N GLU C 313 -16.23 -17.17 20.92
CA GLU C 313 -17.08 -18.33 21.16
C GLU C 313 -17.72 -18.67 19.81
N ALA C 314 -17.08 -19.60 19.10
CA ALA C 314 -17.62 -20.11 17.86
C ALA C 314 -18.30 -21.47 18.05
N ASP C 315 -19.63 -21.54 18.28
CA ASP C 315 -20.53 -20.52 18.89
C ASP C 315 -21.85 -21.11 19.46
N ASN C 316 -21.78 -22.17 20.28
CA ASN C 316 -22.96 -22.87 20.84
C ASN C 316 -23.40 -22.45 22.27
N LEU C 317 -22.83 -21.36 22.78
CA LEU C 317 -23.14 -20.87 24.11
C LEU C 317 -24.43 -20.08 24.12
N TYR C 318 -25.21 -20.29 25.16
CA TYR C 318 -26.29 -19.42 25.47
C TYR C 318 -26.30 -19.26 26.96
N PHE C 319 -25.85 -18.08 27.37
CA PHE C 319 -25.86 -17.67 28.76
C PHE C 319 -27.21 -17.04 29.01
N PHE C 320 -27.74 -17.23 30.21
CA PHE C 320 -28.92 -16.52 30.62
C PHE C 320 -28.84 -16.28 32.11
N SER C 321 -29.34 -15.12 32.52
CA SER C 321 -29.28 -14.70 33.91
C SER C 321 -30.70 -14.66 34.46
N ASP C 322 -31.65 -14.83 33.55
CA ASP C 322 -33.07 -14.89 33.86
C ASP C 322 -33.59 -16.28 33.46
N TRP C 323 -34.15 -17.01 34.41
CA TRP C 323 -34.59 -18.40 34.17
C TRP C 323 -35.79 -18.50 33.26
N THR C 324 -36.34 -17.34 32.90
CA THR C 324 -37.50 -17.29 32.03
C THR C 324 -37.06 -17.15 30.57
N ASP C 325 -35.75 -17.14 30.35
CA ASP C 325 -35.15 -17.00 29.03
C ASP C 325 -34.58 -18.34 28.54
N TYR C 326 -34.85 -19.37 29.31
CA TYR C 326 -34.40 -20.70 28.96
C TYR C 326 -35.60 -21.46 28.42
N GLU C 327 -35.61 -21.72 27.13
CA GLU C 327 -36.78 -22.36 26.54
C GLU C 327 -36.50 -23.72 25.93
N TYR C 328 -35.23 -24.10 25.79
CA TYR C 328 -34.86 -25.45 25.30
C TYR C 328 -35.71 -26.51 26.03
N LYS C 329 -36.45 -27.28 25.25
CA LYS C 329 -37.43 -28.22 25.80
C LYS C 329 -36.96 -29.67 25.74
N ASN C 330 -35.89 -29.93 25.00
CA ASN C 330 -35.31 -31.27 24.94
C ASN C 330 -34.45 -31.59 26.16
N PRO C 331 -34.05 -32.87 26.34
CA PRO C 331 -33.28 -33.28 27.53
C PRO C 331 -31.90 -32.68 27.62
N VAL C 332 -31.50 -32.34 28.85
CA VAL C 332 -30.14 -31.88 29.13
C VAL C 332 -29.48 -32.69 30.26
N ASN C 333 -28.15 -32.64 30.32
CA ASN C 333 -27.41 -33.07 31.50
C ASN C 333 -27.04 -31.80 32.20
N ILE C 334 -27.12 -31.81 33.52
CA ILE C 334 -27.14 -30.53 34.23
C ILE C 334 -26.11 -30.54 35.38
N ILE C 335 -25.25 -29.51 35.42
CA ILE C 335 -24.12 -29.42 36.37
C ILE C 335 -24.32 -28.39 37.48
N LEU C 336 -24.30 -28.86 38.72
CA LEU C 336 -24.53 -27.98 39.85
C LEU C 336 -23.35 -28.07 40.85
N THR C 337 -22.16 -27.71 40.36
CA THR C 337 -20.92 -27.88 41.12
C THR C 337 -20.55 -26.67 41.96
N GLU C 338 -20.55 -26.87 43.28
CA GLU C 338 -20.02 -25.89 44.21
C GLU C 338 -20.69 -24.54 44.08
N VAL C 339 -22.03 -24.55 44.06
CA VAL C 339 -22.78 -23.30 44.06
C VAL C 339 -23.96 -23.33 45.02
N ILE C 340 -24.39 -24.50 45.49
CA ILE C 340 -25.56 -24.48 46.35
C ILE C 340 -25.18 -24.04 47.76
N GLU C 341 -23.90 -23.80 47.98
CA GLU C 341 -23.44 -23.39 49.28
C GLU C 341 -22.82 -22.01 49.21
N HIS C 342 -23.00 -21.33 48.08
CA HIS C 342 -22.66 -19.92 47.90
C HIS C 342 -23.98 -19.15 47.86
N ASN C 343 -24.99 -19.71 48.51
CA ASN C 343 -26.24 -19.03 48.86
C ASN C 343 -27.05 -19.82 49.90
N THR C 344 -28.17 -19.23 50.33
CA THR C 344 -28.98 -19.73 51.44
C THR C 344 -29.46 -21.16 51.28
N PRO C 345 -29.57 -21.90 52.38
CA PRO C 345 -30.17 -23.24 52.33
C PRO C 345 -31.58 -23.23 51.75
N GLU C 346 -32.39 -22.28 52.21
CA GLU C 346 -33.72 -22.11 51.67
C GLU C 346 -33.61 -21.74 50.21
N ALA C 347 -32.54 -21.02 49.87
CA ALA C 347 -32.30 -20.60 48.49
C ALA C 347 -31.78 -21.78 47.70
N ALA C 348 -31.14 -22.71 48.41
CA ALA C 348 -30.61 -23.91 47.79
C ALA C 348 -31.75 -24.82 47.37
N GLU C 349 -32.63 -25.11 48.33
CA GLU C 349 -33.84 -25.91 48.08
C GLU C 349 -34.60 -25.41 46.85
N ALA C 350 -34.74 -24.09 46.75
CA ALA C 350 -35.49 -23.48 45.65
C ALA C 350 -34.85 -23.76 44.30
N LEU C 351 -33.52 -23.66 44.24
CA LEU C 351 -32.78 -23.88 43.00
C LEU C 351 -32.81 -25.36 42.63
N VAL C 352 -32.43 -26.24 43.56
CA VAL C 352 -32.40 -27.69 43.32
C VAL C 352 -33.75 -28.26 42.87
N LYS C 353 -34.81 -27.97 43.62
CA LYS C 353 -36.15 -28.41 43.26
C LYS C 353 -36.58 -27.99 41.86
N HIS C 354 -36.09 -26.83 41.42
CA HIS C 354 -36.37 -26.30 40.09
C HIS C 354 -35.70 -27.18 39.06
N CYS C 355 -34.43 -27.48 39.32
CA CYS C 355 -33.61 -28.27 38.41
C CYS C 355 -34.21 -29.66 38.24
N LEU C 356 -34.81 -30.18 39.31
CA LEU C 356 -35.45 -31.49 39.26
C LEU C 356 -36.77 -31.44 38.50
N SER C 357 -37.30 -30.23 38.34
CA SER C 357 -38.51 -30.05 37.55
C SER C 357 -38.19 -30.03 36.06
N LEU C 358 -37.09 -29.38 35.68
CA LEU C 358 -36.62 -29.29 34.29
C LEU C 358 -36.42 -30.62 33.61
N ASN C 359 -36.42 -30.61 32.28
CA ASN C 359 -36.27 -31.85 31.53
C ASN C 359 -34.82 -32.29 31.51
N PHE C 360 -34.44 -33.17 32.43
CA PHE C 360 -33.04 -33.58 32.53
C PHE C 360 -32.86 -35.09 32.42
N HIS C 361 -31.67 -35.52 32.02
CA HIS C 361 -31.27 -36.92 32.05
C HIS C 361 -30.53 -37.20 33.33
N LYS C 362 -29.33 -36.63 33.40
CA LYS C 362 -28.48 -36.72 34.56
C LYS C 362 -28.25 -35.32 35.15
N MET C 363 -28.30 -35.24 36.48
CA MET C 363 -27.83 -34.09 37.25
C MET C 363 -26.78 -34.50 38.28
N ILE C 364 -25.73 -33.69 38.41
CA ILE C 364 -24.71 -33.92 39.43
C ILE C 364 -24.63 -32.69 40.32
N ILE C 365 -24.80 -32.89 41.62
CA ILE C 365 -24.72 -31.75 42.51
C ILE C 365 -23.52 -31.95 43.38
N THR C 366 -22.82 -30.85 43.61
CA THR C 366 -21.53 -30.89 44.23
C THR C 366 -21.45 -29.86 45.33
N THR C 367 -21.16 -30.34 46.53
CA THR C 367 -20.96 -29.46 47.67
C THR C 367 -19.82 -29.98 48.53
N PRO C 368 -19.16 -29.09 49.25
CA PRO C 368 -18.17 -29.54 50.23
C PRO C 368 -18.76 -30.44 51.33
N ASN C 369 -17.91 -31.28 51.91
CA ASN C 369 -18.24 -32.11 53.07
C ASN C 369 -17.50 -31.55 54.27
N SER C 370 -18.25 -31.11 55.28
CA SER C 370 -17.66 -30.36 56.40
C SER C 370 -16.85 -31.23 57.34
N LEU C 371 -17.11 -32.53 57.33
CA LEU C 371 -16.35 -33.46 58.17
C LEU C 371 -14.88 -33.44 57.78
N PHE C 372 -14.58 -32.78 56.66
CA PHE C 372 -13.23 -32.79 56.15
C PHE C 372 -12.47 -31.53 56.54
N ASN C 373 -13.18 -30.45 56.87
CA ASN C 373 -12.53 -29.18 57.16
C ASN C 373 -11.55 -29.30 58.32
N LYS C 374 -11.76 -30.32 59.12
CA LYS C 374 -10.90 -30.52 60.29
C LYS C 374 -9.49 -30.93 59.92
N TYR C 375 -9.19 -31.00 58.62
CA TYR C 375 -7.88 -31.40 58.17
C TYR C 375 -7.26 -30.32 57.31
N TYR C 376 -7.31 -29.07 57.77
CA TYR C 376 -6.81 -27.94 57.00
C TYR C 376 -6.21 -26.86 57.91
N PHE C 377 -6.07 -25.65 57.39
CA PHE C 377 -5.42 -24.58 58.16
C PHE C 377 -6.11 -23.21 58.02
N HIS C 389 -18.91 -22.05 51.88
CA HIS C 389 -18.61 -20.64 52.12
C HIS C 389 -19.80 -19.83 52.71
N HIS C 390 -21.02 -20.34 52.54
CA HIS C 390 -22.25 -19.67 52.97
C HIS C 390 -22.83 -20.53 54.14
N PHE C 391 -22.94 -21.84 53.90
CA PHE C 391 -23.22 -22.86 54.92
C PHE C 391 -22.32 -24.04 54.57
N GLU C 392 -22.01 -24.92 55.52
CA GLU C 392 -21.31 -26.17 55.14
C GLU C 392 -21.82 -27.42 55.88
N TRP C 393 -22.19 -28.38 55.05
CA TRP C 393 -22.90 -29.60 55.41
C TRP C 393 -22.03 -30.85 55.61
N THR C 394 -22.45 -31.69 56.54
CA THR C 394 -21.85 -33.02 56.72
C THR C 394 -22.49 -33.94 55.67
N PRO C 395 -21.92 -35.13 55.42
CA PRO C 395 -22.61 -35.94 54.41
C PRO C 395 -24.03 -36.26 54.83
N GLN C 396 -24.23 -36.47 56.13
CA GLN C 396 -25.54 -36.72 56.70
C GLN C 396 -26.53 -35.62 56.36
N GLU C 397 -26.14 -34.36 56.62
CA GLU C 397 -26.97 -33.19 56.32
C GLU C 397 -27.34 -33.14 54.84
N PHE C 398 -26.35 -33.44 54.01
CA PHE C 398 -26.49 -33.31 52.58
C PHE C 398 -27.41 -34.38 52.01
N GLN C 399 -27.41 -35.58 52.60
CA GLN C 399 -28.20 -36.66 52.03
C GLN C 399 -29.65 -36.42 52.38
N ASP C 400 -29.85 -35.75 53.50
CA ASP C 400 -31.18 -35.43 53.97
C ASP C 400 -31.73 -34.28 53.13
N PHE C 401 -30.84 -33.43 52.62
CA PHE C 401 -31.27 -32.35 51.73
C PHE C 401 -31.77 -32.92 50.39
N ILE C 402 -31.04 -33.92 49.88
CA ILE C 402 -31.37 -34.51 48.61
C ILE C 402 -32.67 -35.32 48.78
N ARG C 403 -32.78 -36.02 49.91
CA ARG C 403 -33.97 -36.82 50.18
C ARG C 403 -35.20 -35.89 50.26
N HIS C 404 -35.01 -34.70 50.83
CA HIS C 404 -36.06 -33.67 50.98
C HIS C 404 -36.51 -33.15 49.61
N CYS C 405 -35.56 -33.05 48.68
CA CYS C 405 -35.81 -32.47 47.35
C CYS C 405 -36.29 -33.51 46.32
N VAL C 406 -35.98 -34.78 46.54
CA VAL C 406 -36.43 -35.79 45.60
C VAL C 406 -37.82 -36.30 45.97
N GLY C 407 -38.08 -36.48 47.27
CA GLY C 407 -39.42 -36.87 47.67
C GLY C 407 -40.01 -38.12 47.04
N ASP C 408 -41.21 -37.95 46.50
CA ASP C 408 -41.96 -39.03 45.86
C ASP C 408 -41.24 -39.69 44.70
N THR C 409 -40.44 -38.91 43.99
CA THR C 409 -40.10 -39.22 42.62
C THR C 409 -39.31 -40.51 42.45
N SER C 410 -39.34 -41.06 41.24
CA SER C 410 -38.68 -42.32 40.94
C SER C 410 -37.42 -42.02 40.13
N LEU C 411 -36.38 -41.68 40.87
CA LEU C 411 -35.09 -41.34 40.28
C LEU C 411 -34.06 -42.34 40.75
N GLU C 412 -32.90 -42.37 40.13
CA GLU C 412 -31.85 -43.16 40.70
C GLU C 412 -30.82 -42.21 41.26
N VAL C 413 -30.70 -42.22 42.58
CA VAL C 413 -29.80 -41.33 43.29
C VAL C 413 -28.63 -42.09 43.87
N THR C 414 -27.42 -41.71 43.48
CA THR C 414 -26.23 -42.40 43.97
C THR C 414 -25.21 -41.43 44.53
N TYR C 415 -24.67 -41.74 45.70
CA TYR C 415 -23.68 -40.87 46.33
C TYR C 415 -22.27 -41.39 46.13
N CYS C 416 -21.30 -40.47 46.18
CA CYS C 416 -19.89 -40.81 46.23
C CYS C 416 -19.05 -39.59 46.58
N GLY C 417 -17.91 -39.82 47.22
CA GLY C 417 -17.00 -38.76 47.59
C GLY C 417 -16.00 -38.46 46.48
N ILE C 418 -15.35 -37.31 46.53
CA ILE C 418 -14.41 -36.92 45.48
C ILE C 418 -13.19 -36.25 46.10
N GLY C 419 -12.00 -36.79 45.84
CA GLY C 419 -10.78 -36.23 46.41
C GLY C 419 -10.08 -37.22 47.33
N ASP C 420 -9.06 -36.76 48.04
CA ASP C 420 -8.34 -37.64 48.95
C ASP C 420 -9.33 -38.20 49.98
N ARG C 421 -9.18 -39.45 50.39
CA ARG C 421 -10.14 -40.07 51.32
C ARG C 421 -9.52 -40.41 52.70
N ILE C 422 -9.84 -39.60 53.71
CA ILE C 422 -9.41 -39.83 55.10
C ILE C 422 -10.54 -40.43 55.94
N ASN C 423 -10.29 -41.61 56.51
CA ASN C 423 -11.31 -42.34 57.25
C ASN C 423 -12.62 -42.35 56.53
N GLY C 424 -12.56 -42.53 55.21
CA GLY C 424 -13.74 -42.69 54.41
C GLY C 424 -14.37 -41.39 54.02
N GLU C 425 -13.87 -40.29 54.54
CA GLU C 425 -14.49 -39.02 54.19
C GLU C 425 -13.63 -38.20 53.23
N THR C 426 -14.25 -37.63 52.19
CA THR C 426 -13.54 -36.83 51.16
C THR C 426 -13.87 -35.36 51.27
N PRO C 427 -13.13 -34.48 50.56
CA PRO C 427 -13.43 -33.06 50.78
C PRO C 427 -14.65 -32.55 50.03
N THR C 428 -14.98 -33.21 48.94
CA THR C 428 -16.12 -32.79 48.14
C THR C 428 -17.06 -33.97 48.10
N GLN C 429 -18.37 -33.71 48.19
CA GLN C 429 -19.32 -34.80 48.06
C GLN C 429 -20.29 -34.55 46.92
N ALA C 430 -20.83 -35.62 46.38
CA ALA C 430 -21.57 -35.49 45.15
C ALA C 430 -22.72 -36.48 45.06
N VAL C 431 -23.71 -36.09 44.27
CA VAL C 431 -24.82 -36.95 43.95
C VAL C 431 -24.94 -37.03 42.44
N VAL C 432 -25.36 -38.19 41.97
CA VAL C 432 -25.78 -38.33 40.59
C VAL C 432 -27.25 -38.78 40.51
N ILE C 433 -28.11 -37.84 40.14
CA ILE C 433 -29.54 -38.07 40.01
C ILE C 433 -29.88 -38.42 38.56
N THR C 434 -30.59 -39.53 38.39
CA THR C 434 -30.81 -40.15 37.08
C THR C 434 -32.29 -40.45 36.83
N ARG C 435 -32.79 -40.11 35.63
CA ARG C 435 -34.18 -40.40 35.26
C ARG C 435 -34.34 -41.77 34.63
N SER D 2 -15.80 -24.51 -33.60
CA SER D 2 -14.49 -25.14 -33.67
C SER D 2 -13.80 -25.16 -32.32
N ALA D 3 -12.59 -25.70 -32.30
CA ALA D 3 -11.73 -25.55 -31.15
C ALA D 3 -10.43 -24.97 -31.67
N LYS D 4 -10.04 -25.40 -32.87
CA LYS D 4 -8.83 -24.90 -33.52
C LYS D 4 -8.99 -23.42 -33.65
N ASN D 5 -10.26 -23.05 -33.78
CA ASN D 5 -10.62 -21.78 -34.33
C ASN D 5 -11.65 -21.03 -33.49
N ASN D 6 -11.57 -21.23 -32.18
CA ASN D 6 -12.44 -20.56 -31.20
C ASN D 6 -11.62 -19.89 -30.09
N THR D 7 -10.30 -19.95 -30.24
CA THR D 7 -9.34 -19.63 -29.18
C THR D 7 -9.73 -18.45 -28.30
N HIS D 8 -9.54 -18.60 -26.99
CA HIS D 8 -10.05 -17.61 -26.04
C HIS D 8 -8.90 -16.89 -25.37
N HIS D 9 -9.09 -15.63 -25.00
CA HIS D 9 -7.95 -14.98 -24.38
C HIS D 9 -8.29 -14.50 -22.98
N PHE D 10 -7.25 -14.55 -22.14
CA PHE D 10 -7.34 -14.37 -20.69
C PHE D 10 -6.27 -13.41 -20.19
N PRO D 11 -6.52 -12.76 -19.03
CA PRO D 11 -5.55 -11.81 -18.48
C PRO D 11 -4.22 -12.48 -18.20
N LYS D 12 -3.13 -11.74 -18.26
CA LYS D 12 -1.88 -12.35 -17.84
C LYS D 12 -1.60 -12.01 -16.36
N LEU D 13 -1.05 -13.00 -15.64
CA LEU D 13 -0.45 -12.78 -14.30
C LEU D 13 1.04 -13.04 -14.38
N LEU D 14 1.83 -12.04 -14.01
CA LEU D 14 3.28 -12.13 -14.08
C LEU D 14 3.91 -12.25 -12.70
N ILE D 15 4.69 -13.30 -12.51
CA ILE D 15 5.29 -13.49 -11.20
C ILE D 15 6.78 -13.20 -11.20
N LEU D 16 7.18 -12.32 -10.28
CA LEU D 16 8.55 -11.85 -10.18
C LEU D 16 9.38 -12.58 -9.12
N VAL D 17 10.22 -13.51 -9.57
CA VAL D 17 10.94 -14.38 -8.65
C VAL D 17 12.39 -13.99 -8.50
N GLY D 18 12.75 -13.58 -7.30
CA GLY D 18 14.11 -13.16 -7.03
C GLY D 18 14.22 -12.82 -5.57
N ALA D 19 15.44 -12.91 -5.07
CA ALA D 19 15.72 -12.50 -3.73
C ALA D 19 15.62 -11.01 -3.73
N PRO D 20 15.36 -10.40 -2.57
CA PRO D 20 15.41 -8.94 -2.40
C PRO D 20 16.75 -8.34 -2.86
N GLY D 21 16.66 -7.35 -3.75
CA GLY D 21 17.80 -6.63 -4.31
C GLY D 21 18.00 -6.97 -5.76
N SER D 22 17.21 -7.91 -6.24
CA SER D 22 17.39 -8.46 -7.58
C SER D 22 16.67 -7.67 -8.67
N GLY D 23 16.08 -6.54 -8.28
CA GLY D 23 15.44 -5.65 -9.22
C GLY D 23 14.01 -6.02 -9.58
N LYS D 24 13.30 -6.66 -8.65
CA LYS D 24 11.89 -6.96 -8.85
C LYS D 24 11.05 -5.70 -9.05
N SER D 25 11.07 -4.80 -8.07
CA SER D 25 10.36 -3.52 -8.18
C SER D 25 10.84 -2.71 -9.38
N THR D 26 12.14 -2.44 -9.42
CA THR D 26 12.74 -1.57 -10.44
C THR D 26 12.33 -1.97 -11.85
N PHE D 27 12.15 -3.26 -12.07
CA PHE D 27 11.65 -3.74 -13.34
C PHE D 27 10.17 -3.36 -13.49
N ALA D 28 9.36 -3.75 -12.52
CA ALA D 28 7.93 -3.46 -12.53
C ALA D 28 7.69 -1.96 -12.77
N ARG D 29 8.56 -1.12 -12.20
CA ARG D 29 8.39 0.31 -12.38
C ARG D 29 8.52 0.67 -13.84
N TYR D 30 9.45 0.05 -14.56
CA TYR D 30 9.54 0.31 -15.99
C TYR D 30 8.45 -0.39 -16.77
N PHE D 31 7.97 -1.51 -16.23
CA PHE D 31 7.02 -2.36 -16.95
C PHE D 31 5.64 -1.73 -17.06
N ILE D 32 5.02 -1.39 -15.95
CA ILE D 32 3.66 -0.88 -15.99
C ILE D 32 3.60 0.49 -16.64
N ARG D 33 4.76 1.03 -17.02
CA ARG D 33 4.78 2.32 -17.67
C ARG D 33 4.84 2.15 -19.17
N THR D 34 5.37 1.02 -19.64
CA THR D 34 5.50 0.84 -21.07
C THR D 34 4.57 -0.23 -21.66
N GLU D 35 4.25 -1.29 -20.92
CA GLU D 35 3.23 -2.22 -21.42
C GLU D 35 1.91 -1.65 -20.99
N ASP D 36 0.79 -2.28 -21.33
CA ASP D 36 -0.40 -1.45 -21.35
C ASP D 36 -1.57 -1.77 -20.40
N ASN D 37 -1.98 -3.02 -20.24
CA ASN D 37 -3.14 -3.19 -19.37
C ASN D 37 -2.79 -3.67 -17.96
N TRP D 38 -1.94 -2.93 -17.24
CA TRP D 38 -1.32 -3.55 -16.05
C TRP D 38 -1.41 -2.75 -14.77
N VAL D 39 -1.84 -3.45 -13.72
CA VAL D 39 -1.80 -2.96 -12.34
C VAL D 39 -0.87 -3.89 -11.56
N ARG D 40 -0.04 -3.30 -10.68
CA ARG D 40 0.86 -4.06 -9.82
C ARG D 40 0.20 -4.28 -8.47
N VAL D 41 0.32 -5.47 -7.91
CA VAL D 41 -0.14 -5.68 -6.55
C VAL D 41 1.08 -5.96 -5.72
N ASN D 42 1.17 -5.36 -4.54
CA ASN D 42 2.40 -5.59 -3.77
C ASN D 42 2.23 -5.73 -2.29
N ARG D 43 2.77 -6.80 -1.72
CA ARG D 43 2.53 -7.14 -0.32
C ARG D 43 3.03 -6.05 0.62
N ASP D 44 4.26 -5.60 0.42
CA ASP D 44 4.86 -4.60 1.28
C ASP D 44 3.98 -3.37 1.44
N ASP D 45 3.42 -2.89 0.34
CA ASP D 45 2.62 -1.70 0.37
C ASP D 45 1.39 -1.93 1.26
N PHE D 46 0.83 -3.14 1.24
CA PHE D 46 -0.22 -3.51 2.22
C PHE D 46 0.20 -3.40 3.69
N ARG D 47 1.46 -3.74 3.96
CA ARG D 47 2.00 -3.60 5.30
C ARG D 47 1.89 -2.15 5.74
N LEU D 48 2.32 -1.24 4.88
CA LEU D 48 2.32 0.18 5.22
C LEU D 48 0.94 0.67 5.56
N MET D 49 -0.09 0.09 4.98
CA MET D 49 -1.44 0.49 5.37
C MET D 49 -1.69 0.22 6.86
N GLN D 50 -1.01 -0.78 7.42
CA GLN D 50 -1.16 -1.12 8.83
C GLN D 50 -0.11 -0.39 9.67
N PHE D 51 0.64 0.45 8.96
CA PHE D 51 1.73 1.26 9.49
C PHE D 51 2.90 0.41 9.93
N GLY D 52 2.99 -0.79 9.39
CA GLY D 52 4.10 -1.66 9.68
C GLY D 52 5.14 -1.43 8.61
N ASP D 53 6.39 -1.41 9.04
CA ASP D 53 7.47 -1.11 8.13
C ASP D 53 7.92 -2.40 7.48
N SER D 54 8.12 -3.40 8.32
CA SER D 54 8.45 -4.74 7.88
C SER D 54 7.63 -5.74 8.65
N LEU D 55 7.74 -7.01 8.20
CA LEU D 55 6.99 -8.17 8.71
C LEU D 55 6.28 -7.99 10.03
N MET D 56 4.99 -8.28 10.06
CA MET D 56 4.26 -7.99 11.26
C MET D 56 3.74 -9.26 11.86
N SER D 57 2.96 -9.07 12.93
CA SER D 57 2.17 -10.10 13.57
C SER D 57 1.58 -11.11 12.60
N PRO D 58 1.52 -12.38 13.01
CA PRO D 58 0.86 -13.44 12.27
C PRO D 58 -0.59 -13.10 12.00
N PHE D 59 -1.20 -12.27 12.85
CA PHE D 59 -2.53 -11.72 12.60
C PHE D 59 -2.58 -10.91 11.30
N TYR D 60 -2.01 -9.71 11.36
CA TYR D 60 -1.94 -8.86 10.19
C TYR D 60 -1.51 -9.63 8.98
N GLU D 61 -0.52 -10.50 9.15
CA GLU D 61 0.07 -11.18 8.01
C GLU D 61 -0.89 -12.11 7.26
N GLU D 62 -1.64 -12.98 7.93
CA GLU D 62 -2.60 -13.77 7.18
C GLU D 62 -3.64 -12.84 6.57
N ARG D 63 -4.05 -11.83 7.33
CA ARG D 63 -5.07 -10.91 6.84
C ARG D 63 -4.55 -10.14 5.63
N ILE D 64 -3.31 -9.67 5.69
CA ILE D 64 -2.73 -9.01 4.52
C ILE D 64 -2.84 -9.90 3.27
N THR D 65 -2.60 -11.19 3.43
CA THR D 65 -2.76 -12.09 2.31
C THR D 65 -4.15 -12.14 1.76
N LYS D 66 -5.15 -12.24 2.63
CA LYS D 66 -6.50 -12.45 2.15
C LYS D 66 -6.88 -11.24 1.32
N MET D 67 -6.33 -10.07 1.67
CA MET D 67 -6.46 -8.89 0.83
C MET D 67 -5.70 -9.03 -0.49
N VAL D 68 -4.43 -9.41 -0.45
CA VAL D 68 -3.66 -9.57 -1.69
C VAL D 68 -4.30 -10.48 -2.73
N GLU D 69 -4.72 -11.69 -2.37
CA GLU D 69 -5.27 -12.57 -3.40
C GLU D 69 -6.66 -12.06 -3.84
N ALA D 70 -7.45 -11.55 -2.90
CA ALA D 70 -8.73 -10.93 -3.23
C ALA D 70 -8.60 -9.76 -4.20
N SER D 71 -7.43 -9.11 -4.21
CA SER D 71 -7.15 -8.01 -5.13
C SER D 71 -6.65 -8.53 -6.47
N VAL D 72 -5.69 -9.46 -6.43
CA VAL D 72 -5.15 -10.01 -7.66
C VAL D 72 -6.28 -10.64 -8.45
N ILE D 73 -7.24 -11.25 -7.76
CA ILE D 73 -8.34 -11.93 -8.43
C ILE D 73 -9.37 -10.92 -8.92
N ALA D 74 -9.72 -9.95 -8.09
CA ALA D 74 -10.61 -8.88 -8.53
C ALA D 74 -10.11 -8.25 -9.82
N LEU D 75 -8.81 -8.04 -9.93
CA LEU D 75 -8.26 -7.42 -11.12
C LEU D 75 -8.29 -8.38 -12.29
N LEU D 76 -7.96 -9.64 -12.03
CA LEU D 76 -7.91 -10.66 -13.08
C LEU D 76 -9.32 -10.87 -13.63
N LYS D 77 -10.29 -11.00 -12.73
CA LYS D 77 -11.68 -11.17 -13.13
C LYS D 77 -12.12 -10.01 -14.03
N ASN D 78 -11.62 -8.81 -13.75
CA ASN D 78 -11.96 -7.62 -14.50
C ASN D 78 -11.26 -7.56 -15.87
N ARG D 79 -10.65 -8.68 -16.24
CA ARG D 79 -9.87 -8.80 -17.47
C ARG D 79 -8.75 -7.76 -17.54
N THR D 80 -8.17 -7.48 -16.38
CA THR D 80 -7.04 -6.56 -16.29
C THR D 80 -5.81 -7.37 -15.93
N ASN D 81 -4.66 -7.10 -16.56
CA ASN D 81 -3.43 -7.85 -16.25
C ASN D 81 -2.76 -7.46 -14.93
N VAL D 82 -2.28 -8.46 -14.20
CA VAL D 82 -1.68 -8.25 -12.87
C VAL D 82 -0.20 -8.64 -12.79
N ILE D 83 0.66 -7.79 -12.21
CA ILE D 83 2.05 -8.17 -11.95
C ILE D 83 2.29 -8.25 -10.44
N ILE D 84 2.92 -9.32 -9.93
CA ILE D 84 3.24 -9.43 -8.49
C ILE D 84 4.62 -9.99 -8.25
N ASP D 85 5.23 -9.53 -7.17
CA ASP D 85 6.45 -10.13 -6.71
C ASP D 85 6.08 -11.50 -6.15
N ALA D 86 6.86 -12.52 -6.47
CA ALA D 86 6.69 -13.83 -5.85
C ALA D 86 6.74 -13.65 -4.35
N THR D 87 5.96 -14.45 -3.65
CA THR D 87 5.87 -14.20 -2.23
C THR D 87 7.16 -14.66 -1.52
N ASN D 88 7.29 -15.96 -1.29
CA ASN D 88 8.41 -16.49 -0.51
C ASN D 88 9.68 -16.84 -1.31
N SER D 89 9.59 -16.81 -2.63
CA SER D 89 10.71 -17.08 -3.56
C SER D 89 11.19 -18.56 -3.57
N SER D 90 10.77 -19.34 -2.57
CA SER D 90 10.95 -20.82 -2.57
C SER D 90 10.48 -21.62 -3.75
N LEU D 91 9.74 -22.67 -3.38
CA LEU D 91 9.11 -23.59 -4.29
C LEU D 91 7.64 -23.73 -3.96
N ARG D 92 7.31 -23.98 -2.70
CA ARG D 92 5.94 -24.39 -2.43
C ARG D 92 4.96 -23.22 -2.36
N SER D 93 5.41 -22.08 -1.86
CA SER D 93 4.56 -20.88 -1.88
C SER D 93 4.42 -20.41 -3.31
N LEU D 94 5.49 -20.61 -4.07
CA LEU D 94 5.47 -20.38 -5.52
C LEU D 94 4.42 -21.28 -6.16
N GLN D 95 4.21 -22.46 -5.59
CA GLN D 95 3.15 -23.33 -6.07
C GLN D 95 1.80 -22.82 -5.60
N ASP D 96 1.70 -22.45 -4.31
CA ASP D 96 0.44 -21.96 -3.75
C ASP D 96 -0.11 -20.82 -4.58
N MET D 97 0.80 -19.96 -5.06
CA MET D 97 0.45 -18.86 -5.93
C MET D 97 -0.22 -19.41 -7.19
N VAL D 98 0.50 -20.27 -7.92
CA VAL D 98 -0.02 -20.80 -9.18
C VAL D 98 -1.29 -21.58 -8.97
N HIS D 99 -1.39 -22.22 -7.80
CA HIS D 99 -2.62 -22.92 -7.45
C HIS D 99 -3.78 -21.91 -7.33
N THR D 100 -3.70 -21.02 -6.34
CA THR D 100 -4.67 -19.95 -6.13
C THR D 100 -5.16 -19.25 -7.41
N TYR D 101 -4.22 -18.86 -8.27
CA TYR D 101 -4.51 -17.97 -9.38
C TYR D 101 -4.63 -18.54 -10.79
N THR D 102 -4.42 -19.83 -11.03
CA THR D 102 -4.29 -20.17 -12.46
C THR D 102 -5.63 -20.34 -13.18
N GLU D 103 -6.72 -20.48 -12.41
CA GLU D 103 -8.09 -20.46 -12.98
C GLU D 103 -8.39 -19.16 -13.73
N TYR D 104 -7.70 -18.11 -13.34
CA TYR D 104 -8.10 -16.77 -13.69
C TYR D 104 -7.19 -16.18 -14.76
N ALA D 105 -6.01 -16.75 -14.96
CA ALA D 105 -5.05 -16.14 -15.88
C ALA D 105 -3.92 -17.02 -16.42
N ASP D 106 -3.39 -16.59 -17.56
CA ASP D 106 -2.17 -17.15 -18.11
C ASP D 106 -1.05 -16.70 -17.19
N ILE D 107 -0.49 -17.63 -16.42
CA ILE D 107 0.62 -17.28 -15.54
C ILE D 107 1.97 -17.33 -16.27
N SER D 108 2.86 -16.38 -16.00
CA SER D 108 4.23 -16.42 -16.53
C SER D 108 5.19 -15.87 -15.51
N PHE D 109 6.50 -16.11 -15.70
CA PHE D 109 7.51 -15.72 -14.71
C PHE D 109 8.71 -14.98 -15.26
N LYS D 110 9.24 -14.03 -14.51
CA LYS D 110 10.58 -13.53 -14.79
C LYS D 110 11.49 -13.72 -13.57
N VAL D 111 12.56 -14.50 -13.71
CA VAL D 111 13.46 -14.70 -12.58
C VAL D 111 14.58 -13.66 -12.55
N PHE D 112 14.87 -13.19 -11.35
CA PHE D 112 15.92 -12.23 -11.16
C PHE D 112 16.96 -12.92 -10.32
N ASP D 113 17.80 -13.69 -10.98
CA ASP D 113 18.73 -14.52 -10.25
C ASP D 113 20.14 -13.98 -10.40
N LEU D 114 20.50 -12.97 -9.61
CA LEU D 114 21.87 -12.50 -9.61
C LEU D 114 22.48 -12.72 -8.22
N PRO D 115 23.83 -12.89 -8.15
CA PRO D 115 24.65 -13.29 -7.00
C PRO D 115 24.53 -12.59 -5.62
N VAL D 116 24.83 -13.39 -4.60
CA VAL D 116 24.60 -13.11 -3.18
C VAL D 116 25.48 -12.02 -2.58
N GLU D 117 26.68 -11.84 -3.11
CA GLU D 117 27.59 -10.91 -2.45
C GLU D 117 27.40 -9.46 -2.88
N GLU D 118 26.96 -9.19 -4.11
CA GLU D 118 26.41 -7.87 -4.43
C GLU D 118 24.92 -7.97 -4.78
N LEU D 119 24.26 -8.90 -4.13
CA LEU D 119 22.86 -8.71 -3.79
C LEU D 119 22.92 -7.94 -2.50
N VAL D 120 24.00 -8.14 -1.75
CA VAL D 120 24.22 -7.36 -0.55
C VAL D 120 24.61 -5.92 -0.91
N LYS D 121 25.36 -5.74 -2.00
CA LYS D 121 25.82 -4.40 -2.41
C LYS D 121 24.73 -3.55 -3.08
N ARG D 122 23.57 -4.13 -3.36
CA ARG D 122 22.43 -3.31 -3.75
C ARG D 122 21.31 -3.34 -2.71
N CYS D 123 21.35 -4.30 -1.78
CA CYS D 123 20.54 -4.25 -0.56
C CYS D 123 21.17 -3.33 0.47
N ASP D 124 22.50 -3.29 0.48
CA ASP D 124 23.15 -2.23 1.22
C ASP D 124 23.50 -1.11 0.22
N LYS D 125 22.45 -0.55 -0.39
CA LYS D 125 22.41 0.83 -0.87
C LYS D 125 20.90 1.14 -1.02
N ARG D 126 20.08 0.09 -0.87
CA ARG D 126 18.67 0.36 -0.76
C ARG D 126 18.32 0.57 0.73
N CYS D 127 19.02 -0.11 1.66
CA CYS D 127 18.87 0.13 3.11
C CYS D 127 19.58 1.34 3.76
N GLU D 128 19.89 2.42 3.02
CA GLU D 128 20.20 3.73 3.66
C GLU D 128 19.52 4.97 3.04
N GLN D 129 18.80 4.84 1.91
CA GLN D 129 17.99 5.95 1.42
C GLN D 129 16.94 6.19 2.47
N THR D 130 16.24 5.10 2.71
CA THR D 130 15.37 4.95 3.86
C THR D 130 16.18 4.42 5.02
N GLY D 131 15.50 3.72 5.93
CA GLY D 131 16.17 3.04 7.01
C GLY D 131 16.52 1.63 6.57
N LYS D 132 15.80 0.64 7.11
CA LYS D 132 15.97 -0.80 6.82
C LYS D 132 17.29 -1.37 7.21
N PHE D 133 17.29 -2.69 7.23
CA PHE D 133 18.51 -3.46 7.19
C PHE D 133 18.11 -4.82 6.71
N ILE D 134 18.96 -5.44 5.91
CA ILE D 134 18.72 -6.81 5.55
C ILE D 134 20.03 -7.57 5.79
N PRO D 135 20.02 -8.50 6.77
CA PRO D 135 21.29 -9.15 7.10
C PRO D 135 21.73 -10.00 5.93
N LYS D 136 23.03 -10.17 5.73
CA LYS D 136 23.52 -10.94 4.59
C LYS D 136 23.36 -12.41 5.00
N SER D 137 22.52 -12.57 6.02
CA SER D 137 21.91 -13.81 6.47
C SER D 137 20.54 -13.96 5.82
N ALA D 138 19.64 -13.01 6.08
CA ALA D 138 18.28 -13.08 5.58
C ALA D 138 18.22 -13.13 4.04
N ILE D 139 19.17 -12.44 3.41
CA ILE D 139 19.29 -12.40 1.95
C ILE D 139 19.88 -13.72 1.45
N GLU D 140 20.48 -14.44 2.39
CA GLU D 140 21.22 -15.65 2.10
C GLU D 140 20.29 -16.86 2.17
N LYS D 141 19.28 -16.78 3.04
CA LYS D 141 18.19 -17.74 3.03
C LYS D 141 17.55 -17.77 1.66
N HIS D 142 17.48 -16.59 1.05
CA HIS D 142 16.72 -16.36 -0.17
C HIS D 142 17.41 -16.77 -1.45
N VAL D 143 18.70 -16.49 -1.56
CA VAL D 143 19.41 -16.82 -2.80
C VAL D 143 19.41 -18.33 -3.05
N THR D 144 19.82 -19.13 -2.06
CA THR D 144 19.77 -20.57 -2.23
C THR D 144 18.37 -21.17 -2.31
N GLN D 145 17.41 -20.58 -1.59
CA GLN D 145 16.07 -21.15 -1.60
C GLN D 145 15.54 -21.15 -3.03
N LEU D 146 15.93 -20.15 -3.81
CA LEU D 146 15.62 -20.10 -5.24
C LEU D 146 16.40 -21.21 -5.97
N GLN D 147 17.71 -21.27 -5.71
CA GLN D 147 18.64 -22.22 -6.35
C GLN D 147 18.22 -23.67 -6.29
N TYR D 148 17.44 -24.03 -5.27
CA TYR D 148 16.90 -25.37 -5.16
C TYR D 148 15.63 -25.50 -5.96
N THR D 149 14.81 -24.46 -5.90
CA THR D 149 13.54 -24.46 -6.60
C THR D 149 13.68 -24.06 -8.07
N LYS D 150 14.82 -23.43 -8.39
CA LYS D 150 15.14 -23.11 -9.77
C LYS D 150 15.46 -24.45 -10.40
N GLU D 151 15.96 -25.33 -9.55
CA GLU D 151 16.55 -26.61 -9.92
C GLU D 151 15.48 -27.65 -10.17
N LYS D 152 14.38 -27.51 -9.44
CA LYS D 152 13.25 -28.42 -9.57
C LYS D 152 11.95 -27.68 -9.81
N PHE D 153 11.92 -26.85 -10.87
CA PHE D 153 10.68 -26.19 -11.32
C PHE D 153 10.93 -25.31 -12.52
N ASP D 154 10.15 -25.55 -13.56
CA ASP D 154 10.36 -24.77 -14.74
C ASP D 154 9.63 -23.45 -14.73
N PHE D 155 10.39 -22.37 -14.86
CA PHE D 155 9.77 -21.06 -14.93
C PHE D 155 9.34 -20.65 -16.32
N LYS D 156 8.67 -21.54 -17.00
CA LYS D 156 8.07 -21.18 -18.26
C LYS D 156 6.55 -21.30 -18.05
N PRO D 157 5.74 -20.62 -18.89
CA PRO D 157 4.30 -20.34 -18.70
C PRO D 157 3.33 -21.44 -18.23
N ILE D 158 2.32 -21.02 -17.47
CA ILE D 158 1.29 -21.93 -16.97
C ILE D 158 -0.04 -21.36 -17.43
N PRO D 159 -0.46 -21.75 -18.67
CA PRO D 159 -1.67 -21.28 -19.33
C PRO D 159 -2.91 -21.55 -18.50
N ARG D 160 -3.94 -20.69 -18.61
CA ARG D 160 -5.06 -20.77 -17.69
C ARG D 160 -5.65 -22.17 -17.64
N ALA D 161 -5.53 -22.79 -16.49
CA ALA D 161 -6.02 -24.13 -16.26
C ALA D 161 -7.26 -23.96 -15.40
N LEU D 162 -8.42 -24.44 -15.85
CA LEU D 162 -9.66 -24.13 -15.13
C LEU D 162 -10.06 -25.19 -14.13
N LYS D 163 -10.10 -26.43 -14.60
CA LYS D 163 -10.43 -27.63 -13.81
C LYS D 163 -11.87 -27.67 -13.28
N GLU D 164 -12.54 -28.72 -13.71
CA GLU D 164 -13.90 -29.09 -13.36
C GLU D 164 -13.84 -30.13 -12.24
N THR D 165 -14.54 -29.93 -11.12
CA THR D 165 -14.58 -31.04 -10.17
C THR D 165 -15.58 -32.04 -10.73
N SER D 166 -15.10 -33.26 -10.95
CA SER D 166 -15.97 -34.30 -11.43
C SER D 166 -17.02 -34.48 -10.36
N LEU D 167 -18.27 -34.25 -10.74
CA LEU D 167 -19.35 -34.25 -9.80
C LEU D 167 -19.71 -35.69 -9.45
N THR D 168 -19.28 -36.09 -8.26
CA THR D 168 -19.54 -37.43 -7.76
C THR D 168 -20.30 -37.36 -6.44
N TYR D 169 -21.54 -37.84 -6.46
CA TYR D 169 -22.37 -37.80 -5.26
C TYR D 169 -22.04 -38.91 -4.30
N ALA D 170 -22.43 -38.69 -3.05
CA ALA D 170 -22.35 -39.73 -2.06
C ALA D 170 -23.17 -40.93 -2.51
N ASP D 171 -22.75 -42.09 -2.05
CA ASP D 171 -23.42 -43.32 -2.41
C ASP D 171 -24.61 -43.55 -1.48
N GLN D 172 -25.81 -43.56 -2.06
CA GLN D 172 -26.98 -43.77 -1.25
C GLN D 172 -27.51 -45.16 -1.50
N ASP D 173 -28.00 -45.80 -0.43
CA ASP D 173 -28.56 -47.12 -0.58
C ASP D 173 -29.90 -47.02 -1.32
N THR D 174 -29.86 -47.35 -2.60
CA THR D 174 -30.97 -47.14 -3.52
C THR D 174 -32.23 -47.91 -3.13
N SER D 175 -32.09 -48.76 -2.11
CA SER D 175 -33.20 -49.57 -1.63
C SER D 175 -34.24 -48.72 -0.90
N LEU D 176 -33.78 -47.62 -0.32
CA LEU D 176 -34.65 -46.68 0.41
C LEU D 176 -35.74 -46.04 -0.49
N PRO D 177 -36.79 -45.46 0.13
CA PRO D 177 -37.88 -44.78 -0.63
C PRO D 177 -37.42 -43.43 -1.22
N LYS D 178 -37.89 -43.06 -2.40
CA LYS D 178 -37.41 -41.79 -2.96
C LYS D 178 -38.13 -40.59 -2.31
N ALA D 179 -37.36 -39.55 -2.03
CA ALA D 179 -37.86 -38.34 -1.38
C ALA D 179 -37.01 -37.13 -1.80
N VAL D 180 -37.64 -35.95 -1.84
CA VAL D 180 -36.92 -34.70 -2.06
C VAL D 180 -36.99 -33.83 -0.82
N ILE D 181 -35.93 -33.06 -0.58
CA ILE D 181 -35.83 -32.20 0.60
C ILE D 181 -35.85 -30.72 0.25
N CYS D 182 -36.69 -29.94 0.90
CA CYS D 182 -36.79 -28.52 0.59
C CYS D 182 -36.64 -27.63 1.82
N ASP D 183 -35.82 -26.59 1.72
CA ASP D 183 -35.69 -25.57 2.77
C ASP D 183 -36.96 -24.75 2.85
N LEU D 184 -37.14 -24.05 3.96
CA LEU D 184 -38.25 -23.11 4.08
C LEU D 184 -37.80 -21.66 3.87
N ASP D 185 -37.14 -21.07 4.87
CA ASP D 185 -36.75 -19.66 4.78
C ASP D 185 -35.91 -19.39 3.56
N GLY D 186 -36.59 -18.77 2.59
CA GLY D 186 -35.96 -18.22 1.39
C GLY D 186 -35.97 -19.09 0.17
N THR D 187 -36.70 -20.21 0.25
CA THR D 187 -36.71 -21.25 -0.78
C THR D 187 -38.14 -21.58 -1.20
N LEU D 188 -38.92 -22.13 -0.28
CA LEU D 188 -40.35 -22.36 -0.52
C LEU D 188 -41.19 -21.20 0.03
N SER D 189 -40.69 -20.59 1.10
CA SER D 189 -41.40 -19.55 1.83
C SER D 189 -40.61 -18.25 1.72
N LEU D 190 -41.17 -17.32 0.96
CA LEU D 190 -40.62 -15.99 0.69
C LEU D 190 -40.92 -14.99 1.78
N LEU D 191 -39.90 -14.53 2.48
CA LEU D 191 -40.12 -13.78 3.71
C LEU D 191 -40.74 -12.39 3.55
N ASN D 192 -40.41 -11.68 2.48
CA ASN D 192 -41.11 -10.42 2.15
C ASN D 192 -41.11 -9.50 3.37
N GLY D 193 -39.93 -9.15 3.86
CA GLY D 193 -39.80 -8.16 4.92
C GLY D 193 -40.09 -8.63 6.33
N ARG D 194 -40.46 -9.90 6.48
CA ARG D 194 -40.63 -10.50 7.80
C ARG D 194 -39.27 -10.54 8.50
N ASP D 195 -39.27 -10.73 9.81
CA ASP D 195 -38.01 -10.97 10.50
C ASP D 195 -37.56 -12.37 10.21
N PRO D 196 -36.30 -12.52 9.76
CA PRO D 196 -35.68 -13.83 9.57
C PRO D 196 -35.74 -14.70 10.83
N TYR D 197 -35.50 -14.10 11.97
CA TYR D 197 -35.39 -14.85 13.20
C TYR D 197 -36.72 -15.01 13.95
N ASN D 198 -37.69 -14.15 13.65
CA ASN D 198 -38.99 -14.18 14.35
C ASN D 198 -40.08 -14.82 13.49
N ALA D 199 -40.06 -16.15 13.36
CA ALA D 199 -40.94 -16.84 12.43
C ALA D 199 -42.40 -16.96 12.87
N SER D 200 -42.88 -16.01 13.66
CA SER D 200 -44.21 -16.10 14.25
C SER D 200 -45.27 -15.66 13.27
N THR D 201 -44.86 -14.94 12.22
CA THR D 201 -45.80 -14.45 11.23
C THR D 201 -45.60 -15.10 9.86
N ALA D 202 -45.10 -16.33 9.86
CA ALA D 202 -44.82 -17.05 8.65
C ALA D 202 -46.13 -17.53 8.05
N ASP D 203 -47.22 -17.36 8.80
CA ASP D 203 -48.54 -17.74 8.32
C ASP D 203 -48.94 -16.74 7.26
N GLN D 204 -48.24 -15.61 7.24
CA GLN D 204 -48.47 -14.61 6.21
C GLN D 204 -47.17 -14.34 5.42
N ASP D 205 -46.49 -15.42 5.06
CA ASP D 205 -45.39 -15.39 4.08
C ASP D 205 -45.94 -15.57 2.69
N LEU D 206 -45.08 -15.36 1.70
CA LEU D 206 -45.46 -15.62 0.31
C LEU D 206 -44.86 -16.90 -0.25
N LEU D 207 -45.48 -17.41 -1.32
CA LEU D 207 -45.07 -18.66 -1.91
C LEU D 207 -44.21 -18.50 -3.16
N ASN D 208 -42.98 -19.00 -3.07
CA ASN D 208 -42.09 -19.15 -4.22
C ASN D 208 -42.63 -20.23 -5.19
N THR D 209 -43.52 -19.82 -6.09
CA THR D 209 -44.25 -20.77 -6.94
C THR D 209 -43.46 -21.84 -7.70
N PRO D 210 -42.32 -21.48 -8.32
CA PRO D 210 -41.63 -22.55 -9.05
C PRO D 210 -41.13 -23.66 -8.12
N VAL D 211 -40.64 -23.30 -6.94
CA VAL D 211 -40.25 -24.31 -5.99
C VAL D 211 -41.46 -25.12 -5.48
N ALA D 212 -42.56 -24.42 -5.22
CA ALA D 212 -43.76 -25.09 -4.76
C ALA D 212 -44.18 -26.09 -5.81
N MET D 213 -43.95 -25.72 -7.07
CA MET D 213 -44.35 -26.52 -8.21
C MET D 213 -43.38 -27.66 -8.49
N VAL D 214 -42.21 -27.64 -7.87
CA VAL D 214 -41.33 -28.78 -7.95
C VAL D 214 -41.75 -29.80 -6.93
N LEU D 215 -42.11 -29.34 -5.73
CA LEU D 215 -42.62 -30.20 -4.64
C LEU D 215 -44.01 -30.77 -4.94
N LYS D 216 -44.85 -29.96 -5.58
CA LYS D 216 -46.22 -30.36 -5.91
C LYS D 216 -46.16 -31.35 -7.07
N MET D 217 -45.04 -31.36 -7.79
CA MET D 217 -44.82 -32.32 -8.87
C MET D 217 -44.02 -33.50 -8.35
N ALA D 218 -43.12 -33.26 -7.41
CA ALA D 218 -42.32 -34.36 -6.88
C ALA D 218 -43.21 -35.38 -6.23
N LYS D 219 -44.32 -34.96 -5.64
CA LYS D 219 -45.12 -35.97 -4.96
C LYS D 219 -46.03 -36.69 -5.93
N GLN D 220 -46.29 -36.08 -7.09
CA GLN D 220 -47.00 -36.78 -8.15
C GLN D 220 -46.01 -37.68 -8.88
N GLN D 221 -45.37 -38.53 -8.09
CA GLN D 221 -44.38 -39.51 -8.51
C GLN D 221 -44.06 -40.20 -7.19
N GLY D 222 -43.15 -41.17 -7.18
CA GLY D 222 -42.90 -41.89 -5.94
C GLY D 222 -42.41 -41.03 -4.77
N TYR D 223 -42.11 -39.76 -5.05
CA TYR D 223 -41.40 -38.93 -4.09
C TYR D 223 -42.22 -38.52 -2.86
N LYS D 224 -41.59 -38.77 -1.72
CA LYS D 224 -41.99 -38.23 -0.43
C LYS D 224 -41.37 -36.83 -0.25
N VAL D 225 -42.15 -35.86 0.22
CA VAL D 225 -41.68 -34.48 0.34
C VAL D 225 -41.25 -34.09 1.75
N ILE D 226 -39.95 -33.97 1.98
CA ILE D 226 -39.41 -33.60 3.28
C ILE D 226 -39.08 -32.10 3.39
N LEU D 227 -39.76 -31.38 4.29
CA LEU D 227 -39.41 -29.98 4.55
C LEU D 227 -38.46 -29.88 5.75
N LEU D 228 -37.32 -29.22 5.57
CA LEU D 228 -36.26 -29.17 6.59
C LEU D 228 -35.89 -27.72 6.94
N SER D 229 -36.50 -27.17 7.99
CA SER D 229 -36.37 -25.74 8.28
C SER D 229 -35.44 -25.36 9.42
N GLY D 230 -34.76 -24.24 9.27
CA GLY D 230 -33.96 -23.67 10.34
C GLY D 230 -34.79 -22.81 11.28
N ARG D 231 -36.10 -22.79 11.06
CA ARG D 231 -37.00 -22.10 11.97
C ARG D 231 -37.07 -22.83 13.29
N GLU D 232 -37.02 -22.10 14.40
CA GLU D 232 -37.25 -22.72 15.69
C GLU D 232 -38.58 -23.46 15.68
N ASN D 233 -38.63 -24.62 16.32
CA ASN D 233 -39.84 -25.46 16.40
C ASN D 233 -41.01 -24.75 17.11
N ALA D 234 -40.70 -23.65 17.80
CA ALA D 234 -41.70 -22.80 18.42
C ALA D 234 -42.71 -22.34 17.41
N TYR D 235 -42.21 -21.92 16.26
CA TYR D 235 -43.04 -21.43 15.18
C TYR D 235 -43.54 -22.52 14.21
N ARG D 236 -43.98 -23.66 14.74
CA ARG D 236 -44.46 -24.74 13.86
C ARG D 236 -45.92 -24.57 13.39
N GLU D 237 -46.72 -23.79 14.08
CA GLU D 237 -48.07 -23.58 13.55
C GLU D 237 -48.26 -22.21 12.89
N PRO D 238 -47.21 -21.36 12.83
CA PRO D 238 -47.37 -20.42 11.72
C PRO D 238 -46.91 -21.07 10.44
N THR D 239 -46.21 -22.19 10.60
CA THR D 239 -45.58 -22.85 9.48
C THR D 239 -46.52 -23.83 8.79
N GLU D 240 -47.18 -24.71 9.52
CA GLU D 240 -48.07 -25.60 8.79
C GLU D 240 -49.44 -24.93 8.63
N ARG D 241 -49.52 -23.66 9.04
CA ARG D 241 -50.58 -22.78 8.58
C ARG D 241 -50.23 -22.31 7.17
N PHE D 242 -49.01 -21.80 7.02
CA PHE D 242 -48.44 -21.41 5.71
C PHE D 242 -48.52 -22.56 4.73
N LEU D 243 -48.13 -23.74 5.18
CA LEU D 243 -48.17 -24.94 4.36
C LEU D 243 -49.59 -25.30 3.91
N ALA D 244 -50.52 -25.31 4.87
CA ALA D 244 -51.91 -25.62 4.57
C ALA D 244 -52.51 -24.57 3.64
N LYS D 245 -52.22 -23.31 3.93
CA LYS D 245 -52.69 -22.17 3.15
C LYS D 245 -52.38 -22.30 1.66
N TYR D 246 -51.26 -22.91 1.33
CA TYR D 246 -50.78 -22.98 -0.05
C TYR D 246 -50.74 -24.38 -0.65
N GLN D 247 -51.50 -25.31 -0.06
CA GLN D 247 -51.68 -26.65 -0.64
C GLN D 247 -50.34 -27.37 -0.83
N ILE D 248 -49.41 -27.04 0.05
CA ILE D 248 -48.08 -27.66 0.07
C ILE D 248 -48.11 -28.88 0.97
N ASP D 249 -48.56 -30.02 0.46
CA ASP D 249 -48.61 -31.18 1.34
C ASP D 249 -47.22 -31.79 1.47
N TYR D 250 -46.94 -32.37 2.64
CA TYR D 250 -45.58 -32.79 3.00
C TYR D 250 -45.71 -33.92 4.00
N ASP D 251 -44.67 -34.73 4.12
CA ASP D 251 -44.66 -35.96 4.90
C ASP D 251 -44.07 -35.77 6.27
N LEU D 252 -43.21 -34.78 6.35
CA LEU D 252 -42.26 -34.69 7.42
C LEU D 252 -41.66 -33.28 7.54
N LEU D 253 -41.95 -32.59 8.64
CA LEU D 253 -41.43 -31.26 8.86
C LEU D 253 -40.34 -31.37 9.91
N LEU D 254 -39.11 -31.06 9.52
CA LEU D 254 -38.00 -31.11 10.47
C LEU D 254 -37.59 -29.69 10.81
N MET D 255 -37.48 -29.41 12.11
CA MET D 255 -37.22 -28.05 12.59
C MET D 255 -36.17 -27.98 13.70
N ARG D 256 -35.66 -26.77 13.86
CA ARG D 256 -34.63 -26.46 14.83
C ARG D 256 -35.17 -26.58 16.25
N ASP D 257 -34.48 -27.34 17.11
CA ASP D 257 -34.79 -27.37 18.55
C ASP D 257 -34.99 -25.94 19.05
N THR D 258 -36.08 -25.67 19.78
CA THR D 258 -36.28 -24.29 20.27
C THR D 258 -35.13 -23.89 21.20
N ASN D 259 -34.71 -22.63 21.09
CA ASN D 259 -33.58 -22.09 21.86
C ASN D 259 -32.26 -22.73 21.45
N ASP D 260 -32.19 -23.31 20.25
CA ASP D 260 -30.94 -23.92 19.79
C ASP D 260 -29.92 -22.87 19.48
N TYR D 261 -30.16 -22.10 18.42
CA TYR D 261 -29.38 -20.89 18.13
C TYR D 261 -27.98 -21.17 17.57
N ARG D 262 -27.61 -22.44 17.45
CA ARG D 262 -26.37 -22.74 16.75
C ARG D 262 -26.54 -22.27 15.31
N LYS D 263 -25.44 -22.03 14.63
CA LYS D 263 -25.52 -21.56 13.24
C LYS D 263 -26.21 -22.61 12.36
N ASP D 264 -27.03 -22.12 11.42
CA ASP D 264 -28.09 -22.93 10.81
C ASP D 264 -27.62 -24.00 9.83
N ASN D 265 -26.32 -23.98 9.53
CA ASN D 265 -25.59 -25.02 8.78
C ASN D 265 -25.63 -26.33 9.48
N ILE D 266 -25.13 -26.27 10.70
CA ILE D 266 -24.82 -27.44 11.45
C ILE D 266 -26.06 -28.07 12.07
N ILE D 267 -27.08 -27.26 12.33
CA ILE D 267 -28.30 -27.85 12.89
C ILE D 267 -29.11 -28.54 11.80
N LYS D 268 -28.93 -28.09 10.54
CA LYS D 268 -29.59 -28.76 9.42
C LYS D 268 -28.87 -30.08 9.08
N LYS D 269 -27.54 -30.04 9.12
CA LYS D 269 -26.76 -31.25 8.88
C LYS D 269 -26.99 -32.30 9.95
N GLU D 270 -27.04 -31.86 11.21
CA GLU D 270 -27.26 -32.75 12.34
C GLU D 270 -28.65 -33.37 12.22
N LEU D 271 -29.64 -32.54 11.89
CA LEU D 271 -31.01 -33.00 11.63
C LEU D 271 -31.05 -34.08 10.55
N PHE D 272 -30.26 -33.90 9.49
CA PHE D 272 -30.24 -34.81 8.36
C PHE D 272 -29.81 -36.20 8.77
N LEU D 273 -28.82 -36.26 9.66
CA LEU D 273 -28.26 -37.54 10.07
C LEU D 273 -29.16 -38.30 11.08
N GLU D 274 -29.76 -37.56 12.02
CA GLU D 274 -30.68 -38.12 13.04
C GLU D 274 -32.09 -38.45 12.49
N GLU D 275 -32.54 -37.73 11.45
CA GLU D 275 -33.94 -37.84 11.00
C GLU D 275 -34.14 -38.29 9.55
N ILE D 276 -33.09 -38.27 8.72
CA ILE D 276 -33.23 -38.59 7.28
C ILE D 276 -32.23 -39.64 6.75
N GLN D 277 -30.95 -39.44 7.04
CA GLN D 277 -29.89 -40.21 6.39
C GLN D 277 -29.99 -41.70 6.68
N GLY D 278 -29.75 -42.52 5.67
CA GLY D 278 -29.89 -43.95 5.83
C GLY D 278 -31.33 -44.42 5.92
N LYS D 279 -32.28 -43.48 6.09
CA LYS D 279 -33.69 -43.85 6.31
C LYS D 279 -34.59 -43.41 5.14
N TYR D 280 -34.04 -42.59 4.26
CA TYR D 280 -34.73 -42.14 3.03
C TYR D 280 -33.75 -42.18 1.87
N PHE D 281 -34.28 -41.99 0.66
CA PHE D 281 -33.45 -41.74 -0.51
C PHE D 281 -33.74 -40.34 -1.10
N VAL D 282 -32.77 -39.44 -0.98
CA VAL D 282 -32.84 -38.08 -1.54
C VAL D 282 -32.42 -37.97 -2.99
N GLU D 283 -33.37 -37.64 -3.87
CA GLU D 283 -33.03 -37.45 -5.27
C GLU D 283 -32.21 -36.18 -5.43
N PHE D 284 -32.69 -35.12 -4.78
CA PHE D 284 -32.04 -33.82 -4.79
C PHE D 284 -32.50 -32.94 -3.62
N LEU D 285 -31.78 -31.86 -3.34
CA LEU D 285 -32.23 -30.88 -2.34
C LEU D 285 -32.40 -29.49 -2.92
N LEU D 286 -33.38 -28.76 -2.37
CA LEU D 286 -33.67 -27.40 -2.83
C LEU D 286 -33.44 -26.39 -1.74
N ASP D 287 -32.29 -25.71 -1.74
CA ASP D 287 -32.09 -24.72 -0.70
C ASP D 287 -31.65 -23.37 -1.29
N ASP D 288 -31.36 -22.38 -0.46
CA ASP D 288 -31.15 -21.01 -0.92
C ASP D 288 -29.90 -20.34 -0.35
N ARG D 289 -29.62 -20.59 0.92
CA ARG D 289 -28.56 -19.87 1.60
C ARG D 289 -27.22 -20.47 1.23
N ASN D 290 -26.31 -19.59 0.80
CA ASN D 290 -24.96 -19.98 0.43
C ASN D 290 -24.31 -20.96 1.40
N GLN D 291 -24.15 -20.52 2.65
CA GLN D 291 -23.54 -21.30 3.73
C GLN D 291 -24.04 -22.75 3.76
N VAL D 292 -25.35 -22.94 3.61
CA VAL D 292 -25.99 -24.25 3.75
C VAL D 292 -25.82 -25.11 2.50
N VAL D 293 -25.84 -24.47 1.35
CA VAL D 293 -25.71 -25.20 0.10
C VAL D 293 -24.34 -25.85 0.02
N ASP D 294 -23.30 -25.12 0.42
CA ASP D 294 -21.94 -25.64 0.44
C ASP D 294 -21.90 -26.90 1.27
N MET D 295 -22.51 -26.78 2.45
CA MET D 295 -22.74 -27.90 3.37
C MET D 295 -23.32 -29.13 2.65
N TRP D 296 -24.54 -29.08 2.13
CA TRP D 296 -25.15 -30.23 1.43
C TRP D 296 -24.20 -30.78 0.35
N ARG D 297 -23.71 -29.87 -0.52
CA ARG D 297 -22.89 -30.24 -1.67
C ARG D 297 -21.52 -30.79 -1.29
N ARG D 298 -20.79 -30.04 -0.48
CA ARG D 298 -19.40 -30.34 -0.19
C ARG D 298 -19.20 -31.35 0.93
N GLU D 299 -19.93 -31.19 2.02
CA GLU D 299 -19.74 -32.05 3.19
C GLU D 299 -20.45 -33.40 3.03
N LEU D 300 -21.71 -33.38 2.64
CA LEU D 300 -22.50 -34.60 2.54
C LEU D 300 -22.63 -35.11 1.10
N ALA D 301 -22.06 -34.35 0.16
CA ALA D 301 -22.01 -34.72 -1.26
C ALA D 301 -23.36 -35.13 -1.84
N LEU D 302 -24.36 -34.27 -1.71
CA LEU D 302 -25.67 -34.51 -2.31
C LEU D 302 -26.03 -33.54 -3.46
N PRO D 303 -26.97 -33.94 -4.35
CA PRO D 303 -27.43 -32.97 -5.33
C PRO D 303 -28.16 -31.82 -4.65
N CYS D 304 -27.66 -30.59 -4.79
CA CYS D 304 -28.41 -29.49 -4.18
C CYS D 304 -28.62 -28.36 -5.16
N PHE D 305 -29.89 -28.06 -5.44
CA PHE D 305 -30.24 -26.98 -6.36
C PHE D 305 -30.54 -25.66 -5.60
N GLN D 306 -29.68 -24.66 -5.80
CA GLN D 306 -29.86 -23.32 -5.23
C GLN D 306 -30.92 -22.52 -5.98
N VAL D 307 -31.97 -22.07 -5.29
CA VAL D 307 -33.11 -21.45 -5.96
C VAL D 307 -32.98 -19.94 -6.26
N ASN D 308 -32.37 -19.22 -5.34
CA ASN D 308 -32.13 -17.79 -5.49
C ASN D 308 -30.75 -17.56 -4.89
N TYR D 309 -30.38 -16.31 -4.66
CA TYR D 309 -29.08 -15.96 -4.11
C TYR D 309 -28.98 -16.06 -2.58
N GLY D 310 -27.92 -16.74 -2.12
CA GLY D 310 -27.56 -16.78 -0.71
C GLY D 310 -26.70 -15.55 -0.44
N ASP D 311 -25.49 -15.77 0.08
CA ASP D 311 -24.57 -14.68 0.48
C ASP D 311 -25.18 -13.88 1.63
N PHE D 312 -25.65 -14.61 2.64
CA PHE D 312 -25.96 -14.06 3.95
C PHE D 312 -25.86 -15.20 4.97
N GLU E 2 4.96 9.53 -28.35
CA GLU E 2 4.60 9.09 -27.01
C GLU E 2 3.90 7.72 -27.01
N ASP E 3 3.77 7.12 -28.19
CA ASP E 3 3.23 5.77 -28.29
C ASP E 3 4.15 4.82 -27.52
N LYS E 4 3.55 4.00 -26.65
CA LYS E 4 4.32 3.16 -25.75
C LYS E 4 5.34 2.34 -26.53
N THR E 5 4.94 1.78 -27.67
CA THR E 5 5.85 0.91 -28.41
C THR E 5 7.05 1.63 -29.03
N LEU E 6 6.92 2.94 -29.30
CA LEU E 6 8.05 3.70 -29.86
C LEU E 6 9.06 4.10 -28.82
N ILE E 7 8.55 4.46 -27.64
CA ILE E 7 9.38 4.79 -26.51
C ILE E 7 10.17 3.58 -26.11
N LYS E 8 9.47 2.45 -26.08
CA LYS E 8 10.08 1.20 -25.70
C LYS E 8 11.25 0.85 -26.60
N LYS E 9 11.04 0.89 -27.91
CA LYS E 9 12.10 0.54 -28.83
C LYS E 9 13.17 1.61 -28.90
N ARG E 10 12.79 2.86 -28.68
CA ARG E 10 13.80 3.90 -28.63
C ARG E 10 14.78 3.61 -27.50
N ILE E 11 14.22 3.18 -26.35
CA ILE E 11 14.99 2.93 -25.13
C ILE E 11 15.85 1.67 -25.29
N ASP E 12 15.24 0.63 -25.88
CA ASP E 12 15.93 -0.62 -26.22
C ASP E 12 17.21 -0.29 -26.98
N TRP E 13 17.09 0.62 -27.94
CA TRP E 13 18.22 1.08 -28.74
C TRP E 13 19.15 1.97 -27.92
N PHE E 14 18.58 2.75 -27.01
CA PHE E 14 19.39 3.58 -26.12
C PHE E 14 20.27 2.67 -25.29
N CYS E 15 19.76 1.49 -24.98
CA CYS E 15 20.50 0.53 -24.18
C CYS E 15 21.53 -0.23 -25.05
N LYS E 16 21.13 -0.79 -26.20
CA LYS E 16 22.07 -1.50 -27.08
C LYS E 16 23.25 -0.64 -27.50
N ASN E 17 22.96 0.60 -27.87
CA ASN E 17 23.97 1.53 -28.36
C ASN E 17 24.95 1.98 -27.27
N LYS E 18 24.72 1.47 -26.06
CA LYS E 18 25.60 1.72 -24.93
C LYS E 18 25.78 3.20 -24.75
N ILE E 19 24.66 3.89 -24.54
CA ILE E 19 24.66 5.32 -24.22
C ILE E 19 24.53 5.50 -22.73
N ASN E 20 25.24 6.49 -22.19
CA ASN E 20 25.44 6.56 -20.76
C ASN E 20 25.21 8.00 -20.31
N ALA E 21 24.70 8.84 -21.20
CA ALA E 21 24.40 10.22 -20.82
C ALA E 21 23.32 10.79 -21.72
N PHE E 22 22.91 12.04 -21.44
CA PHE E 22 21.75 12.67 -22.12
C PHE E 22 21.60 14.17 -21.81
N SER E 23 21.66 15.03 -22.83
CA SER E 23 21.72 16.48 -22.62
C SER E 23 20.52 17.07 -21.88
N PRO E 24 20.73 18.21 -21.23
CA PRO E 24 19.59 18.96 -20.72
C PRO E 24 19.22 20.07 -21.68
N THR E 25 18.01 20.65 -21.58
CA THR E 25 17.76 21.97 -22.20
C THR E 25 18.23 23.01 -21.25
N ILE E 26 18.61 24.17 -21.78
CA ILE E 26 19.23 25.19 -20.95
C ILE E 26 18.35 26.42 -20.96
N SER E 27 18.05 26.96 -19.79
CA SER E 27 17.18 28.13 -19.73
C SER E 27 17.96 29.42 -19.98
N PRO E 28 17.29 30.41 -20.57
CA PRO E 28 17.94 31.72 -20.58
C PRO E 28 18.12 32.23 -19.15
N ALA E 29 19.01 33.19 -18.96
CA ALA E 29 19.05 33.90 -17.70
C ALA E 29 17.74 34.69 -17.52
N PRO E 30 17.39 35.00 -16.27
CA PRO E 30 16.23 35.84 -15.97
C PRO E 30 16.27 37.15 -16.72
N LYS E 31 15.10 37.68 -17.06
CA LYS E 31 15.04 39.00 -17.70
C LYS E 31 15.40 40.06 -16.69
N SER E 32 15.81 41.23 -17.18
CA SER E 32 15.91 42.40 -16.34
C SER E 32 15.21 43.55 -17.03
N VAL E 33 13.96 43.86 -16.61
CA VAL E 33 13.17 44.95 -17.20
C VAL E 33 13.94 46.24 -17.03
N GLU E 34 14.35 46.45 -15.79
CA GLU E 34 15.34 47.44 -15.39
C GLU E 34 16.49 47.65 -16.39
N ARG E 35 17.17 46.58 -16.79
CA ARG E 35 18.32 46.67 -17.69
C ARG E 35 17.90 46.54 -19.15
N ASN E 36 16.60 46.45 -19.35
CA ASN E 36 16.00 46.38 -20.69
C ASN E 36 16.56 45.23 -21.52
N GLU E 37 16.72 44.07 -20.89
CA GLU E 37 17.09 42.87 -21.62
C GLU E 37 16.43 41.61 -21.09
N ILE E 38 16.02 40.81 -22.05
CA ILE E 38 15.09 39.73 -21.88
C ILE E 38 15.77 38.50 -21.27
N GLU E 39 17.05 38.33 -21.57
CA GLU E 39 17.97 37.38 -20.88
C GLU E 39 19.10 38.23 -20.34
N SER E 40 19.19 38.34 -19.03
CA SER E 40 20.14 39.30 -18.47
C SER E 40 21.39 38.65 -17.91
N LEU E 41 22.54 39.08 -18.41
CA LEU E 41 23.82 38.62 -17.89
C LEU E 41 23.89 38.85 -16.40
N TYR E 42 23.58 40.08 -16.01
CA TYR E 42 23.56 40.45 -14.61
C TYR E 42 22.63 39.56 -13.79
N GLU E 43 21.36 39.51 -14.14
CA GLU E 43 20.41 38.86 -13.24
C GLU E 43 20.72 37.38 -13.15
N GLY E 44 21.40 36.85 -14.15
CA GLY E 44 21.72 35.43 -14.18
C GLY E 44 22.81 34.96 -13.21
N ILE E 45 23.94 35.66 -13.21
CA ILE E 45 25.03 35.33 -12.29
C ILE E 45 24.56 35.62 -10.87
N LEU E 46 23.84 36.71 -10.73
CA LEU E 46 23.29 37.12 -9.45
C LEU E 46 22.44 36.03 -8.86
N TRP E 47 21.63 35.39 -9.70
CA TRP E 47 20.76 34.31 -9.27
C TRP E 47 21.52 33.21 -8.57
N PHE E 48 22.67 32.89 -9.17
CA PHE E 48 23.56 31.86 -8.64
C PHE E 48 24.07 32.25 -7.25
N VAL E 49 24.51 33.50 -7.14
CA VAL E 49 25.01 34.05 -5.89
C VAL E 49 24.03 33.88 -4.74
N LEU E 50 22.82 34.40 -4.92
CA LEU E 50 21.80 34.41 -3.89
C LEU E 50 21.32 32.98 -3.57
N ASN E 51 21.77 32.02 -4.38
CA ASN E 51 21.51 30.59 -4.13
C ASN E 51 22.70 29.85 -3.53
N GLY E 52 23.70 30.61 -3.09
CA GLY E 52 24.81 30.08 -2.34
C GLY E 52 25.92 29.51 -3.19
N VAL E 53 25.84 29.73 -4.49
CA VAL E 53 26.88 29.32 -5.43
C VAL E 53 27.74 30.52 -5.77
N LYS E 54 29.02 30.47 -5.43
CA LYS E 54 29.84 31.66 -5.59
C LYS E 54 30.97 31.46 -6.58
N GLU E 55 31.16 30.21 -6.99
CA GLU E 55 32.22 29.90 -7.94
C GLU E 55 31.68 29.49 -9.30
N ILE E 56 31.84 30.37 -10.29
CA ILE E 56 31.21 30.14 -11.59
C ILE E 56 32.15 30.29 -12.80
N VAL E 57 31.72 29.73 -13.91
CA VAL E 57 32.45 29.75 -15.18
C VAL E 57 31.65 30.52 -16.24
N ILE E 58 32.30 31.14 -17.22
CA ILE E 58 31.55 31.67 -18.35
C ILE E 58 32.20 31.34 -19.69
N GLU E 59 31.68 30.34 -20.39
CA GLU E 59 32.19 29.98 -21.71
C GLU E 59 31.47 30.83 -22.79
N LYS E 60 31.93 30.73 -24.02
CA LYS E 60 31.23 31.29 -25.15
C LYS E 60 30.40 30.19 -25.80
N LYS E 61 29.10 30.41 -26.00
CA LYS E 61 28.33 29.35 -26.66
C LYS E 61 28.55 29.50 -28.16
N TYR E 62 28.83 28.37 -28.79
CA TYR E 62 29.13 28.36 -30.21
C TYR E 62 28.01 27.80 -31.06
N MET E 63 27.89 28.37 -32.24
CA MET E 63 26.83 27.98 -33.17
C MET E 63 27.13 26.59 -33.68
N GLY E 64 26.58 25.59 -33.03
CA GLY E 64 26.85 24.25 -33.46
C GLY E 64 25.87 23.32 -32.83
N SER E 65 26.01 22.04 -33.17
CA SER E 65 25.13 21.02 -32.63
C SER E 65 25.76 20.40 -31.39
N TYR E 66 24.97 20.19 -30.36
CA TYR E 66 25.49 19.49 -29.20
C TYR E 66 25.60 18.01 -29.56
N CYS E 67 26.79 17.45 -29.36
CA CYS E 67 27.02 16.01 -29.44
C CYS E 67 27.87 15.51 -28.27
N ASP E 68 27.55 14.32 -27.78
CA ASP E 68 28.41 13.57 -26.87
C ASP E 68 29.35 12.61 -27.62
N ILE E 69 30.66 12.88 -27.56
CA ILE E 69 31.70 11.99 -28.08
C ILE E 69 32.07 10.85 -27.11
N TYR E 70 31.77 9.63 -27.53
CA TYR E 70 32.20 8.48 -26.78
C TYR E 70 33.58 8.13 -27.33
N LEU E 71 34.57 8.83 -26.77
CA LEU E 71 35.96 8.79 -27.21
C LEU E 71 36.68 7.54 -26.71
N HIS E 72 36.47 6.43 -27.42
CA HIS E 72 37.17 5.19 -27.15
C HIS E 72 38.67 5.43 -27.38
N ARG E 73 39.54 4.79 -26.59
CA ARG E 73 40.99 4.90 -26.80
C ARG E 73 41.32 4.38 -28.18
N ARG E 74 40.78 3.22 -28.50
CA ARG E 74 40.81 2.80 -29.87
C ARG E 74 39.87 3.75 -30.62
N LEU E 75 40.51 4.66 -31.35
CA LEU E 75 39.84 5.76 -32.02
C LEU E 75 38.93 5.27 -33.15
N GLU E 76 39.20 4.08 -33.71
CA GLU E 76 38.24 3.43 -34.62
C GLU E 76 36.87 3.22 -33.97
N ASP E 77 36.87 2.94 -32.67
CA ASP E 77 35.66 2.53 -31.94
C ASP E 77 34.74 3.70 -31.54
N THR E 78 35.26 4.93 -31.63
CA THR E 78 34.54 6.13 -31.20
C THR E 78 33.28 6.36 -32.04
N TYR E 79 32.17 6.66 -31.35
CA TYR E 79 30.92 7.01 -32.01
C TYR E 79 30.39 8.31 -31.38
N LEU E 80 29.31 8.86 -31.95
CA LEU E 80 28.73 10.12 -31.48
C LEU E 80 27.26 9.94 -31.09
N VAL E 81 26.82 10.65 -30.06
CA VAL E 81 25.40 10.66 -29.75
C VAL E 81 24.92 12.11 -29.67
N SER E 82 23.65 12.35 -30.02
CA SER E 82 23.13 13.71 -30.17
C SER E 82 22.55 14.28 -28.88
N ARG E 83 21.84 15.40 -28.97
CA ARG E 83 21.25 15.97 -27.77
C ARG E 83 20.20 15.01 -27.22
N ASN E 84 19.63 14.18 -28.10
CA ASN E 84 18.73 13.09 -27.69
C ASN E 84 19.52 11.79 -27.51
N GLY E 85 18.84 10.64 -27.40
CA GLY E 85 19.55 9.40 -27.11
C GLY E 85 20.00 8.59 -28.32
N TYR E 86 20.65 9.28 -29.24
CA TYR E 86 20.77 8.78 -30.61
C TYR E 86 22.20 8.61 -31.11
N LYS E 87 22.55 7.39 -31.54
CA LYS E 87 23.83 7.14 -32.19
C LYS E 87 23.91 7.95 -33.52
N ILE E 88 24.97 8.73 -33.67
CA ILE E 88 25.24 9.47 -34.92
C ILE E 88 26.03 8.64 -35.95
N ASN E 89 25.30 7.95 -36.82
CA ASN E 89 25.92 7.05 -37.77
C ASN E 89 26.06 7.69 -39.17
N HIS E 90 25.02 8.44 -39.56
CA HIS E 90 24.93 9.15 -40.85
C HIS E 90 26.02 10.15 -41.17
N LEU E 91 27.24 9.86 -40.78
CA LEU E 91 28.38 10.67 -41.12
C LEU E 91 29.48 9.70 -41.46
N ASP E 92 30.36 10.10 -42.38
CA ASP E 92 31.49 9.26 -42.79
C ASP E 92 32.34 9.15 -41.56
N GLN E 93 32.47 7.92 -41.08
CA GLN E 93 33.00 7.75 -39.75
C GLN E 93 34.49 8.14 -39.80
N GLU E 94 35.14 8.10 -40.96
CA GLU E 94 36.54 8.57 -40.98
C GLU E 94 36.82 10.11 -41.06
N GLN E 95 36.03 10.90 -41.79
CA GLN E 95 36.23 12.36 -41.79
C GLN E 95 36.01 12.83 -40.36
N CYS E 96 34.87 12.39 -39.81
CA CYS E 96 34.51 12.58 -38.41
C CYS E 96 35.69 12.23 -37.50
N LEU E 97 36.08 10.93 -37.50
CA LEU E 97 37.22 10.46 -36.70
C LEU E 97 38.51 11.28 -36.87
N ARG E 98 38.76 11.80 -38.07
CA ARG E 98 39.99 12.57 -38.29
C ARG E 98 39.97 13.88 -37.51
N ALA E 99 38.87 14.61 -37.67
CA ALA E 99 38.64 15.83 -36.91
C ALA E 99 38.73 15.53 -35.41
N LEU E 100 38.30 14.34 -35.06
CA LEU E 100 38.33 13.89 -33.68
C LEU E 100 39.71 13.57 -33.19
N GLN E 101 40.72 13.64 -34.03
CA GLN E 101 42.00 13.14 -33.55
C GLN E 101 42.84 14.27 -32.94
N GLY E 102 42.64 15.51 -33.41
CA GLY E 102 43.14 16.70 -32.72
C GLY E 102 43.01 16.46 -31.23
N LEU E 103 41.76 16.28 -30.83
CA LEU E 103 41.36 15.92 -29.48
C LEU E 103 42.05 14.70 -28.83
N HIS E 104 41.98 13.55 -29.52
CA HIS E 104 42.46 12.25 -29.01
C HIS E 104 43.86 12.34 -28.36
N ASP E 105 44.73 13.17 -28.94
CA ASP E 105 46.12 13.31 -28.53
C ASP E 105 46.31 14.32 -27.38
N ARG E 106 45.25 14.57 -26.62
CA ARG E 106 45.34 15.52 -25.52
C ARG E 106 45.33 14.81 -24.17
N PHE E 107 45.31 13.48 -24.23
CA PHE E 107 45.09 12.66 -23.05
C PHE E 107 46.19 11.66 -22.76
N SER E 108 46.30 11.25 -21.50
CA SER E 108 47.12 10.10 -21.17
C SER E 108 46.16 8.95 -21.15
N TRP E 109 46.41 7.96 -22.01
CA TRP E 109 45.46 6.86 -22.17
C TRP E 109 46.00 5.65 -21.42
N ASP E 110 46.73 5.93 -20.34
CA ASP E 110 47.22 4.90 -19.43
C ASP E 110 46.07 4.31 -18.63
N GLY E 111 45.70 3.08 -18.94
CA GLY E 111 44.57 2.42 -18.28
C GLY E 111 43.28 3.22 -18.30
N VAL E 112 43.07 3.91 -19.42
CA VAL E 112 41.86 4.70 -19.67
C VAL E 112 41.23 4.26 -20.98
N GLU E 113 40.07 3.61 -20.93
CA GLU E 113 39.52 3.04 -22.13
C GLU E 113 38.55 3.91 -22.91
N LEU E 114 38.06 4.97 -22.29
CA LEU E 114 36.99 5.77 -22.89
C LEU E 114 36.68 7.01 -22.07
N ARG E 115 36.66 8.15 -22.75
CA ARG E 115 36.23 9.37 -22.11
C ARG E 115 34.98 9.94 -22.83
N ILE E 116 33.91 10.14 -22.08
CA ILE E 116 32.68 10.68 -22.64
C ILE E 116 32.75 12.20 -22.57
N ILE E 117 32.64 12.85 -23.72
CA ILE E 117 32.95 14.26 -23.81
C ILE E 117 31.86 15.08 -24.50
N GLN E 118 31.35 16.06 -23.75
CA GLN E 118 30.37 17.02 -24.24
C GLN E 118 31.02 18.06 -25.16
N SER E 119 30.49 18.17 -26.39
CA SER E 119 31.11 18.96 -27.45
C SER E 119 30.11 19.62 -28.38
N GLU E 120 30.51 20.71 -29.06
CA GLU E 120 29.71 21.28 -30.16
C GLU E 120 30.31 20.95 -31.53
N LEU E 121 29.48 20.46 -32.44
CA LEU E 121 29.87 20.13 -33.82
C LEU E 121 29.66 21.29 -34.83
N MET E 122 30.65 21.54 -35.69
CA MET E 122 30.59 22.68 -36.63
C MET E 122 30.64 22.28 -38.12
N PRO E 123 29.94 23.03 -38.98
CA PRO E 123 29.05 24.06 -38.47
C PRO E 123 27.80 23.31 -38.04
N TRP E 124 26.83 24.03 -37.52
CA TRP E 124 25.54 23.42 -37.21
C TRP E 124 25.03 22.67 -38.44
N SER E 125 25.46 23.13 -39.61
CA SER E 125 25.22 22.51 -40.92
C SER E 125 25.32 20.96 -41.04
N ILE E 126 26.56 20.43 -40.96
CA ILE E 126 26.87 19.02 -41.27
C ILE E 126 25.92 18.01 -40.59
N LEU E 127 25.51 18.28 -39.35
CA LEU E 127 24.71 17.31 -38.57
C LEU E 127 23.21 17.46 -38.85
N GLY E 128 22.54 18.17 -37.94
CA GLY E 128 21.17 18.59 -38.14
C GLY E 128 21.25 19.98 -38.73
N LYS E 129 20.25 20.81 -38.49
CA LYS E 129 20.37 22.22 -38.82
C LYS E 129 20.22 23.14 -37.59
N GLY E 130 19.29 22.80 -36.69
CA GLY E 130 19.17 23.48 -35.42
C GLY E 130 18.33 24.76 -35.43
N LEU E 131 18.69 25.72 -36.29
CA LEU E 131 17.96 26.99 -36.41
C LEU E 131 17.42 27.25 -37.81
N ILE E 132 17.84 26.45 -38.79
CA ILE E 132 17.31 26.58 -40.16
C ILE E 132 16.10 25.65 -40.36
N ASN E 133 15.00 26.27 -40.80
CA ASN E 133 13.76 25.59 -41.20
C ASN E 133 13.74 25.65 -42.74
N ASN E 134 12.84 24.93 -43.41
CA ASN E 134 12.70 25.12 -44.86
C ASN E 134 11.75 26.35 -44.94
N GLU E 135 11.13 26.65 -43.81
CA GLU E 135 10.27 27.82 -43.67
C GLU E 135 10.97 28.92 -42.89
N PHE E 136 12.29 28.82 -42.71
CA PHE E 136 13.10 29.91 -42.15
C PHE E 136 13.54 30.84 -43.24
N SER E 137 14.06 30.23 -44.29
CA SER E 137 14.53 30.95 -45.44
C SER E 137 13.40 31.77 -46.03
N ALA E 138 12.21 31.17 -46.05
CA ALA E 138 11.03 31.84 -46.55
C ALA E 138 10.81 33.16 -45.85
N TYR E 139 10.68 33.13 -44.53
CA TYR E 139 10.50 34.33 -43.75
C TYR E 139 11.44 35.46 -44.12
N TYR E 140 12.70 35.12 -44.16
CA TYR E 140 13.71 36.09 -44.37
C TYR E 140 13.49 36.84 -45.69
N ILE E 141 12.97 36.16 -46.71
CA ILE E 141 12.79 36.79 -48.05
C ILE E 141 11.68 37.84 -48.06
N SER E 142 10.51 37.42 -47.57
CA SER E 142 9.32 38.25 -47.46
C SER E 142 9.61 39.61 -46.92
N HIS E 143 10.43 39.65 -45.87
CA HIS E 143 10.80 40.93 -45.33
C HIS E 143 11.70 41.69 -46.28
N GLU E 144 12.64 40.99 -46.90
CA GLU E 144 13.49 41.63 -47.89
C GLU E 144 12.60 42.18 -48.99
N ILE E 145 11.68 41.36 -49.49
CA ILE E 145 10.76 41.83 -50.52
C ILE E 145 9.95 43.05 -50.10
N HIS E 146 9.42 43.01 -48.88
CA HIS E 146 8.59 44.07 -48.33
C HIS E 146 9.37 45.38 -48.19
N ALA E 147 10.63 45.28 -47.80
CA ALA E 147 11.49 46.46 -47.70
C ALA E 147 11.88 47.00 -49.09
N GLU E 148 12.31 46.13 -49.99
CA GLU E 148 12.72 46.56 -51.32
C GLU E 148 11.47 46.99 -52.09
N TYR E 149 10.32 47.01 -51.43
CA TYR E 149 9.18 47.74 -51.95
C TYR E 149 9.16 49.07 -51.28
N LEU E 150 9.22 49.03 -49.96
CA LEU E 150 8.99 50.22 -49.16
C LEU E 150 10.00 51.29 -49.47
N VAL E 151 11.15 50.89 -50.00
CA VAL E 151 12.13 51.87 -50.43
C VAL E 151 11.87 52.38 -51.86
N GLN E 152 11.48 51.49 -52.79
CA GLN E 152 11.22 51.82 -54.21
C GLN E 152 9.86 52.51 -54.38
N SER E 153 9.23 52.89 -53.26
CA SER E 153 7.82 53.24 -53.29
C SER E 153 7.39 54.59 -52.73
N SER E 154 6.48 55.19 -53.49
CA SER E 154 5.74 56.40 -53.16
C SER E 154 5.23 56.42 -51.71
N LEU E 155 4.72 55.24 -51.32
CA LEU E 155 3.87 55.05 -50.15
C LEU E 155 4.28 55.84 -48.95
N TYR E 156 5.46 55.56 -48.40
CA TYR E 156 5.87 56.24 -47.19
C TYR E 156 5.76 57.73 -47.38
N GLU E 157 6.47 58.28 -48.36
CA GLU E 157 6.43 59.72 -48.62
C GLU E 157 5.04 60.34 -48.60
N LYS E 158 4.13 59.84 -49.43
CA LYS E 158 2.74 60.32 -49.48
C LYS E 158 2.12 60.34 -48.09
N LEU E 159 2.23 59.21 -47.41
CA LEU E 159 1.66 59.06 -46.08
C LEU E 159 2.16 60.13 -45.13
N GLN E 160 3.45 60.46 -45.22
CA GLN E 160 4.00 61.43 -44.28
C GLN E 160 3.49 62.82 -44.57
N LYS E 161 3.18 63.16 -45.81
CA LYS E 161 2.69 64.49 -46.02
C LYS E 161 1.19 64.57 -45.66
N ILE E 162 0.41 63.53 -45.93
CA ILE E 162 -0.94 63.52 -45.38
C ILE E 162 -0.91 63.68 -43.88
N GLN E 163 0.09 63.12 -43.21
CA GLN E 163 0.16 63.20 -41.75
C GLN E 163 0.47 64.63 -41.30
N GLN E 164 0.73 65.48 -42.27
CA GLN E 164 1.05 66.84 -41.96
C GLN E 164 -0.13 67.76 -42.29
N GLU E 165 -1.03 67.33 -43.18
CA GLU E 165 -2.18 68.17 -43.52
C GLU E 165 -2.99 68.44 -42.26
N PRO E 166 -3.45 69.70 -42.08
CA PRO E 166 -4.09 70.18 -40.86
C PRO E 166 -5.45 69.52 -40.61
N ALA E 167 -6.15 69.15 -41.69
CA ALA E 167 -7.39 68.37 -41.62
C ALA E 167 -7.16 67.12 -40.80
N TYR E 168 -6.26 66.24 -41.28
CA TYR E 168 -5.80 65.08 -40.52
C TYR E 168 -5.38 65.52 -39.14
N LEU E 169 -4.47 66.49 -39.08
CA LEU E 169 -3.84 66.86 -37.81
C LEU E 169 -4.85 67.16 -36.72
N SER E 170 -5.90 67.89 -37.10
CA SER E 170 -6.95 68.25 -36.18
C SER E 170 -7.67 67.01 -35.68
N PHE E 171 -8.11 66.18 -36.62
CA PHE E 171 -8.80 64.93 -36.31
C PHE E 171 -8.06 64.10 -35.27
N VAL E 172 -6.75 63.92 -35.43
CA VAL E 172 -5.98 63.10 -34.50
C VAL E 172 -6.01 63.70 -33.10
N ALA E 173 -6.05 65.04 -33.03
CA ALA E 173 -6.10 65.75 -31.75
C ALA E 173 -7.45 65.57 -31.08
N ASP E 174 -8.51 65.59 -31.90
CA ASP E 174 -9.87 65.34 -31.45
C ASP E 174 -10.05 63.89 -30.99
N ALA E 175 -9.43 62.96 -31.69
CA ALA E 175 -9.54 61.54 -31.36
C ALA E 175 -8.88 61.24 -30.01
N LYS E 176 -8.11 62.19 -29.49
CA LYS E 176 -7.51 62.03 -28.18
C LYS E 176 -8.54 62.32 -27.07
N VAL E 177 -9.48 63.23 -27.34
CA VAL E 177 -10.40 63.69 -26.29
C VAL E 177 -11.81 63.12 -26.43
N LEU E 178 -12.19 62.75 -27.65
CA LEU E 178 -13.52 62.25 -27.93
C LEU E 178 -13.59 60.72 -27.89
N SER E 179 -14.78 60.19 -27.61
CA SER E 179 -14.99 58.74 -27.54
C SER E 179 -15.35 58.26 -28.95
N ALA E 180 -15.51 56.97 -29.15
CA ALA E 180 -15.89 56.49 -30.48
C ALA E 180 -17.23 57.04 -30.90
N LYS E 181 -18.23 56.96 -30.00
CA LYS E 181 -19.54 57.58 -30.21
C LYS E 181 -19.43 59.04 -30.65
N GLU E 182 -18.56 59.77 -29.96
CA GLU E 182 -18.38 61.20 -30.15
C GLU E 182 -17.71 61.46 -31.49
N LEU E 183 -16.71 60.68 -31.84
CA LEU E 183 -16.03 60.90 -33.10
C LEU E 183 -16.94 60.65 -34.33
N LYS E 184 -17.88 59.71 -34.20
CA LYS E 184 -18.88 59.44 -35.25
C LYS E 184 -19.83 60.62 -35.41
N ASP E 185 -19.99 61.37 -34.33
CA ASP E 185 -20.88 62.51 -34.35
C ASP E 185 -20.30 63.61 -35.19
N LYS E 186 -19.04 63.96 -34.93
CA LYS E 186 -18.39 65.11 -35.59
C LYS E 186 -18.00 64.80 -37.03
N TYR E 187 -17.28 63.70 -37.21
CA TYR E 187 -16.76 63.32 -38.52
C TYR E 187 -17.57 62.25 -39.23
N PRO E 188 -17.61 62.31 -40.58
CA PRO E 188 -18.26 61.29 -41.41
C PRO E 188 -17.52 59.96 -41.39
N MET E 189 -18.21 58.86 -41.73
CA MET E 189 -17.67 57.51 -41.54
C MET E 189 -16.31 57.35 -42.19
N HIS E 190 -16.17 57.93 -43.37
CA HIS E 190 -14.95 57.72 -44.15
C HIS E 190 -13.79 58.57 -43.68
N ILE E 191 -14.04 59.58 -42.87
CA ILE E 191 -12.95 60.44 -42.44
C ILE E 191 -12.30 59.69 -41.30
N ILE E 192 -13.17 59.19 -40.42
CA ILE E 192 -12.78 58.25 -39.37
C ILE E 192 -11.99 57.05 -39.92
N ARG E 193 -12.48 56.43 -41.00
CA ARG E 193 -11.78 55.33 -41.65
C ARG E 193 -10.39 55.69 -42.07
N GLN E 194 -10.34 56.66 -42.97
CA GLN E 194 -9.12 57.15 -43.58
C GLN E 194 -8.06 57.59 -42.58
N TYR E 195 -8.43 58.48 -41.66
CA TYR E 195 -7.44 59.15 -40.81
C TYR E 195 -6.98 58.25 -39.67
N GLN E 196 -7.85 57.42 -39.13
CA GLN E 196 -7.43 56.51 -38.07
C GLN E 196 -6.38 55.53 -38.62
N SER E 197 -6.62 55.04 -39.83
CA SER E 197 -5.72 54.11 -40.48
C SER E 197 -4.32 54.75 -40.66
N ILE E 198 -4.29 55.92 -41.27
CA ILE E 198 -3.06 56.64 -41.51
C ILE E 198 -2.36 57.08 -40.22
N ARG E 199 -3.14 57.38 -39.19
CA ARG E 199 -2.54 57.71 -37.90
C ARG E 199 -1.73 56.53 -37.37
N ASP E 200 -2.38 55.37 -37.40
CA ASP E 200 -1.90 54.17 -36.76
C ASP E 200 -0.95 53.35 -37.63
N PHE E 201 -0.64 53.80 -38.84
CA PHE E 201 0.23 53.05 -39.74
C PHE E 201 1.61 52.83 -39.15
N LYS E 202 2.08 51.59 -39.21
CA LYS E 202 3.39 51.21 -38.67
C LYS E 202 4.52 51.63 -39.63
N PHE E 203 5.23 52.68 -39.26
CA PHE E 203 6.37 53.11 -40.05
C PHE E 203 7.57 52.30 -39.61
N LEU E 204 8.47 52.02 -40.54
CA LEU E 204 9.61 51.19 -40.23
C LEU E 204 10.92 51.98 -40.35
N ASP E 205 11.86 51.72 -39.44
CA ASP E 205 13.20 52.31 -39.54
C ASP E 205 13.99 51.55 -40.61
N LEU E 206 13.63 51.75 -41.87
CA LEU E 206 14.08 50.93 -43.01
C LEU E 206 15.60 50.60 -43.06
N PRO E 207 16.49 51.51 -42.59
CA PRO E 207 17.87 51.06 -42.40
C PRO E 207 18.03 49.98 -41.33
N HIS E 208 17.66 50.27 -40.09
CA HIS E 208 17.81 49.31 -38.99
C HIS E 208 17.08 48.00 -39.34
N TYR E 209 16.09 48.13 -40.23
CA TYR E 209 15.29 47.02 -40.71
C TYR E 209 16.03 46.20 -41.75
N GLN E 210 16.37 46.81 -42.88
CA GLN E 210 17.01 46.06 -43.98
C GLN E 210 18.28 45.37 -43.50
N GLN E 211 18.89 45.98 -42.49
CA GLN E 211 20.10 45.48 -41.85
C GLN E 211 19.87 44.20 -41.07
N ASN E 212 18.88 44.23 -40.17
CA ASN E 212 18.44 43.01 -39.49
C ASN E 212 18.03 41.98 -40.51
N ILE E 213 17.41 42.43 -41.59
CA ILE E 213 17.04 41.51 -42.64
C ILE E 213 18.30 40.85 -43.17
N GLN E 214 19.48 41.43 -43.03
CA GLN E 214 20.58 40.66 -43.59
C GLN E 214 21.51 40.02 -42.55
N LEU E 215 21.21 40.17 -41.25
CA LEU E 215 21.69 39.19 -40.27
C LEU E 215 21.22 37.82 -40.68
N PHE E 216 20.07 37.79 -41.35
CA PHE E 216 19.43 36.55 -41.77
C PHE E 216 20.04 35.89 -43.04
N LYS E 217 20.56 36.64 -44.03
CA LYS E 217 21.13 35.92 -45.20
C LYS E 217 22.55 35.42 -44.91
N ARG E 218 23.27 36.07 -44.00
CA ARG E 218 24.58 35.59 -43.59
C ARG E 218 24.45 34.14 -43.10
N GLN E 219 23.33 33.83 -42.48
CA GLN E 219 23.10 32.50 -41.97
C GLN E 219 22.87 31.47 -43.07
N LEU E 220 22.32 31.87 -44.21
CA LEU E 220 22.06 30.90 -45.28
C LEU E 220 23.30 30.74 -46.16
N ASP E 221 24.25 31.66 -46.01
CA ASP E 221 25.48 31.58 -46.78
C ASP E 221 26.41 30.64 -46.02
N ILE E 222 26.20 30.54 -44.71
CA ILE E 222 26.94 29.59 -43.87
C ILE E 222 26.53 28.14 -44.13
N PHE E 223 25.23 27.90 -43.97
CA PHE E 223 24.60 26.59 -44.15
C PHE E 223 25.02 25.95 -45.47
N GLY E 224 24.83 26.72 -46.55
CA GLY E 224 25.11 26.27 -47.91
C GLY E 224 26.56 26.35 -48.32
N LYS E 225 27.45 26.43 -47.33
CA LYS E 225 28.87 26.29 -47.60
C LYS E 225 29.26 24.87 -47.22
N GLU E 226 29.81 24.15 -48.20
CA GLU E 226 30.47 22.88 -48.00
C GLU E 226 31.28 22.91 -46.71
N ALA E 227 31.08 21.94 -45.84
CA ALA E 227 31.89 21.94 -44.64
C ALA E 227 32.24 20.57 -44.15
N ALA E 228 33.50 20.42 -43.78
CA ALA E 228 33.97 19.22 -43.15
C ALA E 228 33.82 19.38 -41.65
N PRO E 229 33.43 18.30 -40.95
CA PRO E 229 33.30 18.28 -39.50
C PRO E 229 34.49 18.92 -38.75
N PHE E 230 34.20 19.46 -37.58
CA PHE E 230 35.12 20.27 -36.78
C PHE E 230 34.53 20.45 -35.37
N PHE E 231 35.23 19.92 -34.36
CA PHE E 231 34.74 19.84 -32.97
C PHE E 231 35.24 20.96 -32.04
N LYS E 232 34.36 21.39 -31.13
CA LYS E 232 34.71 22.26 -30.03
C LYS E 232 34.15 21.71 -28.72
N PRO E 233 34.97 20.91 -28.03
CA PRO E 233 34.59 20.28 -26.76
C PRO E 233 34.61 21.24 -25.58
N PHE E 234 33.69 21.07 -24.62
CA PHE E 234 33.66 21.99 -23.49
C PHE E 234 33.49 21.30 -22.14
N ASN E 235 33.17 20.01 -22.12
CA ASN E 235 33.12 19.33 -20.84
C ASN E 235 33.29 17.82 -20.94
N ILE E 236 34.23 17.30 -20.16
CA ILE E 236 34.37 15.87 -19.98
C ILE E 236 33.51 15.50 -18.78
N LEU E 237 32.63 14.54 -18.99
CA LEU E 237 31.57 14.23 -18.04
C LEU E 237 31.98 13.15 -17.08
N LYS E 238 32.86 12.30 -17.60
CA LYS E 238 33.24 11.05 -16.95
C LYS E 238 34.35 10.41 -17.78
N GLU E 239 35.36 9.88 -17.08
CA GLU E 239 36.45 9.10 -17.69
C GLU E 239 36.30 7.65 -17.23
N VAL E 240 36.27 6.71 -18.18
CA VAL E 240 36.22 5.28 -17.82
C VAL E 240 37.59 4.58 -17.95
N TYR E 241 38.13 4.19 -16.79
CA TYR E 241 39.38 3.41 -16.68
C TYR E 241 39.22 1.92 -17.00
N THR E 242 40.37 1.25 -17.18
CA THR E 242 40.43 -0.16 -17.54
C THR E 242 40.24 -1.05 -16.32
N ASP E 243 40.58 -0.51 -15.16
CA ASP E 243 40.33 -1.10 -13.83
C ASP E 243 38.93 -1.69 -13.72
N GLY E 244 37.97 -0.86 -14.08
CA GLY E 244 36.56 -1.08 -13.83
C GLY E 244 36.07 0.19 -13.18
N ARG E 245 37.03 1.04 -12.81
CA ARG E 245 36.77 2.29 -12.11
C ARG E 245 36.46 3.46 -13.05
N GLU E 246 35.41 4.23 -12.74
CA GLU E 246 35.03 5.42 -13.51
C GLU E 246 35.35 6.67 -12.70
N HIS E 247 35.57 7.78 -13.37
CA HIS E 247 35.78 9.03 -12.66
C HIS E 247 34.73 10.04 -13.09
N PHE E 248 33.85 10.42 -12.16
CA PHE E 248 32.83 11.43 -12.42
C PHE E 248 33.53 12.78 -12.25
N VAL E 249 34.01 13.34 -13.36
CA VAL E 249 34.92 14.49 -13.31
C VAL E 249 34.29 15.71 -12.60
N ASN E 250 33.03 16.01 -12.93
CA ASN E 250 32.27 17.05 -12.24
C ASN E 250 33.02 18.38 -12.17
N ASP E 251 33.57 18.79 -13.30
CA ASP E 251 34.21 20.09 -13.33
C ASP E 251 34.16 20.71 -14.73
N ASN E 252 33.44 21.82 -14.82
CA ASN E 252 33.42 22.58 -16.05
C ASN E 252 34.78 23.21 -16.34
N LEU E 253 35.72 23.08 -15.41
CA LEU E 253 37.07 23.62 -15.62
C LEU E 253 37.88 22.65 -16.46
N SER E 254 37.29 21.49 -16.70
CA SER E 254 37.85 20.49 -17.61
C SER E 254 37.82 21.04 -19.03
N PHE E 255 37.18 22.20 -19.18
CA PHE E 255 37.20 22.94 -20.41
C PHE E 255 38.63 23.23 -20.93
N GLN E 256 39.43 23.94 -20.12
CA GLN E 256 40.76 24.36 -20.55
C GLN E 256 41.63 23.16 -20.90
N GLN E 257 41.33 22.06 -20.24
CA GLN E 257 42.04 20.80 -20.38
C GLN E 257 41.82 20.21 -21.78
N ILE E 258 40.75 20.66 -22.43
CA ILE E 258 40.31 20.04 -23.68
C ILE E 258 39.86 21.04 -24.79
N ASN E 259 40.10 22.32 -24.58
CA ASN E 259 39.65 23.37 -25.50
C ASN E 259 40.53 24.61 -25.34
N ASP E 260 41.09 25.12 -26.44
CA ASP E 260 42.00 26.27 -26.36
C ASP E 260 41.32 27.65 -26.45
N ASP E 261 39.99 27.70 -26.54
CA ASP E 261 39.30 29.00 -26.54
C ASP E 261 39.36 29.69 -25.17
N ASP E 262 39.21 31.03 -25.16
CA ASP E 262 39.27 31.83 -23.93
C ASP E 262 37.98 31.83 -23.10
N PHE E 263 38.12 31.83 -21.78
CA PHE E 263 36.95 31.80 -20.89
C PHE E 263 37.25 32.33 -19.49
N LEU E 264 36.21 32.46 -18.67
CA LEU E 264 36.33 33.13 -17.38
C LEU E 264 36.05 32.19 -16.21
N HIS E 265 36.74 32.45 -15.09
CA HIS E 265 36.56 31.72 -13.82
C HIS E 265 36.43 32.73 -12.68
N TYR E 266 35.38 32.63 -11.87
CA TYR E 266 35.20 33.59 -10.81
C TYR E 266 34.72 32.95 -9.51
N GLN E 267 35.27 33.39 -8.37
CA GLN E 267 34.66 33.06 -7.07
C GLN E 267 34.50 34.35 -6.28
N PHE E 268 33.31 34.56 -5.75
CA PHE E 268 32.91 35.88 -5.35
C PHE E 268 32.93 36.08 -3.84
N ALA E 269 32.53 35.03 -3.12
CA ALA E 269 32.37 35.01 -1.67
C ALA E 269 31.18 35.81 -1.19
N ASP E 270 31.17 37.13 -1.37
CA ASP E 270 29.99 37.89 -0.95
C ASP E 270 29.38 38.62 -2.14
N ARG E 271 28.06 38.86 -2.07
CA ARG E 271 27.30 39.42 -3.18
C ARG E 271 27.80 40.79 -3.62
N GLU E 272 28.49 41.51 -2.75
CA GLU E 272 29.01 42.82 -3.12
C GLU E 272 30.42 42.78 -3.72
N ASP E 273 31.13 41.66 -3.59
CA ASP E 273 32.29 41.42 -4.45
C ASP E 273 31.81 41.27 -5.88
N PHE E 274 30.74 40.46 -6.03
CA PHE E 274 30.09 40.27 -7.31
C PHE E 274 29.79 41.62 -7.93
N GLU E 275 29.16 42.51 -7.16
CA GLU E 275 28.82 43.83 -7.65
C GLU E 275 30.04 44.52 -8.29
N ALA E 276 31.20 44.38 -7.64
CA ALA E 276 32.40 45.09 -8.05
C ALA E 276 33.02 44.54 -9.34
N LYS E 277 33.10 43.22 -9.49
CA LYS E 277 33.68 42.67 -10.71
C LYS E 277 32.69 42.57 -11.88
N TYR E 278 31.39 42.83 -11.66
CA TYR E 278 30.42 42.78 -12.76
C TYR E 278 30.85 43.58 -13.98
N PRO E 279 31.21 44.87 -13.81
CA PRO E 279 31.45 45.69 -15.00
C PRO E 279 32.57 45.16 -15.90
N GLN E 280 33.52 44.45 -15.29
CA GLN E 280 34.57 43.77 -16.03
C GLN E 280 34.01 42.62 -16.83
N ILE E 281 33.24 41.77 -16.15
CA ILE E 281 32.63 40.59 -16.76
C ILE E 281 31.67 41.01 -17.86
N ARG E 282 30.95 42.10 -17.60
CA ARG E 282 29.99 42.66 -18.56
C ARG E 282 30.74 43.11 -19.79
N ALA E 283 31.86 43.81 -19.58
CA ALA E 283 32.66 44.31 -20.69
C ALA E 283 33.23 43.15 -21.54
N TRP E 284 33.53 42.02 -20.90
CA TRP E 284 34.15 40.92 -21.65
C TRP E 284 33.19 40.17 -22.56
N VAL E 285 32.03 39.78 -22.04
CA VAL E 285 31.04 39.08 -22.83
C VAL E 285 30.53 40.03 -23.89
N ASP E 286 30.70 41.34 -23.65
CA ASP E 286 30.28 42.36 -24.59
C ASP E 286 30.99 42.21 -25.94
N GLN E 287 32.14 41.56 -25.93
CA GLN E 287 32.91 41.42 -27.15
C GLN E 287 32.64 40.12 -27.90
N VAL E 288 31.85 39.24 -27.29
CA VAL E 288 31.52 37.95 -27.90
C VAL E 288 30.42 38.15 -28.94
N ASN E 289 30.80 38.65 -30.12
CA ASN E 289 29.82 39.09 -31.11
C ASN E 289 29.95 38.53 -32.52
N GLN E 290 30.89 37.62 -32.75
CA GLN E 290 31.13 37.25 -34.14
C GLN E 290 30.13 36.17 -34.54
N SER E 291 29.98 35.99 -35.86
CA SER E 291 28.99 35.08 -36.47
C SER E 291 28.95 33.65 -35.88
N ASP E 292 30.07 33.21 -35.32
CA ASP E 292 30.20 31.91 -34.65
C ASP E 292 29.28 31.68 -33.46
N GLU E 293 28.95 32.77 -32.77
CA GLU E 293 28.58 32.65 -31.38
C GLU E 293 27.11 32.96 -31.10
N GLU E 294 26.41 31.96 -30.56
CA GLU E 294 25.07 32.14 -30.07
C GLU E 294 25.09 33.28 -29.05
N GLY E 295 26.21 33.40 -28.34
CA GLY E 295 26.32 34.34 -27.25
C GLY E 295 27.20 33.76 -26.16
N VAL E 296 26.76 33.93 -24.91
CA VAL E 296 27.53 33.43 -23.78
C VAL E 296 26.72 32.45 -22.94
N VAL E 297 27.40 31.55 -22.23
CA VAL E 297 26.73 30.67 -21.29
C VAL E 297 27.32 30.78 -19.86
N ILE E 298 26.48 30.68 -18.83
CA ILE E 298 26.93 30.76 -17.44
C ILE E 298 26.76 29.48 -16.67
N LYS E 299 27.86 28.86 -16.28
CA LYS E 299 27.81 27.63 -15.50
C LYS E 299 28.42 27.86 -14.13
N PRO E 300 28.04 27.06 -13.15
CA PRO E 300 28.72 27.05 -11.87
C PRO E 300 30.02 26.26 -12.00
N ARG E 301 31.03 26.56 -11.18
CA ARG E 301 32.32 25.87 -11.28
C ARG E 301 32.16 24.38 -11.19
N THR E 302 31.47 23.94 -10.13
CA THR E 302 31.09 22.55 -10.00
C THR E 302 29.99 22.30 -11.03
N ALA E 303 30.08 21.22 -11.79
CA ALA E 303 29.18 21.03 -12.92
C ALA E 303 27.77 20.59 -12.51
N PHE E 304 27.69 19.82 -11.42
CA PHE E 304 26.42 19.35 -10.86
C PHE E 304 26.26 19.72 -9.36
N LEU E 305 25.21 20.46 -9.03
CA LEU E 305 24.90 20.75 -7.65
C LEU E 305 23.45 20.50 -7.47
N PRO E 306 23.06 20.10 -6.26
CA PRO E 306 21.66 19.93 -5.93
C PRO E 306 20.79 21.15 -6.27
N GLY E 307 19.71 20.91 -7.02
CA GLY E 307 18.71 21.91 -7.27
C GLY E 307 19.14 23.04 -8.17
N MET E 308 20.42 23.06 -8.56
CA MET E 308 20.94 24.07 -9.47
C MET E 308 20.83 23.63 -10.91
N PRO E 309 20.69 24.58 -11.83
CA PRO E 309 20.66 24.29 -13.26
C PRO E 309 22.08 24.18 -13.77
N PRO E 310 22.30 23.44 -14.86
CA PRO E 310 23.65 23.34 -15.43
C PRO E 310 24.14 24.70 -15.88
N ALA E 311 23.25 25.47 -16.48
CA ALA E 311 23.63 26.80 -16.93
C ALA E 311 22.47 27.75 -17.23
N PHE E 312 22.83 29.01 -17.44
CA PHE E 312 21.99 30.04 -18.01
C PHE E 312 22.63 30.54 -19.29
N LYS E 313 21.93 30.49 -20.42
CA LYS E 313 22.43 31.14 -21.63
C LYS E 313 22.09 32.64 -21.57
N VAL E 314 22.93 33.45 -22.18
CA VAL E 314 22.71 34.88 -22.34
C VAL E 314 23.08 35.28 -23.75
N ARG E 315 22.09 35.29 -24.64
CA ARG E 315 22.39 35.48 -26.05
C ARG E 315 22.51 36.96 -26.49
N ASN E 316 23.58 37.28 -27.23
CA ASN E 316 23.80 38.65 -27.71
C ASN E 316 22.68 39.08 -28.64
N ASN E 317 22.45 40.39 -28.71
CA ASN E 317 21.28 40.92 -29.39
C ASN E 317 21.19 40.44 -30.83
N ASP E 318 22.33 40.28 -31.49
CA ASP E 318 22.34 39.89 -32.90
C ASP E 318 21.78 38.47 -33.08
N TYR E 319 22.10 37.54 -32.16
CA TYR E 319 21.64 36.16 -32.33
C TYR E 319 20.17 36.06 -32.02
N LEU E 320 19.72 36.76 -30.97
CA LEU E 320 18.32 36.78 -30.53
C LEU E 320 17.42 37.21 -31.68
N THR E 321 17.91 38.21 -32.41
CA THR E 321 17.23 38.71 -33.59
C THR E 321 16.90 37.55 -34.53
N LEU E 322 17.68 36.49 -34.48
CA LEU E 322 17.41 35.38 -35.35
C LEU E 322 16.33 34.47 -34.77
N VAL E 323 16.42 34.15 -33.47
CA VAL E 323 15.38 33.34 -32.83
C VAL E 323 14.03 34.07 -32.87
N TYR E 324 14.04 35.38 -32.63
CA TYR E 324 12.82 36.13 -32.38
C TYR E 324 12.30 36.89 -33.58
N GLY E 325 13.12 37.11 -34.59
CA GLY E 325 12.70 37.80 -35.81
C GLY E 325 13.24 39.22 -35.94
N VAL E 326 13.11 39.79 -37.15
CA VAL E 326 13.74 41.07 -37.47
C VAL E 326 13.10 42.28 -36.81
N ASP E 327 11.92 42.08 -36.24
CA ASP E 327 11.22 43.16 -35.58
C ASP E 327 11.55 43.18 -34.11
N PHE E 328 12.56 42.42 -33.70
CA PHE E 328 12.86 42.20 -32.30
C PHE E 328 13.11 43.50 -31.51
N GLN E 329 14.08 44.32 -31.90
CA GLN E 329 14.35 45.53 -31.13
C GLN E 329 13.11 46.43 -31.06
N ASP E 330 12.41 46.56 -32.18
CA ASP E 330 11.22 47.37 -32.29
C ASP E 330 10.13 46.87 -31.34
N ARG E 331 10.16 45.57 -31.02
CA ARG E 331 9.17 44.91 -30.17
C ARG E 331 9.69 44.48 -28.80
N LEU E 332 10.67 45.20 -28.27
CA LEU E 332 11.40 44.66 -27.14
C LEU E 332 10.65 44.61 -25.82
N GLN E 333 10.04 45.74 -25.41
CA GLN E 333 9.42 45.79 -24.08
C GLN E 333 8.29 44.77 -24.06
N GLU E 334 7.61 44.66 -25.20
CA GLU E 334 6.62 43.60 -25.41
C GLU E 334 7.11 42.20 -25.04
N GLN E 335 8.16 41.77 -25.75
CA GLN E 335 8.72 40.41 -25.63
C GLN E 335 9.21 40.11 -24.23
N ILE E 336 9.80 41.14 -23.62
CA ILE E 336 10.36 41.08 -22.28
C ILE E 336 9.25 40.79 -21.29
N ALA E 337 8.15 41.50 -21.46
CA ALA E 337 7.02 41.34 -20.58
C ALA E 337 6.45 39.95 -20.77
N LYS E 338 6.53 39.46 -22.00
CA LYS E 338 5.98 38.14 -22.29
C LYS E 338 6.87 37.00 -21.84
N ARG E 339 8.13 37.32 -21.55
CA ARG E 339 9.12 36.30 -21.30
C ARG E 339 8.96 35.71 -19.92
N ASN E 340 8.95 34.39 -19.85
CA ASN E 340 8.83 33.71 -18.58
C ASN E 340 9.62 32.44 -18.49
N ILE E 341 10.75 32.49 -17.80
CA ILE E 341 11.66 31.35 -17.84
C ILE E 341 11.39 30.36 -16.73
N LYS E 342 10.37 30.59 -15.90
CA LYS E 342 10.30 29.83 -14.66
C LYS E 342 10.07 28.35 -14.94
N GLY E 343 9.43 28.04 -16.05
CA GLY E 343 9.18 26.65 -16.38
C GLY E 343 10.33 25.95 -17.07
N LYS E 344 10.96 26.63 -18.02
CA LYS E 344 12.17 26.14 -18.66
C LYS E 344 13.24 25.87 -17.60
N LEU E 345 13.47 26.82 -16.69
CA LEU E 345 14.46 26.65 -15.61
C LEU E 345 14.24 25.40 -14.76
N ARG E 346 12.98 25.08 -14.47
CA ARG E 346 12.70 23.87 -13.71
C ARG E 346 13.09 22.64 -14.52
N CYS E 347 12.74 22.61 -15.79
CA CYS E 347 13.09 21.43 -16.57
C CYS E 347 14.61 21.31 -16.71
N SER E 348 15.29 22.41 -17.03
CA SER E 348 16.76 22.43 -17.15
C SER E 348 17.36 21.83 -15.89
N ILE E 349 16.83 22.21 -14.73
CA ILE E 349 17.28 21.65 -13.46
C ILE E 349 17.00 20.13 -13.34
N ASN E 350 15.75 19.69 -13.48
CA ASN E 350 15.43 18.27 -13.43
C ASN E 350 16.18 17.47 -14.51
N ASP E 351 16.44 18.11 -15.63
CA ASP E 351 17.02 17.39 -16.74
C ASP E 351 18.44 17.00 -16.41
N TRP E 352 19.14 17.91 -15.74
CA TRP E 352 20.54 17.71 -15.39
C TRP E 352 20.60 16.69 -14.27
N ALA E 353 19.62 16.76 -13.36
CA ALA E 353 19.55 15.84 -12.25
C ALA E 353 19.39 14.39 -12.74
N ILE E 354 18.67 14.19 -13.85
CA ILE E 354 18.59 12.86 -14.44
C ILE E 354 19.95 12.44 -14.96
N ASN E 355 20.60 13.34 -15.67
CA ASN E 355 21.88 13.04 -16.29
C ASN E 355 22.89 12.57 -15.25
N ALA E 356 22.90 13.22 -14.08
CA ALA E 356 23.78 12.79 -13.01
C ALA E 356 23.58 11.30 -12.72
N LYS E 357 22.31 10.92 -12.58
CA LYS E 357 21.96 9.52 -12.33
C LYS E 357 22.32 8.61 -13.49
N LEU E 358 22.11 9.07 -14.73
CA LEU E 358 22.49 8.28 -15.92
C LEU E 358 24.02 8.06 -16.00
N LEU E 359 24.76 9.12 -15.74
CA LEU E 359 26.21 9.02 -15.65
C LEU E 359 26.65 8.11 -14.49
N ALA E 360 26.00 8.23 -13.34
CA ALA E 360 26.35 7.41 -12.18
C ALA E 360 26.24 5.92 -12.50
N ILE E 361 25.41 5.57 -13.49
CA ILE E 361 25.36 4.19 -13.94
C ILE E 361 26.66 3.82 -14.64
N PRO E 362 27.28 2.70 -14.23
CA PRO E 362 28.58 2.22 -14.76
C PRO E 362 28.48 1.77 -16.20
N TYR E 363 29.43 2.17 -17.06
CA TYR E 363 29.36 1.86 -18.50
C TYR E 363 29.17 0.36 -18.75
N SER E 364 30.01 -0.46 -18.13
CA SER E 364 29.88 -1.93 -18.09
C SER E 364 28.42 -2.41 -17.98
N GLU E 365 27.65 -1.77 -17.10
CA GLU E 365 26.30 -2.24 -16.76
C GLU E 365 25.22 -1.74 -17.73
N LEU E 366 25.59 -0.87 -18.66
CA LEU E 366 24.67 -0.41 -19.70
C LEU E 366 24.19 -1.55 -20.58
N GLY E 367 22.90 -1.83 -20.58
CA GLY E 367 22.42 -2.95 -21.37
C GLY E 367 20.93 -3.16 -21.27
N GLU E 368 20.41 -3.96 -22.21
CA GLU E 368 19.00 -4.00 -22.52
C GLU E 368 18.15 -4.58 -21.39
N GLU E 369 18.79 -4.96 -20.29
CA GLU E 369 18.03 -5.41 -19.14
C GLU E 369 18.52 -4.76 -17.85
N ASN E 370 19.19 -3.62 -17.99
CA ASN E 370 19.47 -2.81 -16.82
C ASN E 370 18.24 -1.96 -16.53
N TYR E 371 17.24 -2.57 -15.90
CA TYR E 371 15.96 -1.90 -15.72
C TYR E 371 16.02 -0.72 -14.78
N GLU E 372 17.20 -0.35 -14.30
CA GLU E 372 17.24 0.90 -13.60
C GLU E 372 17.57 1.96 -14.64
N LEU E 373 18.47 1.61 -15.57
CA LEU E 373 18.81 2.48 -16.71
C LEU E 373 17.58 2.76 -17.56
N LYS E 374 16.85 1.69 -17.92
CA LYS E 374 15.62 1.85 -18.69
C LYS E 374 14.63 2.82 -18.03
N ASN E 375 14.48 2.74 -16.71
CA ASN E 375 13.64 3.70 -15.99
C ASN E 375 14.13 5.15 -16.09
N LEU E 376 15.38 5.36 -15.71
CA LEU E 376 16.07 6.64 -15.82
C LEU E 376 15.91 7.32 -17.18
N VAL E 377 15.85 6.51 -18.23
CA VAL E 377 15.72 7.03 -19.59
C VAL E 377 14.29 7.45 -19.87
N LEU E 378 13.37 6.52 -19.64
CA LEU E 378 11.94 6.77 -19.76
C LEU E 378 11.60 8.06 -19.01
N ASP E 379 12.11 8.18 -17.78
CA ASP E 379 12.02 9.46 -17.06
C ASP E 379 12.45 10.62 -17.95
N ARG E 380 13.69 10.57 -18.44
CA ARG E 380 14.23 11.65 -19.27
C ARG E 380 13.39 11.89 -20.51
N ILE E 381 12.93 10.80 -21.11
CA ILE E 381 12.12 10.91 -22.30
C ILE E 381 10.85 11.67 -21.96
N LEU E 382 10.18 11.30 -20.87
CA LEU E 382 8.98 12.02 -20.47
C LEU E 382 9.22 13.50 -20.29
N GLY E 383 10.38 13.86 -19.78
CA GLY E 383 10.64 15.23 -19.42
C GLY E 383 11.04 16.01 -20.65
N GLU E 384 11.34 15.29 -21.72
CA GLU E 384 11.55 15.88 -23.04
C GLU E 384 10.20 16.27 -23.61
N GLU E 385 9.19 15.41 -23.47
CA GLU E 385 7.86 15.72 -24.04
C GLU E 385 7.32 16.96 -23.33
N ILE E 386 7.55 17.07 -22.03
CA ILE E 386 7.21 18.29 -21.26
C ILE E 386 7.95 19.57 -21.68
N GLU E 387 9.26 19.50 -21.80
CA GLU E 387 10.10 20.68 -22.02
C GLU E 387 9.96 21.13 -23.46
N ASN E 388 9.33 20.27 -24.26
CA ASN E 388 9.10 20.54 -25.67
C ASN E 388 7.86 21.44 -25.89
N GLN E 389 7.01 21.54 -24.89
CA GLN E 389 5.80 22.31 -25.05
C GLN E 389 6.05 23.76 -24.66
N LEU E 390 7.25 24.05 -24.19
CA LEU E 390 7.56 25.40 -23.70
C LEU E 390 7.84 26.38 -24.82
N ASP E 391 7.96 27.67 -24.46
CA ASP E 391 8.29 28.71 -25.44
C ASP E 391 9.47 28.28 -26.29
N SER E 392 9.22 28.01 -27.57
CA SER E 392 10.25 27.46 -28.46
C SER E 392 11.53 28.30 -28.53
N ARG E 393 11.43 29.60 -28.25
CA ARG E 393 12.56 30.51 -28.35
C ARG E 393 13.37 30.62 -27.05
N LEU E 394 13.57 29.50 -26.38
CA LEU E 394 14.30 29.52 -25.13
C LEU E 394 15.38 28.45 -25.18
N MET F 1 2.10 41.94 -47.78
CA MET F 1 1.31 41.67 -48.96
C MET F 1 1.40 42.86 -49.88
N ILE F 2 1.74 42.66 -51.14
CA ILE F 2 1.93 43.76 -52.05
C ILE F 2 1.25 43.43 -53.36
N LEU F 3 0.24 44.21 -53.69
CA LEU F 3 -0.61 43.95 -54.84
C LEU F 3 -0.41 45.11 -55.79
N GLN F 4 -0.10 44.85 -57.04
CA GLN F 4 0.11 45.91 -58.01
C GLN F 4 -0.80 45.71 -59.18
N ILE F 5 -1.69 46.67 -59.39
CA ILE F 5 -2.60 46.57 -60.50
C ILE F 5 -2.22 47.50 -61.65
N HIS F 6 -1.97 46.93 -62.82
CA HIS F 6 -1.55 47.67 -64.01
C HIS F 6 -2.58 47.61 -65.13
N SER F 7 -2.79 48.74 -65.80
CA SER F 7 -3.59 48.78 -67.03
C SER F 7 -3.39 50.10 -67.74
N GLN F 8 -3.24 50.07 -69.07
CA GLN F 8 -3.06 51.30 -69.86
C GLN F 8 -4.42 51.93 -70.23
N ASN F 9 -5.51 51.36 -69.71
CA ASN F 9 -6.80 52.05 -69.60
C ASN F 9 -6.63 53.41 -68.91
N PRO F 10 -7.15 54.51 -69.50
CA PRO F 10 -7.10 55.84 -68.88
C PRO F 10 -8.03 55.94 -67.69
N HIS F 11 -9.13 55.20 -67.70
CA HIS F 11 -10.09 55.25 -66.61
C HIS F 11 -9.98 54.10 -65.60
N LEU F 12 -8.78 53.55 -65.44
CA LEU F 12 -8.58 52.42 -64.55
C LEU F 12 -9.09 52.72 -63.15
N LEU F 13 -8.65 53.85 -62.62
CA LEU F 13 -8.97 54.17 -61.25
C LEU F 13 -10.47 54.27 -61.00
N ASP F 14 -11.20 54.71 -62.01
CA ASP F 14 -12.65 54.78 -61.93
C ASP F 14 -13.20 53.35 -61.78
N LEU F 15 -12.55 52.40 -62.40
CA LEU F 15 -12.97 51.02 -62.34
C LEU F 15 -12.65 50.38 -60.98
N LEU F 16 -11.69 50.96 -60.28
CA LEU F 16 -11.36 50.52 -58.94
C LEU F 16 -12.16 51.27 -57.85
N ASN F 17 -12.98 52.22 -58.27
CA ASN F 17 -13.73 53.06 -57.33
C ASN F 17 -12.82 53.73 -56.30
N LYS F 18 -11.61 54.06 -56.73
CA LYS F 18 -10.69 54.86 -55.93
C LYS F 18 -10.43 56.18 -56.66
N ASN F 19 -10.61 57.32 -55.99
CA ASN F 19 -10.38 58.61 -56.62
C ASN F 19 -8.99 59.15 -56.32
N PRO F 20 -8.21 59.45 -57.37
CA PRO F 20 -6.82 59.94 -57.28
C PRO F 20 -6.63 61.32 -56.69
N HIS F 21 -7.69 62.10 -56.50
CA HIS F 21 -7.55 63.46 -55.98
C HIS F 21 -7.56 63.49 -54.47
N THR F 22 -8.35 62.59 -53.87
CA THR F 22 -8.46 62.48 -52.42
C THR F 22 -7.15 62.03 -51.78
N ASP F 23 -6.76 62.75 -50.73
CA ASP F 23 -5.54 62.49 -49.98
C ASP F 23 -4.41 61.88 -50.81
N LEU F 24 -4.00 62.58 -51.86
CA LEU F 24 -2.80 62.19 -52.60
C LEU F 24 -2.89 60.80 -53.23
N GLY F 25 -4.10 60.27 -53.36
CA GLY F 25 -4.30 58.98 -53.98
C GLY F 25 -4.34 57.82 -52.98
N ILE F 26 -4.02 58.16 -51.73
CA ILE F 26 -3.97 57.19 -50.67
C ILE F 26 -5.40 56.79 -50.28
N TYR F 27 -5.63 55.49 -50.08
CA TYR F 27 -6.89 54.99 -49.49
C TYR F 27 -6.51 54.06 -48.36
N ALA F 28 -6.89 54.41 -47.15
CA ALA F 28 -6.47 53.66 -45.98
C ALA F 28 -7.68 53.12 -45.23
N LYS F 29 -7.54 51.89 -44.75
CA LYS F 29 -8.53 51.18 -43.95
C LYS F 29 -7.80 50.20 -43.00
N SER F 30 -8.16 50.17 -41.73
CA SER F 30 -7.60 49.16 -40.86
C SER F 30 -8.10 47.78 -41.28
N LEU F 31 -7.23 46.77 -41.19
CA LEU F 31 -7.56 45.36 -41.42
C LEU F 31 -6.76 44.49 -40.44
N ARG F 32 -7.45 43.81 -39.54
CA ARG F 32 -6.88 43.06 -38.42
C ARG F 32 -5.95 43.92 -37.62
N ASN F 33 -4.77 43.43 -37.26
CA ASN F 33 -3.91 44.22 -36.38
C ASN F 33 -2.96 45.09 -37.18
N GLY F 34 -3.39 45.40 -38.39
CA GLY F 34 -2.58 46.09 -39.36
C GLY F 34 -3.38 47.17 -40.04
N GLN F 35 -2.78 47.74 -41.10
CA GLN F 35 -3.40 48.75 -41.94
C GLN F 35 -3.26 48.36 -43.38
N LEU F 36 -4.34 48.45 -44.15
CA LEU F 36 -4.31 48.18 -45.58
C LEU F 36 -4.35 49.49 -46.39
N ILE F 37 -3.33 49.79 -47.18
CA ILE F 37 -3.21 51.09 -47.86
C ILE F 37 -3.26 50.94 -49.39
N GLY F 38 -4.22 51.61 -50.03
CA GLY F 38 -4.30 51.64 -51.49
C GLY F 38 -3.59 52.86 -52.03
N ASN F 39 -2.96 52.75 -53.19
CA ASN F 39 -2.14 53.84 -53.70
C ASN F 39 -2.20 53.97 -55.20
N ALA F 40 -2.93 54.96 -55.67
CA ALA F 40 -2.93 55.34 -57.07
C ALA F 40 -1.62 56.04 -57.41
N VAL F 41 -0.63 55.32 -57.96
CA VAL F 41 0.63 55.97 -58.27
C VAL F 41 0.48 56.72 -59.56
N SER F 42 -0.39 56.24 -60.42
CA SER F 42 -0.67 56.90 -61.69
C SER F 42 -2.10 56.62 -62.15
N ALA F 43 -2.45 56.96 -63.38
CA ALA F 43 -3.80 56.68 -63.85
C ALA F 43 -3.89 55.23 -64.19
N TYR F 44 -2.70 54.63 -64.30
CA TYR F 44 -2.49 53.34 -64.93
C TYR F 44 -1.90 52.27 -64.00
N GLN F 45 -1.73 52.63 -62.72
CA GLN F 45 -1.20 51.72 -61.71
C GLN F 45 -1.72 51.99 -60.29
N TYR F 46 -2.33 50.98 -59.66
CA TYR F 46 -2.76 51.03 -58.28
C TYR F 46 -2.00 50.02 -57.43
N ASP F 47 -1.50 50.44 -56.27
CA ASP F 47 -0.71 49.59 -55.36
C ASP F 47 -1.32 49.38 -53.95
N VAL F 48 -1.77 48.15 -53.69
CA VAL F 48 -2.18 47.77 -52.34
C VAL F 48 -1.06 47.16 -51.49
N VAL F 49 -0.83 47.72 -50.32
CA VAL F 49 0.19 47.24 -49.41
C VAL F 49 -0.47 46.93 -48.08
N PHE F 50 -0.09 45.83 -47.41
CA PHE F 50 -0.60 45.53 -46.07
C PHE F 50 0.51 45.57 -45.08
N GLN F 51 0.42 46.48 -44.12
CA GLN F 51 1.43 46.60 -43.09
C GLN F 51 0.87 46.06 -41.82
N ASP F 52 1.42 44.93 -41.38
CA ASP F 52 0.96 44.35 -40.15
C ASP F 52 1.82 44.80 -38.95
N THR F 53 1.31 44.48 -37.76
CA THR F 53 2.03 44.63 -36.53
C THR F 53 2.39 43.26 -35.94
N ARG F 54 1.37 42.42 -35.72
CA ARG F 54 1.51 41.05 -35.19
C ARG F 54 0.28 40.14 -35.45
N TYR F 55 0.53 38.87 -35.75
CA TYR F 55 -0.48 37.84 -35.63
C TYR F 55 -1.74 38.06 -36.43
N SER F 56 -1.70 38.92 -37.43
CA SER F 56 -2.93 39.18 -38.17
C SER F 56 -3.30 37.99 -39.01
N TYR F 57 -2.32 37.18 -39.41
CA TYR F 57 -2.68 36.10 -40.32
C TYR F 57 -2.16 34.74 -39.94
N LEU F 58 -1.50 34.67 -38.80
CA LEU F 58 -1.25 33.40 -38.11
C LEU F 58 -1.48 33.58 -36.62
N PRO F 59 -2.18 32.63 -35.97
CA PRO F 59 -2.39 32.75 -34.52
C PRO F 59 -1.09 32.91 -33.77
N GLU F 60 -1.09 33.72 -32.72
CA GLU F 60 0.10 33.90 -31.89
C GLU F 60 0.57 32.60 -31.24
N GLU F 61 -0.37 31.67 -31.06
CA GLU F 61 -0.17 30.45 -30.28
C GLU F 61 0.97 29.65 -30.86
N SER F 62 1.13 29.65 -32.18
CA SER F 62 2.31 28.99 -32.75
C SER F 62 3.54 29.82 -32.51
N ASN F 63 4.71 29.23 -32.70
CA ASN F 63 5.88 30.01 -32.43
C ASN F 63 6.69 30.26 -33.69
N GLN F 64 6.21 29.75 -34.84
CA GLN F 64 6.82 30.05 -36.14
C GLN F 64 7.27 31.48 -36.13
N ILE F 65 8.51 31.71 -36.52
CA ILE F 65 8.86 33.02 -37.03
C ILE F 65 7.74 33.17 -38.08
N ASP F 66 6.94 34.23 -37.95
CA ASP F 66 5.64 34.33 -38.65
C ASP F 66 5.70 35.32 -39.80
N PHE F 67 5.28 34.85 -40.96
CA PHE F 67 5.32 35.69 -42.15
C PHE F 67 4.04 35.65 -42.95
N GLN F 68 2.98 35.10 -42.37
CA GLN F 68 1.75 34.94 -43.14
C GLN F 68 1.23 36.29 -43.67
N SER F 69 1.52 37.36 -42.92
CA SER F 69 1.02 38.69 -43.25
C SER F 69 1.61 39.20 -44.53
N TYR F 70 2.69 38.57 -44.97
CA TYR F 70 3.32 39.00 -46.18
C TYR F 70 2.93 38.11 -47.37
N CYS F 71 2.14 37.05 -47.12
CA CYS F 71 1.83 36.12 -48.19
C CYS F 71 0.56 35.25 -48.10
N SER F 72 -0.29 35.34 -47.08
CA SER F 72 -1.41 34.38 -47.11
C SER F 72 -2.34 34.72 -48.21
N PRO F 73 -2.86 33.69 -48.87
CA PRO F 73 -3.81 33.98 -49.93
C PRO F 73 -4.99 34.73 -49.34
N LEU F 74 -5.12 34.71 -48.02
CA LEU F 74 -6.28 35.31 -47.37
C LEU F 74 -6.22 36.84 -47.46
N VAL F 75 -5.05 37.41 -47.21
CA VAL F 75 -4.92 38.86 -47.33
C VAL F 75 -5.40 39.34 -48.71
N ILE F 76 -5.16 38.49 -49.72
CA ILE F 76 -5.60 38.81 -51.05
C ILE F 76 -7.12 38.79 -51.07
N LEU F 77 -7.73 37.71 -50.58
CA LEU F 77 -9.18 37.64 -50.45
C LEU F 77 -9.73 38.87 -49.80
N HIS F 78 -9.13 39.28 -48.69
CA HIS F 78 -9.65 40.42 -47.96
C HIS F 78 -9.50 41.72 -48.77
N ILE F 79 -8.32 41.96 -49.31
CA ILE F 79 -8.11 43.11 -50.20
C ILE F 79 -9.21 43.18 -51.25
N CYS F 80 -9.41 42.08 -51.97
CA CYS F 80 -10.49 42.02 -52.95
C CYS F 80 -11.79 42.52 -52.36
N ASN F 81 -12.08 42.10 -51.14
CA ASN F 81 -13.41 42.29 -50.67
C ASN F 81 -13.62 43.61 -49.92
N GLU F 82 -12.54 44.30 -49.57
CA GLU F 82 -12.71 45.66 -49.04
C GLU F 82 -12.54 46.67 -50.17
N PHE F 83 -11.32 46.76 -50.67
CA PHE F 83 -11.04 47.72 -51.72
C PHE F 83 -11.83 47.50 -53.01
N PHE F 84 -11.99 46.26 -53.45
CA PHE F 84 -12.46 46.05 -54.82
C PHE F 84 -13.77 45.28 -54.93
N LYS F 85 -14.66 45.53 -53.99
CA LYS F 85 -15.86 44.72 -53.90
C LYS F 85 -16.72 44.76 -55.17
N GLU F 86 -16.83 45.93 -55.77
CA GLU F 86 -17.75 46.09 -56.89
C GLU F 86 -17.22 45.33 -58.08
N LEU F 87 -15.91 45.13 -58.12
CA LEU F 87 -15.32 44.30 -59.16
C LEU F 87 -15.68 42.80 -59.00
N LEU F 88 -16.12 42.40 -57.81
CA LEU F 88 -16.45 41.00 -57.62
C LEU F 88 -17.94 40.72 -57.82
N GLN F 89 -18.65 41.64 -58.44
CA GLN F 89 -20.10 41.49 -58.68
C GLN F 89 -20.42 40.38 -59.68
N GLU F 90 -21.67 39.90 -59.66
CA GLU F 90 -22.12 38.88 -60.61
C GLU F 90 -21.92 39.39 -61.99
N LYS F 91 -21.43 38.50 -62.83
CA LYS F 91 -20.93 38.85 -64.15
C LYS F 91 -21.99 39.65 -64.87
N GLN F 92 -23.25 39.27 -64.66
CA GLN F 92 -24.34 39.92 -65.36
C GLN F 92 -24.45 41.40 -64.97
N THR F 93 -24.69 41.63 -63.69
CA THR F 93 -24.75 42.96 -63.06
C THR F 93 -23.63 43.96 -63.38
N TYR F 94 -22.41 43.49 -63.24
CA TYR F 94 -21.22 44.32 -63.41
C TYR F 94 -21.22 45.12 -64.69
N TRP F 95 -21.41 44.43 -65.80
CA TRP F 95 -21.16 45.02 -67.10
C TRP F 95 -22.16 46.09 -67.51
N SER F 96 -23.41 45.91 -67.13
CA SER F 96 -24.43 46.90 -67.48
C SER F 96 -24.68 47.93 -66.37
N GLN F 97 -23.65 48.25 -65.61
CA GLN F 97 -23.76 49.15 -64.47
C GLN F 97 -23.05 50.49 -64.72
N GLN F 98 -23.66 51.59 -64.27
CA GLN F 98 -23.14 52.92 -64.58
C GLN F 98 -21.99 53.30 -63.67
N ILE F 99 -21.00 53.97 -64.22
CA ILE F 99 -19.94 54.57 -63.43
C ILE F 99 -20.16 56.06 -63.40
N LYS F 100 -19.88 56.74 -62.29
CA LYS F 100 -19.91 58.19 -62.31
C LYS F 100 -18.69 58.73 -61.56
N TRP F 101 -18.20 59.94 -61.84
CA TRP F 101 -18.72 60.91 -62.80
C TRP F 101 -18.33 60.65 -64.25
N LEU F 102 -18.71 59.50 -64.78
CA LEU F 102 -18.45 59.12 -66.16
C LEU F 102 -19.85 58.87 -66.65
N GLU F 103 -20.10 58.83 -67.94
CA GLU F 103 -21.52 58.77 -68.28
C GLU F 103 -21.78 57.61 -69.19
N ARG F 104 -20.87 56.66 -69.12
CA ARG F 104 -21.09 55.40 -69.78
C ARG F 104 -20.90 54.27 -68.77
N THR F 105 -21.13 53.03 -69.21
CA THR F 105 -21.14 51.88 -68.29
C THR F 105 -19.83 51.10 -68.33
N ARG F 106 -19.71 50.14 -67.41
CA ARG F 106 -18.49 49.37 -67.30
C ARG F 106 -18.21 48.60 -68.59
N ALA F 107 -19.28 48.24 -69.29
CA ALA F 107 -19.14 47.54 -70.54
C ALA F 107 -18.41 48.42 -71.57
N GLU F 108 -18.46 49.74 -71.39
CA GLU F 108 -17.72 50.65 -72.27
C GLU F 108 -16.35 51.03 -71.73
N VAL F 109 -16.17 50.95 -70.42
CA VAL F 109 -14.93 51.42 -69.82
C VAL F 109 -13.94 50.31 -69.44
N ASP F 110 -14.42 49.22 -68.84
CA ASP F 110 -13.50 48.16 -68.42
C ASP F 110 -13.13 47.36 -69.63
N THR F 111 -12.26 47.95 -70.43
CA THR F 111 -12.11 47.48 -71.77
C THR F 111 -10.66 47.49 -72.26
N TYR F 112 -9.77 48.02 -71.44
CA TYR F 112 -8.34 47.85 -71.68
C TYR F 112 -7.86 46.69 -70.81
N PRO F 113 -6.92 45.88 -71.33
CA PRO F 113 -6.37 44.74 -70.60
C PRO F 113 -5.70 45.14 -69.30
N CYS F 114 -5.72 44.21 -68.35
CA CYS F 114 -5.29 44.45 -66.98
C CYS F 114 -4.32 43.38 -66.50
N THR F 115 -3.50 43.75 -65.52
CA THR F 115 -2.43 42.90 -65.01
C THR F 115 -2.24 43.04 -63.49
N ILE F 116 -2.36 41.97 -62.73
CA ILE F 116 -2.09 42.12 -61.30
C ILE F 116 -0.84 41.30 -60.88
N GLU F 117 0.05 41.95 -60.15
CA GLU F 117 1.26 41.29 -59.68
C GLU F 117 1.22 41.17 -58.17
N VAL F 118 1.33 39.94 -57.70
CA VAL F 118 1.44 39.69 -56.29
C VAL F 118 2.91 39.46 -55.99
N LYS F 119 3.50 40.30 -55.14
CA LYS F 119 4.95 40.28 -54.96
C LYS F 119 5.38 38.97 -54.30
N ASN F 120 4.46 38.37 -53.55
CA ASN F 120 4.76 37.20 -52.71
C ASN F 120 3.48 36.47 -52.26
N LEU F 121 3.44 35.15 -52.46
CA LEU F 121 2.23 34.34 -52.18
C LEU F 121 2.59 32.96 -51.64
N TYR F 122 1.83 32.46 -50.67
CA TYR F 122 2.10 31.19 -50.01
C TYR F 122 1.24 30.02 -50.51
N ALA F 123 1.90 28.94 -50.92
CA ALA F 123 1.19 27.75 -51.41
C ALA F 123 1.92 26.51 -50.92
N ASN F 124 1.59 26.11 -49.70
CA ASN F 124 2.15 24.92 -49.09
C ASN F 124 1.22 23.77 -49.33
N SER F 125 1.40 23.13 -50.48
CA SER F 125 0.42 22.17 -50.94
C SER F 125 0.90 21.37 -52.13
N THR F 126 0.20 20.25 -52.35
CA THR F 126 0.37 19.37 -53.49
C THR F 126 0.07 20.15 -54.78
N TRP F 127 -0.59 21.29 -54.65
CA TRP F 127 -0.87 22.13 -55.81
C TRP F 127 0.28 23.09 -56.14
N TYR F 128 1.30 23.13 -55.29
CA TYR F 128 2.55 23.80 -55.63
C TYR F 128 3.64 22.95 -55.01
N SER F 129 4.00 21.92 -55.74
CA SER F 129 4.99 20.95 -55.33
C SER F 129 6.30 21.25 -55.99
N LYS F 130 6.31 20.94 -57.29
CA LYS F 130 7.52 20.91 -58.08
C LYS F 130 7.64 22.16 -58.96
N GLY F 131 7.51 23.35 -58.36
CA GLY F 131 7.49 24.56 -59.16
C GLY F 131 6.27 24.67 -60.06
N HIS F 132 5.39 23.68 -59.97
CA HIS F 132 4.14 23.66 -60.72
C HIS F 132 2.94 24.12 -59.94
N PHE F 133 2.23 25.08 -60.51
CA PHE F 133 1.00 25.56 -59.89
C PHE F 133 -0.16 24.90 -60.60
N MET F 134 -1.02 24.23 -59.84
CA MET F 134 -2.03 23.34 -60.40
C MET F 134 -3.06 24.05 -61.29
N MET F 135 -3.51 25.25 -60.91
CA MET F 135 -4.59 25.88 -61.67
C MET F 135 -4.15 26.41 -63.04
N GLU F 136 -2.84 26.45 -63.23
CA GLU F 136 -2.21 26.90 -64.48
C GLU F 136 -2.63 25.98 -65.60
N ARG F 137 -2.83 24.70 -65.29
CA ARG F 137 -3.29 23.73 -66.25
C ARG F 137 -4.66 24.15 -66.78
N TYR F 138 -5.50 24.69 -65.92
CA TYR F 138 -6.90 24.90 -66.29
C TYR F 138 -7.24 26.36 -66.59
N PHE F 139 -6.26 27.24 -66.37
CA PHE F 139 -6.41 28.69 -66.53
C PHE F 139 -5.12 29.30 -67.06
N LYS F 140 -5.18 29.90 -68.24
CA LYS F 140 -3.96 30.05 -69.01
C LYS F 140 -3.27 31.39 -68.81
N ASN F 141 -3.78 32.17 -67.86
CA ASN F 141 -3.20 33.46 -67.53
C ASN F 141 -2.54 33.56 -66.17
N ILE F 142 -2.35 32.43 -65.50
CA ILE F 142 -1.63 32.43 -64.24
C ILE F 142 -0.15 32.34 -64.55
N HIS F 143 0.67 33.22 -64.02
CA HIS F 143 2.06 33.18 -64.37
C HIS F 143 2.95 33.21 -63.13
N ILE F 144 3.51 32.04 -62.84
CA ILE F 144 4.17 31.78 -61.58
C ILE F 144 5.65 32.03 -61.66
N THR F 145 6.24 32.65 -60.63
CA THR F 145 7.70 32.75 -60.51
C THR F 145 8.17 32.26 -59.16
N PRO F 146 8.71 31.05 -59.08
CA PRO F 146 9.14 30.58 -57.75
C PRO F 146 10.15 31.49 -57.05
N ILE F 147 9.98 31.59 -55.74
CA ILE F 147 10.84 32.38 -54.86
C ILE F 147 11.70 31.45 -54.01
N VAL F 148 11.07 30.78 -53.05
CA VAL F 148 11.72 29.86 -52.12
C VAL F 148 10.69 28.94 -51.51
N GLY F 149 10.89 27.65 -51.64
CA GLY F 149 10.03 26.71 -50.95
C GLY F 149 8.57 26.87 -51.32
N ASN F 150 7.75 27.22 -50.33
CA ASN F 150 6.30 27.23 -50.55
C ASN F 150 5.76 28.59 -51.04
N ASN F 151 6.67 29.46 -51.45
CA ASN F 151 6.32 30.81 -51.85
C ASN F 151 6.65 31.07 -53.30
N LEU F 152 5.87 31.93 -53.93
CA LEU F 152 6.00 32.25 -55.34
C LEU F 152 5.53 33.67 -55.64
N SER F 153 5.94 34.26 -56.77
CA SER F 153 5.31 35.48 -57.26
C SER F 153 4.20 35.13 -58.23
N LEU F 154 3.06 35.82 -58.15
CA LEU F 154 1.94 35.55 -59.03
C LEU F 154 1.75 36.70 -59.99
N ARG F 155 1.26 36.41 -61.18
CA ARG F 155 0.88 37.44 -62.14
C ARG F 155 -0.36 37.05 -62.95
N VAL F 156 -1.37 37.89 -62.92
CA VAL F 156 -2.66 37.56 -63.47
C VAL F 156 -2.96 38.54 -64.59
N GLU F 157 -3.40 38.04 -65.75
CA GLU F 157 -3.65 38.91 -66.90
C GLU F 157 -5.09 38.77 -67.33
N GLY F 158 -5.72 39.84 -67.81
CA GLY F 158 -7.09 39.74 -68.29
C GLY F 158 -7.42 40.63 -69.48
N LYS F 159 -8.47 40.28 -70.24
CA LYS F 159 -9.09 41.20 -71.19
C LYS F 159 -9.54 42.41 -70.37
N SER F 160 -10.36 42.13 -69.34
CA SER F 160 -10.92 43.13 -68.41
C SER F 160 -10.04 43.43 -67.18
N VAL F 161 -10.38 44.48 -66.43
CA VAL F 161 -9.90 44.59 -65.06
C VAL F 161 -10.69 43.54 -64.33
N PHE F 162 -11.97 43.47 -64.70
CA PHE F 162 -12.90 42.54 -64.10
C PHE F 162 -12.47 41.10 -64.26
N GLU F 163 -11.98 40.77 -65.45
CA GLU F 163 -11.51 39.43 -65.72
C GLU F 163 -10.29 39.16 -64.83
N ALA F 164 -9.43 40.15 -64.65
CA ALA F 164 -8.20 39.95 -63.89
C ALA F 164 -8.45 39.90 -62.41
N MET F 165 -9.24 40.85 -61.91
CA MET F 165 -9.57 40.89 -60.50
C MET F 165 -10.26 39.57 -60.13
N ASN F 166 -11.27 39.18 -60.90
CA ASN F 166 -11.98 37.94 -60.61
C ASN F 166 -11.15 36.66 -60.76
N LEU F 167 -10.04 36.72 -61.50
CA LEU F 167 -9.16 35.58 -61.54
C LEU F 167 -8.20 35.64 -60.33
N LEU F 168 -7.59 36.80 -60.06
CA LEU F 168 -6.80 36.97 -58.83
C LEU F 168 -7.55 36.48 -57.58
N SER F 169 -8.85 36.75 -57.47
CA SER F 169 -9.58 36.35 -56.28
C SER F 169 -9.78 34.83 -56.26
N PHE F 170 -9.99 34.26 -57.44
CA PHE F 170 -10.20 32.82 -57.58
C PHE F 170 -8.96 32.05 -57.23
N ILE F 171 -7.80 32.54 -57.65
CA ILE F 171 -6.55 31.88 -57.34
C ILE F 171 -6.42 31.90 -55.83
N ALA F 172 -6.74 33.04 -55.22
CA ALA F 172 -6.58 33.18 -53.78
C ALA F 172 -7.45 32.18 -53.03
N VAL F 173 -8.75 32.16 -53.31
CA VAL F 173 -9.61 31.26 -52.55
C VAL F 173 -9.21 29.80 -52.81
N THR F 174 -8.82 29.42 -54.02
CA THR F 174 -8.42 28.02 -54.22
C THR F 174 -7.08 27.69 -53.53
N THR F 175 -6.10 28.58 -53.59
CA THR F 175 -4.84 28.30 -52.88
C THR F 175 -5.05 28.21 -51.37
N HIS F 176 -5.94 29.04 -50.85
CA HIS F 176 -6.18 29.06 -49.40
C HIS F 176 -6.80 27.79 -48.89
N ILE F 177 -7.77 27.23 -49.60
CA ILE F 177 -8.41 26.02 -49.11
C ILE F 177 -7.62 24.77 -49.40
N THR F 178 -6.55 24.87 -50.21
CA THR F 178 -5.66 23.73 -50.43
C THR F 178 -4.47 23.78 -49.48
N ASN F 179 -4.15 24.98 -49.05
CA ASN F 179 -3.03 25.19 -48.14
C ASN F 179 -3.22 24.52 -46.77
N THR F 180 -2.12 24.10 -46.19
CA THR F 180 -2.14 23.65 -44.80
C THR F 180 -1.23 24.62 -44.06
N TYR F 181 -1.74 25.25 -43.01
CA TYR F 181 -1.00 26.30 -42.33
C TYR F 181 -0.44 25.82 -40.98
N GLY F 182 -0.69 24.56 -40.65
CA GLY F 182 -0.15 23.97 -39.44
C GLY F 182 -1.18 23.44 -38.47
N GLU F 183 -0.80 23.38 -37.20
CA GLU F 183 -1.70 23.01 -36.11
C GLU F 183 -2.86 23.96 -35.96
N TYR F 184 -2.65 25.22 -36.37
CA TYR F 184 -3.61 26.29 -36.13
C TYR F 184 -4.40 26.48 -37.39
N THR F 185 -5.14 27.57 -37.50
CA THR F 185 -5.93 27.79 -38.71
C THR F 185 -7.00 26.72 -39.06
N TYR F 186 -8.24 27.17 -39.00
CA TYR F 186 -9.34 26.41 -39.54
C TYR F 186 -9.78 27.16 -40.81
N ILE F 187 -10.97 26.87 -41.32
CA ILE F 187 -11.48 27.63 -42.44
C ILE F 187 -12.81 28.27 -42.02
N ASP F 188 -12.89 28.63 -40.73
CA ASP F 188 -13.93 29.54 -40.19
C ASP F 188 -15.33 28.96 -40.43
N ASP F 189 -16.36 29.50 -39.81
CA ASP F 189 -17.66 28.88 -40.03
C ASP F 189 -18.51 29.73 -40.95
N HIS F 190 -17.93 30.83 -41.42
CA HIS F 190 -18.68 31.74 -42.28
C HIS F 190 -18.00 31.89 -43.63
N PHE F 191 -16.88 31.19 -43.78
CA PHE F 191 -16.08 31.27 -44.98
C PHE F 191 -16.86 30.88 -46.22
N ALA F 192 -17.67 29.82 -46.14
CA ALA F 192 -18.36 29.36 -47.34
C ALA F 192 -19.39 30.39 -47.79
N GLN F 193 -20.11 31.01 -46.85
CA GLN F 193 -21.07 32.04 -47.21
C GLN F 193 -20.35 33.22 -47.86
N LYS F 194 -19.18 33.57 -47.33
CA LYS F 194 -18.41 34.74 -47.73
C LYS F 194 -17.81 34.61 -49.13
N TYR F 195 -17.21 33.46 -49.43
CA TYR F 195 -16.36 33.33 -50.62
C TYR F 195 -16.79 32.31 -51.68
N ALA F 196 -17.77 31.46 -51.38
CA ALA F 196 -18.23 30.45 -52.35
C ALA F 196 -18.53 31.03 -53.71
N ARG F 197 -19.31 32.10 -53.77
CA ARG F 197 -19.67 32.68 -55.07
C ARG F 197 -18.45 32.99 -55.96
N ILE F 198 -17.24 33.14 -55.38
CA ILE F 198 -16.04 33.42 -56.18
C ILE F 198 -15.88 32.41 -57.32
N LEU F 199 -15.94 31.14 -56.95
CA LEU F 199 -15.83 30.01 -57.87
C LEU F 199 -16.77 30.06 -59.05
N THR F 200 -17.91 30.71 -58.90
CA THR F 200 -18.83 30.75 -60.03
C THR F 200 -18.65 32.03 -60.83
N ASN F 201 -17.67 32.87 -60.47
CA ASN F 201 -17.57 34.13 -61.18
C ASN F 201 -16.56 34.21 -62.33
N ILE F 202 -15.88 33.12 -62.63
CA ILE F 202 -15.17 33.00 -63.89
C ILE F 202 -15.52 31.65 -64.49
N PRO F 203 -15.48 31.54 -65.83
CA PRO F 203 -16.01 30.33 -66.45
C PRO F 203 -14.99 29.22 -66.61
N GLN F 204 -15.50 28.02 -66.93
CA GLN F 204 -14.67 26.84 -67.18
C GLN F 204 -13.76 26.52 -66.02
N VAL F 205 -14.34 26.62 -64.82
CA VAL F 205 -13.70 26.10 -63.62
C VAL F 205 -13.99 24.62 -63.57
N PRO F 206 -12.96 23.82 -63.32
CA PRO F 206 -13.11 22.36 -63.22
C PRO F 206 -14.05 21.92 -62.11
N TYR F 207 -14.77 20.82 -62.31
CA TYR F 207 -15.57 20.18 -61.26
C TYR F 207 -14.75 19.93 -60.01
N PHE F 208 -13.54 19.39 -60.16
CA PHE F 208 -12.83 18.94 -58.97
C PHE F 208 -12.50 20.08 -58.00
N VAL F 209 -12.40 21.31 -58.47
CA VAL F 209 -12.21 22.41 -57.52
C VAL F 209 -13.46 22.61 -56.66
N PHE F 210 -14.63 22.65 -57.27
CA PHE F 210 -15.87 22.74 -56.49
C PHE F 210 -15.97 21.61 -55.47
N TYR F 211 -15.63 20.39 -55.89
CA TYR F 211 -15.62 19.26 -54.97
C TYR F 211 -14.75 19.60 -53.79
N LEU F 212 -13.48 19.85 -54.06
CA LEU F 212 -12.50 20.20 -53.04
C LEU F 212 -13.03 21.29 -52.11
N PHE F 213 -13.69 22.30 -52.68
CA PHE F 213 -14.27 23.39 -51.90
C PHE F 213 -15.40 22.96 -50.95
N ILE F 214 -16.32 22.16 -51.46
CA ILE F 214 -17.39 21.60 -50.65
C ILE F 214 -16.83 20.76 -49.52
N LYS F 215 -15.84 19.94 -49.83
CA LYS F 215 -15.32 19.00 -48.86
C LYS F 215 -14.48 19.75 -47.81
N ARG F 216 -13.84 20.84 -48.19
CA ARG F 216 -12.95 21.53 -47.25
C ARG F 216 -13.43 22.87 -46.68
N ALA F 217 -14.46 23.48 -47.24
CA ALA F 217 -14.81 24.84 -46.83
C ALA F 217 -16.23 24.98 -46.29
N ILE F 218 -17.12 24.08 -46.70
CA ILE F 218 -18.46 24.06 -46.15
C ILE F 218 -18.50 23.17 -44.92
N LYS F 219 -18.92 23.73 -43.79
CA LYS F 219 -18.81 22.98 -42.53
C LYS F 219 -20.13 22.32 -42.10
N SER F 220 -21.26 22.82 -42.58
CA SER F 220 -22.57 22.29 -42.17
C SER F 220 -23.37 21.81 -43.37
N GLU F 221 -24.39 21.00 -43.14
CA GLU F 221 -25.18 20.63 -44.29
C GLU F 221 -26.22 21.69 -44.61
N ARG F 222 -26.42 22.69 -43.74
CA ARG F 222 -27.38 23.69 -44.20
C ARG F 222 -26.63 24.92 -44.70
N GLN F 223 -25.33 25.00 -44.38
CA GLN F 223 -24.48 25.89 -45.14
C GLN F 223 -24.45 25.35 -46.55
N PHE F 224 -24.21 24.05 -46.68
CA PHE F 224 -24.21 23.40 -47.98
C PHE F 224 -25.51 23.57 -48.76
N ALA F 225 -26.64 23.39 -48.09
CA ALA F 225 -27.92 23.37 -48.77
C ALA F 225 -28.17 24.69 -49.45
N GLU F 226 -27.56 25.72 -48.89
CA GLU F 226 -27.83 27.08 -49.32
C GLU F 226 -26.93 27.40 -50.52
N ILE F 227 -25.79 26.73 -50.60
CA ILE F 227 -24.82 26.97 -51.67
C ILE F 227 -24.96 25.99 -52.86
N LYS F 228 -25.52 24.80 -52.63
CA LYS F 228 -25.66 23.80 -53.71
C LYS F 228 -26.35 24.35 -54.97
N PRO F 229 -27.53 25.00 -54.84
CA PRO F 229 -28.19 25.53 -56.05
C PRO F 229 -27.30 26.39 -56.92
N MET F 230 -26.47 27.21 -56.29
CA MET F 230 -25.60 28.14 -56.99
C MET F 230 -24.60 27.37 -57.84
N PHE F 231 -24.02 26.33 -57.27
CA PHE F 231 -23.01 25.54 -57.98
C PHE F 231 -23.63 24.77 -59.16
N GLU F 232 -24.75 24.10 -58.90
CA GLU F 232 -25.40 23.33 -59.93
C GLU F 232 -25.75 24.16 -61.14
N ALA F 233 -26.24 25.37 -60.88
CA ALA F 233 -26.61 26.26 -61.95
C ALA F 233 -25.39 26.61 -62.78
N TYR F 234 -24.27 26.82 -62.11
CA TYR F 234 -23.04 27.24 -62.79
C TYR F 234 -22.63 26.25 -63.84
N PHE F 235 -22.82 24.98 -63.53
CA PHE F 235 -22.42 23.94 -64.46
C PHE F 235 -23.49 23.70 -65.52
N LYS F 236 -24.72 24.11 -65.23
CA LYS F 236 -25.80 23.88 -66.19
C LYS F 236 -25.55 24.68 -67.47
N GLU F 237 -24.89 25.82 -67.37
CA GLU F 237 -24.57 26.58 -68.57
C GLU F 237 -23.14 26.29 -68.96
N GLU F 238 -22.67 25.10 -68.65
CA GLU F 238 -21.41 24.61 -69.18
C GLU F 238 -21.67 23.20 -69.69
N GLY F 239 -22.96 22.88 -69.85
CA GLY F 239 -23.41 21.65 -70.47
C GLY F 239 -23.71 20.56 -69.47
N LEU F 240 -22.97 20.61 -68.37
CA LEU F 240 -22.90 19.54 -67.39
C LEU F 240 -24.03 19.55 -66.34
N ASP F 241 -24.75 18.44 -66.26
CA ASP F 241 -25.83 18.27 -65.32
C ASP F 241 -25.30 17.62 -64.02
N ILE F 242 -24.75 18.45 -63.12
CA ILE F 242 -24.08 17.93 -61.91
C ILE F 242 -25.00 17.93 -60.70
N ASP F 243 -25.04 16.83 -59.95
CA ASP F 243 -25.75 16.83 -58.67
C ASP F 243 -24.78 16.59 -57.54
N PHE F 244 -24.40 17.67 -56.85
CA PHE F 244 -23.40 17.59 -55.81
C PHE F 244 -23.93 16.96 -54.55
N GLN F 245 -23.04 16.26 -53.86
CA GLN F 245 -23.34 15.72 -52.56
C GLN F 245 -22.29 16.19 -51.57
N PHE F 246 -22.73 16.37 -50.33
CA PHE F 246 -21.90 16.94 -49.26
C PHE F 246 -20.83 15.99 -48.71
N THR F 247 -21.26 14.85 -48.18
CA THR F 247 -20.32 13.82 -47.74
C THR F 247 -19.33 13.42 -48.87
N ASP F 248 -18.07 13.11 -48.51
CA ASP F 248 -17.10 12.60 -49.50
C ASP F 248 -17.58 11.29 -50.14
N THR F 249 -16.89 10.83 -51.18
CA THR F 249 -17.36 9.66 -51.89
C THR F 249 -17.41 8.48 -50.93
N HIS F 250 -16.33 8.26 -50.17
CA HIS F 250 -16.29 7.18 -49.16
C HIS F 250 -17.47 7.18 -48.19
N GLY F 251 -17.69 8.31 -47.52
CA GLY F 251 -18.82 8.45 -46.62
C GLY F 251 -20.18 8.14 -47.23
N SER F 252 -20.41 8.54 -48.49
CA SER F 252 -21.59 8.10 -49.24
C SER F 252 -21.72 6.59 -49.37
N ARG F 253 -20.61 5.95 -49.74
CA ARG F 253 -20.54 4.50 -49.78
C ARG F 253 -20.96 3.91 -48.44
N MET F 254 -20.36 4.36 -47.33
CA MET F 254 -20.66 3.82 -46.01
C MET F 254 -22.11 3.94 -45.63
N ASP F 255 -22.72 5.07 -45.98
CA ASP F 255 -24.12 5.32 -45.71
C ASP F 255 -25.02 4.38 -46.53
N PHE F 256 -24.70 4.23 -47.81
CA PHE F 256 -25.53 3.41 -48.70
C PHE F 256 -25.63 1.99 -48.18
N ILE F 257 -24.48 1.41 -47.88
CA ILE F 257 -24.37 0.04 -47.41
C ILE F 257 -25.11 -0.14 -46.12
N VAL F 258 -24.83 0.74 -45.17
CA VAL F 258 -25.44 0.63 -43.84
C VAL F 258 -26.94 0.76 -43.97
N LYS F 259 -27.39 1.75 -44.73
CA LYS F 259 -28.83 1.90 -45.01
C LYS F 259 -29.42 0.63 -45.61
N GLU F 260 -28.76 0.11 -46.63
CA GLU F 260 -29.27 -1.01 -47.42
C GLU F 260 -29.27 -2.33 -46.66
N LEU F 261 -28.18 -2.58 -45.95
CA LEU F 261 -28.04 -3.84 -45.27
C LEU F 261 -28.83 -3.89 -43.98
N GLY F 262 -28.86 -2.78 -43.28
CA GLY F 262 -29.60 -2.73 -42.03
C GLY F 262 -28.95 -3.52 -40.93
N MET F 263 -29.71 -3.80 -39.88
CA MET F 263 -29.15 -4.38 -38.69
C MET F 263 -29.64 -5.77 -38.42
N GLU F 264 -30.40 -6.34 -39.34
CA GLU F 264 -31.13 -7.52 -38.95
C GLU F 264 -30.35 -8.82 -39.15
N TYR F 265 -29.43 -8.87 -40.12
CA TYR F 265 -28.55 -10.03 -40.22
C TYR F 265 -27.12 -9.72 -39.83
N PRO F 266 -26.34 -10.75 -39.40
CA PRO F 266 -24.94 -10.45 -39.10
C PRO F 266 -24.21 -10.09 -40.40
N ILE F 267 -23.22 -9.21 -40.33
CA ILE F 267 -22.60 -8.81 -41.59
C ILE F 267 -21.20 -9.40 -41.75
N LEU F 268 -20.83 -9.62 -43.00
CA LEU F 268 -19.52 -10.14 -43.42
C LEU F 268 -18.74 -9.05 -44.21
N ASP F 269 -17.70 -8.50 -43.57
CA ASP F 269 -16.93 -7.38 -44.11
C ASP F 269 -15.69 -7.95 -44.76
N ILE F 270 -15.73 -8.07 -46.08
CA ILE F 270 -14.59 -8.54 -46.85
C ILE F 270 -13.70 -7.38 -47.31
N GLY F 271 -12.40 -7.50 -47.05
CA GLY F 271 -11.48 -6.40 -47.31
C GLY F 271 -11.85 -5.31 -46.35
N CYS F 272 -11.82 -5.67 -45.08
CA CYS F 272 -12.37 -4.80 -44.04
C CYS F 272 -11.36 -3.76 -43.61
N GLY F 273 -10.10 -3.98 -44.00
CA GLY F 273 -9.05 -3.01 -43.75
C GLY F 273 -8.98 -2.60 -42.29
N GLU F 274 -9.04 -1.30 -42.04
CA GLU F 274 -8.91 -0.78 -40.69
C GLU F 274 -10.22 -0.90 -39.91
N LEU F 275 -11.11 -1.78 -40.36
CA LEU F 275 -12.41 -2.01 -39.70
C LEU F 275 -13.21 -0.74 -39.53
N LYS F 276 -13.15 0.17 -40.49
CA LYS F 276 -13.93 1.38 -40.36
C LYS F 276 -15.41 1.06 -40.47
N TYR F 277 -15.77 0.00 -41.19
CA TYR F 277 -17.17 -0.39 -41.31
C TYR F 277 -17.63 -1.08 -40.04
N TYR F 278 -16.67 -1.64 -39.32
CA TYR F 278 -17.00 -2.25 -38.06
C TYR F 278 -17.42 -1.18 -37.09
N ARG F 279 -16.62 -0.11 -36.98
CA ARG F 279 -16.90 0.90 -35.96
C ARG F 279 -18.15 1.67 -36.31
N ARG F 280 -18.64 1.49 -37.52
CA ARG F 280 -19.88 2.14 -37.83
C ARG F 280 -21.05 1.28 -37.33
N PHE F 281 -21.02 -0.02 -37.58
CA PHE F 281 -22.16 -0.83 -37.17
C PHE F 281 -22.28 -0.91 -35.65
N MET F 282 -21.26 -0.44 -34.95
CA MET F 282 -21.28 -0.50 -33.50
C MET F 282 -21.65 0.82 -32.85
N ARG F 283 -22.03 1.80 -33.67
CA ARG F 283 -22.72 2.99 -33.17
C ARG F 283 -23.77 2.48 -32.24
N ARG F 284 -23.78 3.04 -31.03
CA ARG F 284 -24.63 2.55 -29.97
C ARG F 284 -26.09 2.60 -30.43
N ASN F 285 -26.43 3.61 -31.23
CA ASN F 285 -27.77 3.81 -31.80
C ASN F 285 -28.37 2.58 -32.47
N TYR F 286 -27.51 1.76 -33.07
CA TYR F 286 -27.94 0.73 -34.00
C TYR F 286 -28.33 -0.58 -33.34
N ASN F 287 -27.69 -0.87 -32.21
CA ASN F 287 -27.87 -2.13 -31.49
C ASN F 287 -27.60 -3.32 -32.36
N TYR F 288 -26.31 -3.53 -32.59
CA TYR F 288 -25.90 -4.64 -33.40
C TYR F 288 -25.93 -5.89 -32.52
N SER F 289 -26.98 -6.68 -32.69
CA SER F 289 -27.18 -7.82 -31.83
C SER F 289 -26.79 -9.15 -32.57
N HIS F 290 -25.56 -9.18 -33.08
CA HIS F 290 -25.00 -10.29 -33.89
C HIS F 290 -23.48 -10.39 -33.80
N PRO F 291 -22.90 -11.51 -34.29
CA PRO F 291 -21.46 -11.46 -34.51
C PRO F 291 -21.16 -10.57 -35.71
N TYR F 292 -19.90 -10.27 -35.91
CA TYR F 292 -19.43 -9.47 -37.04
C TYR F 292 -18.21 -10.17 -37.61
N PHE F 293 -18.31 -10.66 -38.85
CA PHE F 293 -17.23 -11.40 -39.47
C PHE F 293 -16.40 -10.48 -40.36
N ALA F 294 -15.07 -10.64 -40.36
CA ALA F 294 -14.21 -9.80 -41.19
C ALA F 294 -13.03 -10.57 -41.82
N THR F 295 -12.67 -10.23 -43.07
CA THR F 295 -11.49 -10.77 -43.73
C THR F 295 -10.68 -9.67 -44.36
N ASP F 296 -9.36 -9.71 -44.16
CA ASP F 296 -8.44 -9.07 -45.11
C ASP F 296 -7.27 -10.01 -45.33
N THR F 297 -6.91 -10.12 -46.59
CA THR F 297 -5.80 -10.94 -46.98
C THR F 297 -4.53 -10.25 -46.58
N ASP F 298 -4.54 -8.92 -46.62
CA ASP F 298 -3.43 -8.08 -46.12
C ASP F 298 -3.16 -8.35 -44.64
N LYS F 299 -2.01 -8.96 -44.38
CA LYS F 299 -1.65 -9.41 -43.04
C LYS F 299 -1.05 -8.32 -42.14
N SER F 300 -1.47 -7.06 -42.32
CA SER F 300 -1.06 -6.05 -41.36
C SER F 300 -2.29 -5.74 -40.56
N VAL F 301 -3.41 -5.77 -41.26
CA VAL F 301 -4.74 -5.77 -40.68
C VAL F 301 -4.84 -6.99 -39.82
N GLY F 302 -4.17 -8.03 -40.29
CA GLY F 302 -4.10 -9.30 -39.59
C GLY F 302 -3.82 -9.03 -38.14
N ASP F 303 -2.73 -8.32 -37.90
CA ASP F 303 -2.30 -8.04 -36.55
C ASP F 303 -3.28 -7.16 -35.76
N TYR F 304 -3.86 -6.16 -36.43
CA TYR F 304 -4.70 -5.16 -35.75
C TYR F 304 -5.90 -5.80 -35.09
N ALA F 305 -6.59 -6.68 -35.82
CA ALA F 305 -7.78 -7.34 -35.29
C ALA F 305 -7.45 -8.14 -34.05
N ALA F 306 -6.36 -8.90 -34.13
CA ALA F 306 -5.85 -9.68 -33.01
C ALA F 306 -5.43 -8.82 -31.80
N LEU F 307 -5.39 -7.51 -32.02
CA LEU F 307 -5.01 -6.54 -31.00
C LEU F 307 -6.27 -5.92 -30.42
N LEU F 308 -7.33 -6.71 -30.35
CA LEU F 308 -8.53 -6.28 -29.66
C LEU F 308 -9.02 -7.52 -28.96
N LYS F 309 -8.04 -8.42 -28.83
CA LYS F 309 -7.94 -9.46 -27.81
C LYS F 309 -6.96 -8.88 -26.76
N GLU F 310 -7.02 -7.55 -26.72
CA GLU F 310 -6.40 -6.63 -25.77
C GLU F 310 -7.65 -6.32 -24.95
N ARG F 311 -8.73 -7.02 -25.35
CA ARG F 311 -10.13 -6.82 -24.95
C ARG F 311 -10.78 -5.59 -25.55
N MET F 312 -10.00 -4.69 -26.16
CA MET F 312 -10.52 -3.36 -26.56
C MET F 312 -11.82 -3.43 -27.37
N GLU F 313 -12.10 -4.59 -28.01
CA GLU F 313 -13.44 -5.24 -28.04
C GLU F 313 -13.57 -6.55 -28.84
N ALA F 314 -13.13 -7.61 -28.19
CA ALA F 314 -13.79 -8.91 -28.27
C ALA F 314 -14.61 -9.06 -26.98
N ASP F 315 -15.94 -8.98 -27.00
CA ASP F 315 -16.86 -8.79 -28.15
C ASP F 315 -16.86 -9.74 -29.34
N ASN F 316 -17.71 -9.34 -30.26
CA ASN F 316 -18.22 -10.15 -31.34
C ASN F 316 -17.39 -10.20 -32.59
N LEU F 317 -16.15 -9.75 -32.51
CA LEU F 317 -15.36 -9.78 -33.73
C LEU F 317 -14.90 -11.20 -34.03
N TYR F 318 -14.93 -11.55 -35.30
CA TYR F 318 -14.28 -12.74 -35.76
C TYR F 318 -13.57 -12.42 -37.07
N PHE F 319 -12.25 -12.30 -36.99
CA PHE F 319 -11.43 -12.07 -38.17
C PHE F 319 -10.93 -13.42 -38.72
N PHE F 320 -10.83 -13.52 -40.04
CA PHE F 320 -10.24 -14.70 -40.67
C PHE F 320 -9.58 -14.30 -41.96
N SER F 321 -8.49 -14.98 -42.30
CA SER F 321 -7.70 -14.70 -43.51
C SER F 321 -7.70 -15.93 -44.42
N ASP F 322 -8.20 -17.03 -43.90
CA ASP F 322 -8.27 -18.30 -44.62
C ASP F 322 -9.75 -18.64 -44.77
N TRP F 323 -10.26 -18.78 -45.99
CA TRP F 323 -11.71 -18.90 -46.16
C TRP F 323 -12.26 -20.21 -45.64
N THR F 324 -11.36 -21.10 -45.23
CA THR F 324 -11.73 -22.39 -44.68
C THR F 324 -11.83 -22.28 -43.19
N ASP F 325 -11.70 -21.06 -42.68
CA ASP F 325 -11.88 -20.85 -41.26
C ASP F 325 -13.20 -20.12 -41.01
N TYR F 326 -13.98 -19.91 -42.06
CA TYR F 326 -15.31 -19.33 -41.93
C TYR F 326 -16.34 -20.42 -42.05
N GLU F 327 -16.99 -20.72 -40.96
CA GLU F 327 -17.91 -21.85 -40.91
C GLU F 327 -19.38 -21.50 -40.65
N TYR F 328 -19.69 -20.24 -40.28
CA TYR F 328 -21.08 -19.76 -40.08
C TYR F 328 -22.01 -20.18 -41.21
N LYS F 329 -23.08 -20.89 -40.89
CA LYS F 329 -23.92 -21.42 -41.95
C LYS F 329 -25.24 -20.68 -42.11
N ASN F 330 -25.56 -19.84 -41.13
CA ASN F 330 -26.78 -19.01 -41.19
C ASN F 330 -26.58 -17.77 -42.11
N PRO F 331 -27.67 -17.05 -42.47
CA PRO F 331 -27.53 -15.93 -43.41
C PRO F 331 -26.74 -14.75 -42.91
N VAL F 332 -25.97 -14.15 -43.79
CA VAL F 332 -25.23 -12.93 -43.50
C VAL F 332 -25.51 -11.87 -44.55
N ASN F 333 -25.19 -10.63 -44.26
CA ASN F 333 -25.11 -9.63 -45.30
C ASN F 333 -23.64 -9.36 -45.60
N ILE F 334 -23.31 -9.08 -46.86
CA ILE F 334 -21.93 -9.11 -47.30
C ILE F 334 -21.52 -7.77 -47.89
N ILE F 335 -20.42 -7.24 -47.37
CA ILE F 335 -19.87 -5.96 -47.80
C ILE F 335 -18.54 -6.17 -48.52
N LEU F 336 -18.51 -5.79 -49.78
CA LEU F 336 -17.33 -5.93 -50.61
C LEU F 336 -16.95 -4.59 -51.20
N THR F 337 -16.51 -3.65 -50.36
CA THR F 337 -16.22 -2.27 -50.79
C THR F 337 -14.83 -1.99 -51.24
N GLU F 338 -14.69 -1.73 -52.53
CA GLU F 338 -13.45 -1.25 -53.08
C GLU F 338 -12.37 -2.24 -52.71
N VAL F 339 -12.61 -3.51 -53.00
CA VAL F 339 -11.67 -4.54 -52.60
C VAL F 339 -11.35 -5.31 -53.83
N ILE F 340 -12.24 -5.21 -54.80
CA ILE F 340 -12.09 -5.99 -56.02
C ILE F 340 -11.13 -5.34 -57.03
N GLU F 341 -10.54 -4.20 -56.67
CA GLU F 341 -9.56 -3.61 -57.56
C GLU F 341 -8.21 -3.43 -56.87
N HIS F 342 -8.09 -3.99 -55.66
CA HIS F 342 -6.81 -4.04 -54.97
C HIS F 342 -6.30 -5.48 -54.99
N ASN F 343 -6.72 -6.20 -56.03
CA ASN F 343 -6.09 -7.42 -56.54
C ASN F 343 -6.71 -7.78 -57.90
N THR F 344 -6.13 -8.73 -58.60
CA THR F 344 -6.51 -9.01 -59.99
C THR F 344 -7.94 -9.42 -60.25
N PRO F 345 -8.45 -9.07 -61.45
CA PRO F 345 -9.76 -9.46 -61.97
C PRO F 345 -9.97 -10.96 -61.98
N GLU F 346 -8.94 -11.75 -62.28
CA GLU F 346 -9.10 -13.20 -62.12
C GLU F 346 -9.31 -13.52 -60.64
N ALA F 347 -8.62 -12.81 -59.77
CA ALA F 347 -8.70 -13.08 -58.35
C ALA F 347 -9.96 -12.49 -57.74
N ALA F 348 -10.50 -11.48 -58.42
CA ALA F 348 -11.75 -10.85 -58.01
C ALA F 348 -12.93 -11.79 -58.27
N GLU F 349 -13.00 -12.31 -59.50
CA GLU F 349 -13.94 -13.36 -59.89
C GLU F 349 -13.97 -14.53 -58.91
N ALA F 350 -12.79 -14.97 -58.52
CA ALA F 350 -12.66 -16.09 -57.61
C ALA F 350 -13.32 -15.79 -56.28
N LEU F 351 -13.14 -14.56 -55.79
CA LEU F 351 -13.68 -14.15 -54.51
C LEU F 351 -15.18 -13.98 -54.58
N VAL F 352 -15.64 -13.21 -55.58
CA VAL F 352 -17.06 -12.94 -55.74
C VAL F 352 -17.83 -14.24 -55.91
N LYS F 353 -17.37 -15.08 -56.83
CA LYS F 353 -17.98 -16.40 -57.05
C LYS F 353 -18.07 -17.20 -55.75
N HIS F 354 -17.10 -17.04 -54.86
CA HIS F 354 -17.16 -17.72 -53.59
C HIS F 354 -18.28 -17.16 -52.76
N CYS F 355 -18.36 -15.83 -52.68
CA CYS F 355 -19.35 -15.18 -51.82
C CYS F 355 -20.76 -15.51 -52.20
N LEU F 356 -21.02 -15.65 -53.50
CA LEU F 356 -22.36 -15.93 -54.00
C LEU F 356 -22.83 -17.34 -53.70
N SER F 357 -21.87 -18.20 -53.34
CA SER F 357 -22.13 -19.58 -52.94
C SER F 357 -22.57 -19.65 -51.48
N LEU F 358 -21.96 -18.79 -50.66
CA LEU F 358 -22.33 -18.65 -49.25
C LEU F 358 -23.79 -18.33 -49.01
N ASN F 359 -24.25 -18.59 -47.79
CA ASN F 359 -25.63 -18.30 -47.39
C ASN F 359 -25.84 -16.82 -47.09
N PHE F 360 -26.25 -16.05 -48.09
CA PHE F 360 -26.33 -14.63 -47.85
C PHE F 360 -27.71 -14.14 -48.16
N HIS F 361 -28.04 -12.98 -47.59
CA HIS F 361 -29.26 -12.26 -47.90
C HIS F 361 -28.98 -11.24 -48.98
N LYS F 362 -28.21 -10.21 -48.60
CA LYS F 362 -27.81 -9.16 -49.51
C LYS F 362 -26.31 -9.12 -49.62
N MET F 363 -25.81 -8.91 -50.82
CA MET F 363 -24.40 -8.57 -51.00
C MET F 363 -24.28 -7.24 -51.73
N ILE F 364 -23.36 -6.42 -51.28
CA ILE F 364 -23.10 -5.15 -51.93
C ILE F 364 -21.67 -5.13 -52.44
N ILE F 365 -21.47 -4.94 -53.74
CA ILE F 365 -20.13 -4.88 -54.27
C ILE F 365 -19.92 -3.48 -54.83
N THR F 366 -18.73 -2.96 -54.61
CA THR F 366 -18.43 -1.58 -54.86
C THR F 366 -17.10 -1.50 -55.57
N THR F 367 -17.08 -0.85 -56.72
CA THR F 367 -15.84 -0.55 -57.42
C THR F 367 -16.01 0.83 -58.05
N PRO F 368 -14.89 1.55 -58.29
CA PRO F 368 -14.98 2.79 -59.04
C PRO F 368 -15.53 2.60 -60.44
N ASN F 369 -16.06 3.70 -60.97
CA ASN F 369 -16.57 3.81 -62.31
C ASN F 369 -15.54 4.60 -63.09
N SER F 370 -14.91 3.99 -64.09
CA SER F 370 -13.75 4.61 -64.71
C SER F 370 -14.10 5.82 -65.58
N LEU F 371 -15.32 5.85 -66.10
CA LEU F 371 -15.82 6.97 -66.92
C LEU F 371 -15.82 8.28 -66.16
N PHE F 372 -15.53 8.20 -64.88
CA PHE F 372 -15.50 9.33 -63.98
C PHE F 372 -14.09 9.78 -63.75
N ASN F 373 -13.13 8.89 -63.99
CA ASN F 373 -11.73 9.22 -63.73
C ASN F 373 -11.30 10.44 -64.55
N LYS F 374 -12.11 10.80 -65.56
CA LYS F 374 -11.89 11.99 -66.39
C LYS F 374 -12.13 13.31 -65.65
N TYR F 375 -12.23 13.27 -64.34
CA TYR F 375 -12.39 14.49 -63.57
C TYR F 375 -11.30 14.66 -62.49
N TYR F 376 -10.02 14.59 -62.88
CA TYR F 376 -8.92 14.71 -61.90
C TYR F 376 -7.63 15.34 -62.44
N HIS F 390 -5.31 -0.76 -59.05
CA HIS F 390 -4.70 -1.73 -59.96
C HIS F 390 -5.15 -1.58 -61.41
N PHE F 391 -6.46 -1.67 -61.60
CA PHE F 391 -7.14 -1.54 -62.89
C PHE F 391 -8.35 -0.69 -62.59
N GLU F 392 -8.99 -0.10 -63.59
CA GLU F 392 -10.25 0.55 -63.28
C GLU F 392 -11.30 0.25 -64.34
N TRP F 393 -12.47 -0.24 -63.89
CA TRP F 393 -13.53 -0.76 -64.77
C TRP F 393 -14.63 0.23 -65.15
N THR F 394 -15.13 0.12 -66.37
CA THR F 394 -16.25 0.92 -66.86
C THR F 394 -17.56 0.31 -66.41
N PRO F 395 -18.71 1.02 -66.53
CA PRO F 395 -19.96 0.39 -66.08
C PRO F 395 -20.28 -0.87 -66.87
N GLN F 396 -20.04 -0.83 -68.19
CA GLN F 396 -20.23 -2.02 -69.01
C GLN F 396 -19.31 -3.12 -68.51
N GLU F 397 -18.03 -2.80 -68.34
CA GLU F 397 -17.07 -3.80 -67.87
C GLU F 397 -17.49 -4.45 -66.56
N PHE F 398 -18.03 -3.66 -65.63
CA PHE F 398 -18.39 -4.14 -64.29
C PHE F 398 -19.65 -5.01 -64.35
N GLN F 399 -20.57 -4.63 -65.24
CA GLN F 399 -21.84 -5.33 -65.32
C GLN F 399 -21.66 -6.68 -65.99
N ASP F 400 -20.62 -6.78 -66.81
CA ASP F 400 -20.29 -8.02 -67.48
C ASP F 400 -19.61 -8.91 -66.46
N PHE F 401 -18.91 -8.30 -65.51
CA PHE F 401 -18.24 -9.08 -64.50
C PHE F 401 -19.24 -9.74 -63.60
N ILE F 402 -20.26 -8.99 -63.19
CA ILE F 402 -21.24 -9.53 -62.26
C ILE F 402 -22.00 -10.65 -62.94
N ARG F 403 -22.32 -10.46 -64.23
CA ARG F 403 -23.10 -11.47 -64.94
C ARG F 403 -22.38 -12.79 -65.01
N HIS F 404 -21.07 -12.75 -65.26
CA HIS F 404 -20.28 -13.98 -65.36
C HIS F 404 -20.23 -14.71 -64.03
N CYS F 405 -20.30 -13.98 -62.94
CA CYS F 405 -20.19 -14.61 -61.63
C CYS F 405 -21.52 -15.14 -61.12
N VAL F 406 -22.62 -14.55 -61.56
CA VAL F 406 -23.93 -15.00 -61.08
C VAL F 406 -24.46 -16.13 -61.96
N GLY F 407 -24.13 -16.06 -63.25
CA GLY F 407 -24.51 -17.08 -64.21
C GLY F 407 -25.99 -17.31 -64.20
N ASP F 408 -26.42 -18.56 -64.25
CA ASP F 408 -27.85 -18.83 -64.26
C ASP F 408 -28.45 -19.02 -62.87
N THR F 409 -27.73 -18.67 -61.80
CA THR F 409 -28.35 -18.76 -60.48
C THR F 409 -29.47 -17.71 -60.43
N SER F 410 -30.39 -17.86 -59.47
CA SER F 410 -31.56 -17.01 -59.42
C SER F 410 -31.45 -15.95 -58.34
N LEU F 411 -30.86 -14.83 -58.74
CA LEU F 411 -30.67 -13.69 -57.87
C LEU F 411 -31.39 -12.45 -58.41
N GLU F 412 -31.55 -11.44 -57.57
CA GLU F 412 -32.02 -10.17 -58.06
C GLU F 412 -30.84 -9.23 -58.01
N VAL F 413 -30.40 -8.78 -59.17
CA VAL F 413 -29.23 -7.91 -59.24
C VAL F 413 -29.60 -6.50 -59.61
N THR F 414 -29.22 -5.54 -58.77
CA THR F 414 -29.55 -4.14 -58.98
C THR F 414 -28.34 -3.23 -58.96
N TYR F 415 -28.23 -2.36 -59.95
CA TYR F 415 -27.11 -1.43 -60.01
C TYR F 415 -27.50 -0.04 -59.54
N CYS F 416 -26.52 0.73 -59.05
CA CYS F 416 -26.77 2.15 -58.81
C CYS F 416 -25.47 2.89 -58.55
N GLY F 417 -25.47 4.17 -58.87
CA GLY F 417 -24.28 4.96 -58.63
C GLY F 417 -24.25 5.49 -57.22
N ILE F 418 -23.07 5.89 -56.78
CA ILE F 418 -22.87 6.43 -55.45
C ILE F 418 -21.91 7.59 -55.52
N GLY F 419 -22.36 8.76 -55.08
CA GLY F 419 -21.54 9.95 -55.09
C GLY F 419 -22.11 10.99 -56.02
N ASP F 420 -21.31 12.03 -56.26
CA ASP F 420 -21.72 13.13 -57.11
C ASP F 420 -22.07 12.58 -58.48
N ARG F 421 -23.13 13.08 -59.11
CA ARG F 421 -23.59 12.54 -60.38
C ARG F 421 -23.47 13.57 -61.50
N ILE F 422 -22.44 13.40 -62.30
CA ILE F 422 -22.17 14.23 -63.47
C ILE F 422 -22.66 13.56 -64.75
N ASN F 423 -23.60 14.19 -65.45
CA ASN F 423 -24.14 13.61 -66.67
C ASN F 423 -24.52 12.14 -66.50
N GLY F 424 -25.13 11.84 -65.36
CA GLY F 424 -25.63 10.50 -65.13
C GLY F 424 -24.58 9.52 -64.68
N GLU F 425 -23.31 9.93 -64.72
CA GLU F 425 -22.20 9.06 -64.29
C GLU F 425 -21.65 9.44 -62.92
N THR F 426 -21.45 8.45 -62.05
CA THR F 426 -21.02 8.71 -60.67
C THR F 426 -19.60 8.19 -60.46
N PRO F 427 -18.94 8.53 -59.33
CA PRO F 427 -17.53 8.09 -59.19
C PRO F 427 -17.31 6.67 -58.70
N THR F 428 -18.25 6.10 -57.96
CA THR F 428 -18.18 4.67 -57.63
C THR F 428 -19.50 4.06 -58.05
N GLN F 429 -19.44 2.81 -58.52
CA GLN F 429 -20.64 2.09 -58.93
C GLN F 429 -20.85 0.86 -58.05
N ALA F 430 -22.10 0.40 -57.97
CA ALA F 430 -22.47 -0.61 -56.99
C ALA F 430 -23.54 -1.58 -57.47
N VAL F 431 -23.56 -2.76 -56.84
CA VAL F 431 -24.60 -3.77 -57.03
C VAL F 431 -25.26 -4.14 -55.72
N VAL F 432 -26.56 -4.39 -55.76
CA VAL F 432 -27.19 -5.01 -54.62
C VAL F 432 -27.76 -6.34 -55.10
N ILE F 433 -27.08 -7.41 -54.72
CA ILE F 433 -27.49 -8.75 -55.07
C ILE F 433 -28.28 -9.32 -53.89
N THR F 434 -29.43 -9.86 -54.21
CA THR F 434 -30.38 -10.26 -53.20
C THR F 434 -30.88 -11.66 -53.53
N ARG F 435 -31.09 -12.49 -52.52
CA ARG F 435 -31.59 -13.83 -52.84
C ARG F 435 -33.10 -13.94 -53.05
#